data_6UY0
#
_entry.id   6UY0
#
_cell.length_a   1.00
_cell.length_b   1.00
_cell.length_c   1.00
_cell.angle_alpha   90.00
_cell.angle_beta   90.00
_cell.angle_gamma   90.00
#
_symmetry.space_group_name_H-M   'P 1'
#
loop_
_entity.id
_entity.type
_entity.pdbx_description
1 polymer 'Multidrug resistance-associated protein 1'
2 non-polymer "ADENOSINE-5'-TRIPHOSPHATE"
3 non-polymer "ADENOSINE-5'-DIPHOSPHATE"
4 non-polymer 'MAGNESIUM ION'
5 non-polymer CHOLESTEROL
#
_entity_poly.entity_id   1
_entity_poly.type   'polypeptide(L)'
_entity_poly.pdbx_seq_one_letter_code
;MALRDFCSVDGSDLFWEWNVTWNTSNPDFTKCFQNTVLVWVPCSYLWVCFPFYFLYLSHHDRGYIQMTHLNKAKTALGFL
LWIVCWADLFYSFWERSMGKLLAPVFLVSPTLLGITMLLATFLIQIERRRGVQSSGIMLTFWLIALLCALAILRSKIMTA
LKEDARVDVFRDVTFYIYFSLVLIQLVLSCFSDRSPLFSETINDPNPCPESSASFLSRITFWWITGMMVQGYRQPLESTD
LWSLNKEDTSEQVVPVLVKNWKKECAKSRKQPVKIVYSSKDPAKPKGSSKVDVNEEAEALIVKCPQKERDPSLFKVLYKT
FGPYFLMSFLFKAVHDLMMFAGPEILKLLINFVNDKKAPEWQGYFYTALLFISACLQTLVLHQYFHICFVSGMRIKTAVI
GAVYRKALVITNAARKSSTVGEIVNLMSVDAQRFMDLATYINMIWSAPLQVILALYLLWLNLGPSVLAGVAVMVLMVPLN
AVMAMKTKTYQVAHMKSKDNRIKLMNEILNGIKVLKLYAWELAFKDKVLAIRQEELKVLKKSAYLAAVGTFTWVCTPFLV
ALSTFAVYVTVDENNILDAQKAFVSLALFNILRFPLNILPMVISSIVQASVSLKRLRVFLSHEDLDPDSIQRRPIKDAGA
TNSITVKNATFTWARNDPPTLHGITFSVPEGSLVAVVGQVGCGKSSLLSALLAEMDKVEGHVTVKGSVAYVPQQAWIQNI
SLRENILFGRQLQERYYKAVVEACALLPDLEILPSGDRTEIGEKGVNLSGGQKQRVSLARAVYCDSDVYLLDDPLSAVDA
HVGKHIFENVIGPKGLLKNKTRLLVTHAISYLPQMDVIIVMSGGKISEMGSYQELLARDGAFAEFLRTYASAEQEQGQPE
DGLAGVGGPGKEVKQMENGMLVTDTAGKQMQRQLSSSSSYSRDVSQHHTSTAELRKPGPTEETWKLVEADKAQTGQVKLS
VYWDYMKAIGLFISFLSIFLFLCNHVASLVSNYWLSLWTDDPIVNGTQEHTQVRLSVYGALGISQGITVFGYSMAVSIGG
IFASRRLHLDLLHNVLRSPISFFERTPSGNLVNRFSKELDTVDSMIPQVIKMFMGSLFNVIGACIIILLATPMAAVIIPP
LGLIYFFVQRFYVASSRQLKRLESVSRSPVYSHFNETLLGVSVIRAFEEQERFIRQSDLKVDENQKAYYPSIVANRWLAV
RLECVGNCIVLFASLFAVISRHSLSAGLVGLSVSYSLQVTTYLNWLVRMSSEMETNIVAVERLKEYSETEKEAPWQIQDM
APPKDWPQVGRVEFRDYGLRYREDLDLVLKHINVTIDGGEKVGIVGRTGAGKSSLTLGLFRIKESAEGEIIIDDINIAKI
GLHDLRFKITIIPQDPVLFSGSLRMNLDPFSQYSDEEVWTSLELAHLKGFVSALPDKLNHECAEGGENLSVGQRQLVCLA
RALLRKTKILVLDEATAAVDLETDDLIQSTIRTQFDDCTVLTIAHRLNTIMDYTRVIVLDKGEIQEWGSPSDLLQQRGLF
YSMAKDSGLVSNSLEVLFQ
;
_entity_poly.pdbx_strand_id   A
#
loop_
_chem_comp.id
_chem_comp.type
_chem_comp.name
_chem_comp.formula
ADP non-polymer ADENOSINE-5'-DIPHOSPHATE 'C10 H15 N5 O10 P2'
ATP non-polymer ADENOSINE-5'-TRIPHOSPHATE 'C10 H16 N5 O13 P3'
CLR non-polymer CHOLESTEROL 'C27 H46 O'
MG non-polymer 'MAGNESIUM ION' 'Mg 2'
#
# COMPACT_ATOMS: atom_id res chain seq x y z
N ASN A 203 23.86 -4.25 25.67
CA ASN A 203 25.11 -3.95 24.87
C ASN A 203 24.78 -4.06 23.38
N ASP A 204 24.52 -2.92 22.72
CA ASP A 204 24.24 -2.82 21.25
C ASP A 204 25.54 -2.57 20.51
N PRO A 205 25.66 -2.97 19.22
CA PRO A 205 26.87 -2.75 18.43
C PRO A 205 26.98 -1.30 17.90
N ASN A 206 25.88 -0.72 17.42
CA ASN A 206 25.81 0.65 16.86
C ASN A 206 24.60 1.35 17.49
N PRO A 207 24.67 1.73 18.79
CA PRO A 207 23.53 2.33 19.49
C PRO A 207 23.33 3.80 19.12
N CYS A 208 22.12 4.32 19.35
CA CYS A 208 21.73 5.74 19.11
C CYS A 208 22.56 6.65 20.03
N PRO A 209 23.19 7.74 19.53
CA PRO A 209 23.99 8.62 20.37
C PRO A 209 23.18 9.51 21.33
N GLU A 210 21.86 9.62 21.13
CA GLU A 210 20.94 10.48 21.92
C GLU A 210 20.97 10.07 23.40
N SER A 211 21.02 8.77 23.69
CA SER A 211 21.01 8.20 25.07
C SER A 211 22.23 8.69 25.85
N SER A 212 23.42 8.60 25.24
CA SER A 212 24.73 8.97 25.85
C SER A 212 25.00 10.48 25.74
N ALA A 213 24.22 11.22 24.95
CA ALA A 213 24.41 12.66 24.69
C ALA A 213 24.24 13.47 25.98
N SER A 214 25.15 14.42 26.22
CA SER A 214 25.10 15.39 27.35
C SER A 214 23.98 16.40 27.10
N PHE A 215 23.60 17.16 28.14
CA PHE A 215 22.47 18.12 28.11
C PHE A 215 22.68 19.16 27.01
N LEU A 216 23.88 19.73 26.91
CA LEU A 216 24.24 20.78 25.90
C LEU A 216 24.08 20.21 24.48
N SER A 217 24.45 18.94 24.26
CA SER A 217 24.35 18.23 22.95
C SER A 217 22.87 18.05 22.57
N ARG A 218 22.02 17.65 23.53
CA ARG A 218 20.60 17.28 23.31
C ARG A 218 19.78 18.51 22.86
N ILE A 219 20.03 19.69 23.43
CA ILE A 219 19.21 20.92 23.20
C ILE A 219 19.48 21.48 21.79
N THR A 220 20.73 21.40 21.31
CA THR A 220 21.16 21.94 19.99
C THR A 220 21.22 20.82 18.93
N PHE A 221 20.97 19.56 19.32
CA PHE A 221 21.01 18.36 18.45
C PHE A 221 22.41 18.20 17.85
N TRP A 222 23.46 18.38 18.66
CA TRP A 222 24.87 18.33 18.19
C TRP A 222 25.27 16.88 17.84
N TRP A 223 24.60 15.87 18.39
CA TRP A 223 24.99 14.44 18.25
C TRP A 223 24.79 13.93 16.81
N ILE A 224 23.84 14.47 16.05
CA ILE A 224 23.61 14.04 14.63
C ILE A 224 24.65 14.68 13.70
N THR A 225 25.45 15.65 14.16
CA THR A 225 26.56 16.31 13.39
C THR A 225 27.41 15.26 12.67
N GLY A 226 27.90 14.25 13.39
CA GLY A 226 28.80 13.20 12.89
C GLY A 226 28.28 12.54 11.62
N MET A 227 27.02 12.12 11.63
CA MET A 227 26.30 11.49 10.49
C MET A 227 26.17 12.49 9.32
N MET A 228 25.84 13.75 9.61
CA MET A 228 25.57 14.81 8.59
C MET A 228 26.85 15.08 7.77
N VAL A 229 28.03 15.01 8.40
CA VAL A 229 29.35 15.21 7.74
C VAL A 229 29.67 13.96 6.90
N GLN A 230 29.46 12.76 7.46
CA GLN A 230 29.67 11.46 6.76
C GLN A 230 28.78 11.38 5.52
N GLY A 231 27.51 11.80 5.64
CA GLY A 231 26.51 11.79 4.56
C GLY A 231 26.88 12.68 3.39
N TYR A 232 27.61 13.77 3.64
CA TYR A 232 28.07 14.75 2.62
C TYR A 232 29.21 14.17 1.78
N ARG A 233 30.13 13.40 2.40
CA ARG A 233 31.35 12.86 1.73
C ARG A 233 30.91 11.80 0.72
N GLN A 234 30.23 10.76 1.20
CA GLN A 234 29.71 9.62 0.39
C GLN A 234 28.24 9.41 0.74
N PRO A 235 27.36 9.08 -0.24
CA PRO A 235 25.92 8.92 0.03
C PRO A 235 25.60 7.86 1.09
N LEU A 236 24.72 8.20 2.04
CA LEU A 236 24.35 7.34 3.21
C LEU A 236 23.86 5.98 2.73
N GLU A 237 24.19 4.93 3.49
CA GLU A 237 23.76 3.52 3.24
C GLU A 237 22.90 3.06 4.42
N SER A 238 22.15 1.96 4.21
CA SER A 238 21.26 1.32 5.21
C SER A 238 22.05 0.83 6.43
N THR A 239 23.33 0.48 6.24
CA THR A 239 24.22 -0.17 7.24
C THR A 239 24.57 0.79 8.38
N ASP A 240 24.89 2.05 8.05
CA ASP A 240 25.37 3.07 9.02
C ASP A 240 24.20 3.96 9.51
N LEU A 241 23.03 3.35 9.74
CA LEU A 241 21.91 3.95 10.51
C LEU A 241 21.89 3.33 11.91
N TRP A 242 21.71 4.16 12.95
CA TRP A 242 21.81 3.75 14.38
C TRP A 242 20.60 2.89 14.74
N SER A 243 20.80 1.92 15.64
CA SER A 243 19.73 1.09 16.26
C SER A 243 18.81 1.97 17.09
N LEU A 244 17.49 1.71 17.05
CA LEU A 244 16.45 2.57 17.70
C LEU A 244 16.56 2.49 19.22
N ASN A 245 16.01 3.51 19.90
CA ASN A 245 15.91 3.60 21.38
C ASN A 245 14.89 2.54 21.86
N LYS A 246 15.13 1.93 23.02
CA LYS A 246 14.31 0.82 23.58
C LYS A 246 12.82 1.19 23.55
N GLU A 247 12.48 2.45 23.89
CA GLU A 247 11.08 2.95 24.00
C GLU A 247 10.50 3.35 22.63
N ASP A 248 11.27 3.30 21.53
CA ASP A 248 10.81 3.63 20.16
C ASP A 248 10.57 2.34 19.35
N THR A 249 10.50 1.18 20.02
CA THR A 249 10.46 -0.18 19.40
C THR A 249 9.06 -0.77 19.55
N SER A 250 8.58 -1.47 18.50
CA SER A 250 7.26 -2.14 18.43
C SER A 250 7.02 -2.98 19.68
N GLU A 251 8.01 -3.77 20.09
CA GLU A 251 8.03 -4.61 21.32
C GLU A 251 7.61 -3.78 22.55
N GLN A 252 8.05 -2.52 22.66
CA GLN A 252 7.79 -1.65 23.84
C GLN A 252 6.57 -0.74 23.59
N VAL A 253 6.23 -0.44 22.33
CA VAL A 253 5.16 0.54 21.95
C VAL A 253 3.82 -0.18 21.82
N VAL A 254 3.75 -1.31 21.10
CA VAL A 254 2.46 -1.92 20.65
C VAL A 254 1.76 -2.61 21.82
N PRO A 255 2.42 -3.49 22.62
CA PRO A 255 1.76 -4.18 23.74
C PRO A 255 0.95 -3.32 24.71
N VAL A 256 1.39 -2.08 24.99
CA VAL A 256 0.69 -1.14 25.92
C VAL A 256 -0.58 -0.60 25.25
N LEU A 257 -0.56 -0.35 23.93
CA LEU A 257 -1.76 0.08 23.16
C LEU A 257 -2.80 -1.05 23.17
N VAL A 258 -2.44 -2.25 22.70
CA VAL A 258 -3.37 -3.42 22.61
C VAL A 258 -3.91 -3.76 24.01
N LYS A 259 -3.10 -3.63 25.05
CA LYS A 259 -3.52 -3.83 26.47
C LYS A 259 -4.67 -2.87 26.78
N ASN A 260 -4.44 -1.56 26.61
CA ASN A 260 -5.45 -0.48 26.86
C ASN A 260 -6.74 -0.78 26.09
N TRP A 261 -6.63 -1.33 24.87
CA TRP A 261 -7.80 -1.74 24.04
C TRP A 261 -8.51 -2.92 24.71
N LYS A 262 -7.76 -3.90 25.25
CA LYS A 262 -8.34 -5.06 25.99
C LYS A 262 -9.05 -4.55 27.25
N LYS A 263 -8.44 -3.60 27.96
CA LYS A 263 -9.00 -3.03 29.23
C LYS A 263 -10.22 -2.16 28.94
N GLU A 264 -10.19 -1.34 27.87
CA GLU A 264 -11.23 -0.33 27.55
C GLU A 264 -12.39 -1.00 26.81
N CYS A 265 -12.10 -1.80 25.77
CA CYS A 265 -13.10 -2.49 24.92
C CYS A 265 -13.92 -3.49 25.75
N ALA A 266 -13.27 -4.22 26.68
CA ALA A 266 -13.91 -5.19 27.60
C ALA A 266 -14.82 -4.47 28.59
N LYS A 267 -14.51 -3.22 28.94
CA LYS A 267 -15.27 -2.39 29.92
C LYS A 267 -16.65 -2.04 29.35
N SER A 268 -16.74 -1.86 28.02
CA SER A 268 -18.00 -1.58 27.26
C SER A 268 -18.63 -2.91 26.81
N PRO A 311 -20.71 1.58 24.20
CA PRO A 311 -19.86 1.51 23.01
C PRO A 311 -18.38 1.64 23.37
N SER A 312 -17.48 1.24 22.47
CA SER A 312 -16.01 1.30 22.62
C SER A 312 -15.47 2.57 21.93
N LEU A 313 -14.97 3.53 22.71
CA LEU A 313 -14.38 4.80 22.19
C LEU A 313 -12.87 4.63 22.00
N PHE A 314 -12.35 5.09 20.85
CA PHE A 314 -10.93 5.02 20.46
C PHE A 314 -10.17 6.27 20.93
N LYS A 315 -10.86 7.42 21.04
CA LYS A 315 -10.25 8.73 21.43
C LYS A 315 -9.71 8.65 22.86
N VAL A 316 -10.51 8.14 23.81
CA VAL A 316 -10.10 7.91 25.23
C VAL A 316 -8.91 6.94 25.26
N LEU A 317 -8.83 6.00 24.31
CA LEU A 317 -7.73 4.98 24.24
C LEU A 317 -6.40 5.66 23.87
N TYR A 318 -6.43 6.80 23.16
CA TYR A 318 -5.22 7.60 22.83
C TYR A 318 -4.86 8.52 24.02
N LYS A 319 -4.87 7.96 25.23
CA LYS A 319 -4.17 8.46 26.44
C LYS A 319 -2.87 7.67 26.63
N THR A 320 -2.61 6.65 25.79
CA THR A 320 -1.35 5.87 25.74
C THR A 320 -0.17 6.80 25.44
N PHE A 321 -0.35 7.72 24.47
CA PHE A 321 0.68 8.68 23.98
C PHE A 321 0.49 10.06 24.65
N GLY A 322 -0.50 10.19 25.55
CA GLY A 322 -0.80 11.44 26.28
C GLY A 322 0.36 11.91 27.14
N PRO A 323 0.72 11.16 28.22
CA PRO A 323 1.81 11.52 29.13
C PRO A 323 3.03 12.20 28.48
N TYR A 324 3.60 11.59 27.45
CA TYR A 324 4.83 12.09 26.74
C TYR A 324 4.51 13.40 26.02
N PHE A 325 3.31 13.54 25.47
CA PHE A 325 2.91 14.66 24.58
C PHE A 325 2.48 15.90 25.39
N LEU A 326 2.36 15.82 26.72
CA LEU A 326 1.91 16.98 27.55
C LEU A 326 3.02 18.03 27.65
N MET A 327 4.28 17.61 27.82
CA MET A 327 5.46 18.51 27.92
C MET A 327 5.44 19.53 26.77
N SER A 328 5.04 19.08 25.57
CA SER A 328 4.82 19.90 24.35
C SER A 328 4.06 21.19 24.68
N PHE A 329 2.95 21.09 25.43
CA PHE A 329 2.08 22.22 25.84
C PHE A 329 2.92 23.28 26.58
N LEU A 330 3.74 22.84 27.54
CA LEU A 330 4.62 23.73 28.35
C LEU A 330 5.61 24.45 27.45
N PHE A 331 6.28 23.72 26.56
CA PHE A 331 7.25 24.27 25.57
C PHE A 331 6.55 25.27 24.64
N LYS A 332 5.34 24.96 24.18
CA LYS A 332 4.57 25.84 23.26
C LYS A 332 4.22 27.16 23.96
N ALA A 333 3.84 27.11 25.24
CA ALA A 333 3.52 28.30 26.08
C ALA A 333 4.71 29.26 26.09
N VAL A 334 5.86 28.81 26.61
CA VAL A 334 7.10 29.60 26.77
C VAL A 334 7.42 30.30 25.44
N HIS A 335 7.42 29.55 24.33
CA HIS A 335 7.73 30.05 22.96
C HIS A 335 6.81 31.22 22.58
N ASP A 336 5.51 31.12 22.89
CA ASP A 336 4.48 32.14 22.49
C ASP A 336 4.73 33.45 23.23
N LEU A 337 5.06 33.37 24.54
CA LEU A 337 5.40 34.55 25.37
C LEU A 337 6.67 35.21 24.82
N MET A 338 7.66 34.40 24.40
CA MET A 338 8.94 34.87 23.80
C MET A 338 8.69 35.49 22.42
N MET A 339 7.75 34.94 21.64
CA MET A 339 7.30 35.53 20.35
C MET A 339 6.64 36.88 20.62
N PHE A 340 5.75 36.94 21.61
CA PHE A 340 5.07 38.19 22.08
C PHE A 340 6.12 39.22 22.54
N ALA A 341 7.15 38.78 23.28
CA ALA A 341 8.17 39.63 23.93
C ALA A 341 9.10 40.29 22.88
N GLY A 342 9.42 39.59 21.79
CA GLY A 342 10.36 40.04 20.74
C GLY A 342 10.10 41.47 20.28
N PRO A 343 8.96 41.73 19.58
CA PRO A 343 8.59 43.07 19.14
C PRO A 343 8.75 44.19 20.19
N GLU A 344 8.37 43.93 21.45
CA GLU A 344 8.45 44.92 22.57
C GLU A 344 9.86 45.49 22.63
N ILE A 345 10.89 44.63 22.76
CA ILE A 345 12.33 45.03 22.82
C ILE A 345 12.69 45.84 21.56
N LEU A 346 12.23 45.41 20.39
CA LEU A 346 12.55 46.03 19.08
C LEU A 346 11.99 47.46 19.03
N LYS A 347 10.78 47.69 19.55
CA LYS A 347 10.17 49.04 19.70
C LYS A 347 11.09 49.91 20.56
N LEU A 348 11.55 49.38 21.70
CA LEU A 348 12.39 50.13 22.69
C LEU A 348 13.73 50.49 22.04
N LEU A 349 14.32 49.59 21.24
CA LEU A 349 15.57 49.85 20.49
C LEU A 349 15.30 50.90 19.40
N ILE A 350 14.32 50.66 18.51
CA ILE A 350 13.95 51.58 17.38
C ILE A 350 13.64 52.98 17.95
N ASN A 351 13.06 53.06 19.15
CA ASN A 351 12.85 54.34 19.88
C ASN A 351 14.20 54.86 20.39
N PHE A 352 15.02 54.01 21.01
CA PHE A 352 16.31 54.36 21.64
C PHE A 352 17.26 55.00 20.61
N VAL A 353 17.45 54.33 19.46
CA VAL A 353 18.34 54.78 18.34
C VAL A 353 17.90 56.17 17.86
N ASN A 354 16.59 56.44 17.81
CA ASN A 354 16.01 57.74 17.39
C ASN A 354 16.41 58.83 18.38
N ASP A 355 16.26 58.57 19.69
CA ASP A 355 16.60 59.52 20.79
C ASP A 355 18.12 59.61 20.93
N LYS A 356 18.72 60.71 20.45
CA LYS A 356 20.18 60.98 20.44
C LYS A 356 20.71 60.99 21.89
N LYS A 357 20.05 61.75 22.78
CA LYS A 357 20.53 62.06 24.16
C LYS A 357 20.75 60.78 24.99
N ALA A 358 20.00 59.71 24.71
CA ALA A 358 19.94 58.44 25.49
C ALA A 358 21.34 57.95 25.86
N PRO A 359 21.59 57.49 27.11
CA PRO A 359 22.91 56.99 27.52
C PRO A 359 23.46 55.83 26.67
N GLU A 360 24.79 55.78 26.53
CA GLU A 360 25.55 54.77 25.74
C GLU A 360 25.21 53.35 26.21
N TRP A 361 25.12 53.14 27.53
CA TRP A 361 25.00 51.79 28.15
C TRP A 361 23.64 51.16 27.85
N GLN A 362 22.56 51.95 27.90
CA GLN A 362 21.15 51.46 27.82
C GLN A 362 20.87 50.85 26.44
N GLY A 363 21.55 51.32 25.39
CA GLY A 363 21.42 50.85 23.99
C GLY A 363 21.84 49.41 23.82
N TYR A 364 23.08 49.07 24.21
CA TYR A 364 23.69 47.73 24.08
C TYR A 364 22.79 46.69 24.75
N PHE A 365 22.42 46.97 26.01
CA PHE A 365 21.56 46.12 26.88
C PHE A 365 20.35 45.59 26.10
N TYR A 366 19.62 46.47 25.40
CA TYR A 366 18.43 46.13 24.59
C TYR A 366 18.79 45.09 23.52
N THR A 367 19.93 45.29 22.82
CA THR A 367 20.40 44.40 21.73
C THR A 367 20.76 43.04 22.32
N ALA A 368 21.47 43.05 23.46
CA ALA A 368 21.84 41.85 24.25
C ALA A 368 20.58 41.11 24.72
N LEU A 369 19.54 41.84 25.12
CA LEU A 369 18.25 41.27 25.60
C LEU A 369 17.43 40.74 24.41
N LEU A 370 17.57 41.36 23.22
CA LEU A 370 16.94 40.87 21.97
C LEU A 370 17.56 39.52 21.59
N PHE A 371 18.89 39.48 21.43
CA PHE A 371 19.66 38.29 20.98
C PHE A 371 19.34 37.08 21.86
N ILE A 372 19.31 37.26 23.19
CA ILE A 372 19.04 36.19 24.20
C ILE A 372 17.60 35.68 24.02
N SER A 373 16.64 36.59 23.83
CA SER A 373 15.19 36.27 23.62
C SER A 373 15.00 35.44 22.34
N ALA A 374 15.75 35.78 21.27
CA ALA A 374 15.73 35.08 19.96
C ALA A 374 16.32 33.67 20.09
N CYS A 375 17.42 33.53 20.84
CA CYS A 375 18.10 32.23 21.11
C CYS A 375 17.19 31.31 21.92
N LEU A 376 16.60 31.83 23.00
CA LEU A 376 15.72 31.05 23.92
C LEU A 376 14.50 30.54 23.15
N GLN A 377 13.82 31.40 22.36
CA GLN A 377 12.59 31.00 21.61
C GLN A 377 12.96 29.89 20.62
N THR A 378 14.12 29.98 19.96
CA THR A 378 14.64 28.98 18.98
C THR A 378 14.78 27.62 19.65
N LEU A 379 15.56 27.54 20.73
CA LEU A 379 15.86 26.27 21.46
C LEU A 379 14.56 25.66 21.99
N VAL A 380 13.72 26.45 22.64
CA VAL A 380 12.40 26.03 23.22
C VAL A 380 11.49 25.53 22.08
N LEU A 381 11.39 26.28 20.97
CA LEU A 381 10.51 25.96 19.82
C LEU A 381 10.86 24.58 19.25
N HIS A 382 12.15 24.24 19.15
CA HIS A 382 12.62 23.00 18.48
C HIS A 382 12.61 21.81 19.44
N GLN A 383 12.65 22.04 20.76
CA GLN A 383 12.35 21.00 21.79
C GLN A 383 10.88 20.59 21.66
N TYR A 384 9.98 21.57 21.53
CA TYR A 384 8.52 21.40 21.29
C TYR A 384 8.31 20.55 20.03
N PHE A 385 8.88 20.98 18.89
CA PHE A 385 8.72 20.34 17.55
C PHE A 385 9.23 18.90 17.58
N HIS A 386 10.32 18.62 18.32
CA HIS A 386 10.92 17.27 18.43
C HIS A 386 9.98 16.33 19.20
N ILE A 387 9.38 16.81 20.29
CA ILE A 387 8.38 16.04 21.10
C ILE A 387 7.18 15.68 20.21
N CYS A 388 6.69 16.63 19.41
CA CYS A 388 5.52 16.47 18.49
C CYS A 388 5.80 15.39 17.45
N PHE A 389 6.99 15.42 16.83
CA PHE A 389 7.38 14.53 15.71
C PHE A 389 7.68 13.12 16.23
N VAL A 390 8.30 13.00 17.41
CA VAL A 390 8.59 11.71 18.09
C VAL A 390 7.27 11.04 18.49
N SER A 391 6.33 11.81 19.06
CA SER A 391 4.94 11.35 19.39
C SER A 391 4.31 10.75 18.12
N GLY A 392 4.27 11.54 17.04
CA GLY A 392 3.75 11.14 15.72
C GLY A 392 4.34 9.82 15.25
N MET A 393 5.66 9.65 15.37
CA MET A 393 6.42 8.44 14.97
C MET A 393 5.92 7.22 15.77
N ARG A 394 5.81 7.36 17.10
CA ARG A 394 5.38 6.26 18.01
C ARG A 394 3.93 5.84 17.70
N ILE A 395 3.06 6.80 17.35
CA ILE A 395 1.66 6.51 16.93
C ILE A 395 1.69 5.68 15.65
N LYS A 396 2.60 5.98 14.71
CA LYS A 396 2.76 5.25 13.42
C LYS A 396 3.08 3.77 13.69
N THR A 397 4.02 3.49 14.59
CA THR A 397 4.46 2.11 14.96
C THR A 397 3.27 1.31 15.50
N ALA A 398 2.56 1.89 16.47
CA ALA A 398 1.45 1.27 17.21
C ALA A 398 0.27 0.97 16.27
N VAL A 399 -0.11 1.92 15.41
CA VAL A 399 -1.22 1.78 14.43
C VAL A 399 -0.93 0.60 13.50
N ILE A 400 0.31 0.48 13.00
CA ILE A 400 0.73 -0.65 12.11
C ILE A 400 0.78 -1.95 12.93
N GLY A 401 1.35 -1.90 14.14
CA GLY A 401 1.48 -3.06 15.05
C GLY A 401 0.14 -3.67 15.42
N ALA A 402 -0.83 -2.83 15.79
CA ALA A 402 -2.19 -3.22 16.23
C ALA A 402 -2.95 -3.86 15.06
N VAL A 403 -2.93 -3.22 13.89
CA VAL A 403 -3.60 -3.66 12.63
C VAL A 403 -3.09 -5.05 12.24
N TYR A 404 -1.78 -5.31 12.34
CA TYR A 404 -1.16 -6.62 12.00
C TYR A 404 -1.59 -7.66 13.04
N ARG A 405 -1.53 -7.32 14.34
CA ARG A 405 -1.94 -8.21 15.46
C ARG A 405 -3.42 -8.58 15.31
N LYS A 406 -4.26 -7.63 14.86
CA LYS A 406 -5.73 -7.84 14.68
C LYS A 406 -5.98 -8.77 13.49
N ALA A 407 -5.31 -8.51 12.36
CA ALA A 407 -5.49 -9.21 11.06
C ALA A 407 -5.38 -10.73 11.21
N LEU A 408 -4.60 -11.23 12.18
CA LEU A 408 -4.39 -12.68 12.42
C LEU A 408 -5.52 -13.30 13.25
N VAL A 409 -6.38 -12.49 13.89
CA VAL A 409 -7.43 -12.94 14.84
C VAL A 409 -8.84 -12.74 14.24
N ILE A 410 -9.04 -11.75 13.36
CA ILE A 410 -10.36 -11.37 12.77
C ILE A 410 -11.05 -12.59 12.14
N THR A 411 -12.39 -12.64 12.17
CA THR A 411 -13.23 -13.73 11.59
C THR A 411 -13.17 -13.69 10.06
N ASN A 412 -13.72 -14.71 9.41
CA ASN A 412 -13.83 -14.82 7.93
C ASN A 412 -14.89 -13.82 7.43
N ALA A 413 -16.10 -13.86 8.02
CA ALA A 413 -17.25 -12.98 7.70
C ALA A 413 -16.81 -11.51 7.73
N ALA A 414 -16.02 -11.12 8.74
CA ALA A 414 -15.44 -9.76 8.91
C ALA A 414 -14.33 -9.52 7.89
N ARG A 415 -13.59 -10.57 7.49
CA ARG A 415 -12.49 -10.48 6.48
C ARG A 415 -13.09 -10.12 5.11
N LYS A 416 -14.32 -10.54 4.81
CA LYS A 416 -15.03 -10.17 3.55
C LYS A 416 -15.39 -8.68 3.57
N SER A 417 -15.88 -8.17 4.71
CA SER A 417 -16.31 -6.77 4.90
C SER A 417 -15.09 -5.84 4.94
N SER A 418 -14.05 -6.21 5.68
CA SER A 418 -12.73 -5.50 5.74
C SER A 418 -11.75 -6.16 4.77
N THR A 419 -11.83 -5.76 3.48
CA THR A 419 -11.01 -6.32 2.36
C THR A 419 -9.55 -5.86 2.50
N VAL A 420 -8.64 -6.52 1.78
CA VAL A 420 -7.18 -6.23 1.76
C VAL A 420 -6.93 -4.74 1.46
N GLY A 421 -7.78 -4.14 0.61
CA GLY A 421 -7.76 -2.69 0.28
C GLY A 421 -7.77 -1.81 1.52
N GLU A 422 -8.74 -2.03 2.42
CA GLU A 422 -8.93 -1.25 3.68
C GLU A 422 -7.72 -1.46 4.61
N ILE A 423 -7.23 -2.70 4.73
CA ILE A 423 -6.13 -3.09 5.65
C ILE A 423 -4.83 -2.40 5.21
N VAL A 424 -4.49 -2.48 3.91
CA VAL A 424 -3.30 -1.82 3.31
C VAL A 424 -3.45 -0.29 3.46
N ASN A 425 -4.64 0.25 3.22
CA ASN A 425 -4.96 1.70 3.38
C ASN A 425 -4.71 2.13 4.83
N LEU A 426 -5.19 1.33 5.80
CA LEU A 426 -5.08 1.59 7.27
C LEU A 426 -3.61 1.70 7.68
N MET A 427 -2.77 0.72 7.30
CA MET A 427 -1.34 0.67 7.70
C MET A 427 -0.56 1.80 7.00
N SER A 428 -0.96 2.21 5.80
CA SER A 428 -0.23 3.17 4.92
C SER A 428 -0.68 4.61 5.20
N VAL A 429 -1.89 4.97 4.77
CA VAL A 429 -2.36 6.38 4.66
C VAL A 429 -2.80 6.90 6.04
N ASP A 430 -3.63 6.12 6.75
CA ASP A 430 -4.32 6.54 8.00
C ASP A 430 -3.29 6.80 9.12
N ALA A 431 -2.19 6.06 9.14
CA ALA A 431 -1.05 6.26 10.07
C ALA A 431 -0.35 7.60 9.78
N GLN A 432 -0.20 7.96 8.49
CA GLN A 432 0.35 9.26 8.03
C GLN A 432 -0.60 10.41 8.44
N ARG A 433 -1.91 10.17 8.42
CA ARG A 433 -2.96 11.17 8.81
C ARG A 433 -2.83 11.50 10.30
N PHE A 434 -2.60 10.49 11.15
CA PHE A 434 -2.38 10.66 12.61
C PHE A 434 -1.05 11.38 12.88
N MET A 435 0.01 10.99 12.17
CA MET A 435 1.35 11.66 12.22
C MET A 435 1.21 13.15 11.92
N ASP A 436 0.40 13.51 10.93
CA ASP A 436 0.22 14.92 10.48
C ASP A 436 -0.64 15.69 11.49
N LEU A 437 -1.58 15.03 12.18
CA LEU A 437 -2.38 15.62 13.28
C LEU A 437 -1.45 15.97 14.46
N ALA A 438 -0.44 15.13 14.73
CA ALA A 438 0.45 15.20 15.92
C ALA A 438 1.07 16.59 16.08
N THR A 439 1.40 17.26 14.96
CA THR A 439 1.99 18.63 14.94
C THR A 439 0.94 19.66 15.35
N TYR A 440 -0.18 19.70 14.62
CA TYR A 440 -1.16 20.82 14.59
C TYR A 440 -2.16 20.73 15.76
N ILE A 441 -2.30 19.57 16.42
CA ILE A 441 -3.24 19.37 17.56
C ILE A 441 -2.95 20.39 18.67
N ASN A 442 -1.70 20.84 18.80
CA ASN A 442 -1.23 21.77 19.86
C ASN A 442 -1.61 23.23 19.52
N MET A 443 -2.05 23.52 18.29
CA MET A 443 -2.40 24.90 17.83
C MET A 443 -3.81 25.29 18.27
N ILE A 444 -4.66 24.32 18.64
CA ILE A 444 -6.12 24.53 18.93
C ILE A 444 -6.30 25.54 20.08
N TRP A 445 -5.35 25.58 21.02
CA TRP A 445 -5.31 26.54 22.17
C TRP A 445 -4.28 27.65 21.91
N SER A 446 -3.19 27.34 21.20
CA SER A 446 -2.08 28.28 20.91
C SER A 446 -2.56 29.43 20.01
N ALA A 447 -3.50 29.18 19.10
CA ALA A 447 -4.05 30.21 18.17
C ALA A 447 -5.02 31.13 18.93
N PRO A 448 -6.05 30.62 19.66
CA PRO A 448 -6.89 31.48 20.49
C PRO A 448 -6.13 32.31 21.52
N LEU A 449 -5.16 31.71 22.23
CA LEU A 449 -4.25 32.41 23.18
C LEU A 449 -3.61 33.60 22.45
N GLN A 450 -2.93 33.32 21.33
CA GLN A 450 -2.20 34.32 20.51
C GLN A 450 -3.17 35.41 20.02
N VAL A 451 -4.37 35.02 19.56
CA VAL A 451 -5.43 35.96 19.08
C VAL A 451 -5.88 36.85 20.25
N ILE A 452 -6.11 36.27 21.43
CA ILE A 452 -6.50 37.00 22.68
C ILE A 452 -5.37 37.96 23.08
N LEU A 453 -4.12 37.49 23.05
CA LEU A 453 -2.93 38.22 23.57
C LEU A 453 -2.64 39.44 22.67
N ALA A 454 -2.79 39.29 21.35
CA ALA A 454 -2.72 40.38 20.36
C ALA A 454 -3.90 41.36 20.56
N LEU A 455 -5.11 40.81 20.77
CA LEU A 455 -6.35 41.61 20.97
C LEU A 455 -6.23 42.49 22.23
N TYR A 456 -5.72 41.93 23.34
CA TYR A 456 -5.58 42.67 24.63
C TYR A 456 -4.72 43.92 24.46
N LEU A 457 -3.61 43.81 23.69
CA LEU A 457 -2.71 44.96 23.39
C LEU A 457 -3.49 46.07 22.67
N LEU A 458 -4.47 45.70 21.83
CA LEU A 458 -5.33 46.70 21.14
C LEU A 458 -6.29 47.33 22.16
N TRP A 459 -6.94 46.55 23.03
CA TRP A 459 -7.76 47.09 24.16
C TRP A 459 -6.91 48.10 24.94
N LEU A 460 -5.73 47.68 25.40
CA LEU A 460 -4.76 48.56 26.14
C LEU A 460 -4.48 49.83 25.32
N ASN A 461 -4.41 49.71 23.98
CA ASN A 461 -4.11 50.83 23.05
C ASN A 461 -5.38 51.65 22.80
N LEU A 462 -6.42 51.01 22.24
CA LEU A 462 -7.66 51.66 21.76
C LEU A 462 -8.68 51.75 22.91
N GLY A 463 -9.15 50.61 23.42
CA GLY A 463 -10.07 50.54 24.57
C GLY A 463 -11.26 49.62 24.31
N PRO A 464 -12.52 50.10 24.47
CA PRO A 464 -13.72 49.26 24.28
C PRO A 464 -14.24 49.18 22.83
N SER A 465 -13.44 49.57 21.84
CA SER A 465 -13.77 49.56 20.40
C SER A 465 -13.35 48.25 19.73
N VAL A 466 -12.58 47.41 20.44
CA VAL A 466 -12.04 46.11 19.91
C VAL A 466 -13.13 45.02 19.94
N LEU A 467 -14.33 45.30 20.45
CA LEU A 467 -15.48 44.32 20.51
C LEU A 467 -15.92 43.96 19.09
N ALA A 468 -16.16 44.95 18.22
CA ALA A 468 -16.55 44.77 16.80
C ALA A 468 -15.61 43.76 16.11
N GLY A 469 -14.30 43.90 16.34
CA GLY A 469 -13.26 42.97 15.86
C GLY A 469 -13.47 41.54 16.32
N VAL A 470 -13.94 41.34 17.56
CA VAL A 470 -14.28 40.00 18.13
C VAL A 470 -15.60 39.52 17.48
N ALA A 471 -16.58 40.41 17.36
CA ALA A 471 -17.92 40.16 16.76
C ALA A 471 -17.78 39.69 15.30
N VAL A 472 -16.88 40.30 14.53
CA VAL A 472 -16.60 39.91 13.11
C VAL A 472 -15.98 38.50 13.08
N MET A 473 -15.01 38.23 13.96
CA MET A 473 -14.24 36.94 13.98
C MET A 473 -15.13 35.79 14.47
N VAL A 474 -15.97 36.01 15.49
CA VAL A 474 -16.89 34.95 16.03
C VAL A 474 -17.94 34.60 14.96
N LEU A 475 -18.48 35.59 14.24
CA LEU A 475 -19.43 35.38 13.10
C LEU A 475 -18.78 34.53 12.01
N MET A 476 -17.44 34.57 11.89
CA MET A 476 -16.66 33.84 10.85
C MET A 476 -16.69 32.33 11.09
N VAL A 477 -16.63 31.89 12.36
CA VAL A 477 -16.49 30.46 12.78
C VAL A 477 -17.55 29.60 12.06
N PRO A 478 -18.87 29.86 12.20
CA PRO A 478 -19.90 29.08 11.50
C PRO A 478 -19.63 28.67 10.05
N LEU A 479 -19.08 29.57 9.23
CA LEU A 479 -18.79 29.33 7.78
C LEU A 479 -17.77 28.19 7.67
N ASN A 480 -16.63 28.33 8.37
CA ASN A 480 -15.52 27.33 8.41
C ASN A 480 -16.05 26.05 9.07
N ALA A 481 -16.94 26.18 10.06
CA ALA A 481 -17.60 25.05 10.78
C ALA A 481 -18.43 24.22 9.79
N VAL A 482 -19.40 24.84 9.09
CA VAL A 482 -20.29 24.12 8.12
C VAL A 482 -19.45 23.57 6.96
N MET A 483 -18.44 24.33 6.49
CA MET A 483 -17.54 23.90 5.38
C MET A 483 -16.69 22.70 5.83
N ALA A 484 -16.22 22.68 7.07
CA ALA A 484 -15.47 21.55 7.67
C ALA A 484 -16.37 20.31 7.73
N MET A 485 -17.63 20.48 8.17
CA MET A 485 -18.67 19.40 8.22
C MET A 485 -18.92 18.86 6.82
N LYS A 486 -18.93 19.73 5.79
CA LYS A 486 -19.13 19.35 4.36
C LYS A 486 -17.94 18.53 3.87
N THR A 487 -16.70 18.95 4.20
CA THR A 487 -15.44 18.26 3.84
C THR A 487 -15.43 16.85 4.44
N LYS A 488 -15.82 16.70 5.71
CA LYS A 488 -15.83 15.40 6.44
C LYS A 488 -16.53 14.33 5.60
N THR A 489 -17.60 14.68 4.86
CA THR A 489 -18.36 13.75 3.99
C THR A 489 -17.52 13.41 2.75
N TYR A 490 -16.84 14.41 2.16
CA TYR A 490 -15.97 14.24 0.96
C TYR A 490 -14.78 13.34 1.31
N GLN A 491 -14.11 13.58 2.45
CA GLN A 491 -12.94 12.77 2.88
C GLN A 491 -13.33 11.29 3.04
N VAL A 492 -14.53 11.01 3.58
CA VAL A 492 -15.07 9.64 3.78
C VAL A 492 -15.27 8.97 2.41
N ALA A 493 -15.92 9.66 1.47
CA ALA A 493 -16.23 9.17 0.11
C ALA A 493 -14.92 8.96 -0.68
N HIS A 494 -13.98 9.90 -0.57
CA HIS A 494 -12.62 9.85 -1.18
C HIS A 494 -11.89 8.58 -0.73
N MET A 495 -11.89 8.30 0.57
CA MET A 495 -11.18 7.15 1.19
C MET A 495 -11.82 5.83 0.71
N LYS A 496 -13.15 5.79 0.60
CA LYS A 496 -13.92 4.60 0.11
C LYS A 496 -13.52 4.28 -1.34
N SER A 497 -13.40 5.30 -2.19
CA SER A 497 -12.96 5.18 -3.61
C SER A 497 -11.51 4.70 -3.67
N LYS A 498 -10.67 5.09 -2.69
CA LYS A 498 -9.24 4.70 -2.61
C LYS A 498 -9.11 3.22 -2.21
N ASP A 499 -9.93 2.76 -1.25
CA ASP A 499 -9.97 1.34 -0.79
C ASP A 499 -10.34 0.43 -1.96
N ASN A 500 -11.45 0.72 -2.64
CA ASN A 500 -11.97 -0.03 -3.81
C ASN A 500 -10.90 -0.15 -4.90
N ARG A 501 -10.13 0.92 -5.15
CA ARG A 501 -9.06 0.98 -6.18
C ARG A 501 -7.92 0.02 -5.80
N ILE A 502 -7.43 0.11 -4.56
CA ILE A 502 -6.30 -0.72 -4.06
C ILE A 502 -6.74 -2.19 -3.99
N LYS A 503 -8.00 -2.46 -3.62
CA LYS A 503 -8.58 -3.83 -3.61
C LYS A 503 -8.52 -4.43 -5.02
N LEU A 504 -8.94 -3.67 -6.05
CA LEU A 504 -8.96 -4.12 -7.47
C LEU A 504 -7.53 -4.35 -7.96
N MET A 505 -6.62 -3.40 -7.70
CA MET A 505 -5.18 -3.47 -8.09
C MET A 505 -4.54 -4.73 -7.52
N ASN A 506 -4.87 -5.09 -6.26
CA ASN A 506 -4.38 -6.31 -5.58
C ASN A 506 -4.80 -7.56 -6.37
N GLU A 507 -6.05 -7.61 -6.83
CA GLU A 507 -6.63 -8.77 -7.57
C GLU A 507 -5.99 -8.89 -8.96
N ILE A 508 -5.66 -7.75 -9.60
CA ILE A 508 -4.93 -7.68 -10.90
C ILE A 508 -3.55 -8.33 -10.74
N LEU A 509 -2.73 -7.78 -9.82
CA LEU A 509 -1.32 -8.20 -9.60
C LEU A 509 -1.25 -9.66 -9.12
N ASN A 510 -2.30 -10.17 -8.46
CA ASN A 510 -2.41 -11.60 -8.04
C ASN A 510 -2.45 -12.51 -9.28
N GLY A 511 -3.34 -12.21 -10.24
CA GLY A 511 -3.67 -13.10 -11.37
C GLY A 511 -3.21 -12.56 -12.72
N ILE A 512 -2.17 -11.72 -12.73
CA ILE A 512 -1.67 -10.98 -13.95
C ILE A 512 -1.46 -11.95 -15.12
N LYS A 513 -0.99 -13.18 -14.86
CA LYS A 513 -0.79 -14.23 -15.89
C LYS A 513 -2.08 -14.49 -16.67
N VAL A 514 -3.22 -14.57 -15.97
CA VAL A 514 -4.55 -14.85 -16.58
C VAL A 514 -4.98 -13.63 -17.42
N LEU A 515 -4.78 -12.42 -16.90
CA LEU A 515 -5.00 -11.15 -17.65
C LEU A 515 -4.18 -11.18 -18.94
N LYS A 516 -2.89 -11.53 -18.83
CA LYS A 516 -1.95 -11.61 -19.98
C LYS A 516 -2.41 -12.67 -20.97
N LEU A 517 -2.83 -13.85 -20.49
CA LEU A 517 -3.20 -15.01 -21.37
C LEU A 517 -4.51 -14.72 -22.12
N TYR A 518 -5.53 -14.21 -21.42
CA TYR A 518 -6.87 -13.92 -22.01
C TYR A 518 -6.86 -12.60 -22.79
N ALA A 519 -5.83 -11.75 -22.59
CA ALA A 519 -5.66 -10.42 -23.24
C ALA A 519 -6.78 -9.48 -22.74
N TRP A 520 -6.84 -9.27 -21.43
CA TRP A 520 -7.95 -8.60 -20.70
C TRP A 520 -7.49 -7.30 -20.01
N GLU A 521 -6.21 -6.95 -20.08
CA GLU A 521 -5.60 -5.88 -19.23
C GLU A 521 -6.22 -4.51 -19.55
N LEU A 522 -6.74 -4.29 -20.77
CA LEU A 522 -7.42 -3.03 -21.17
C LEU A 522 -8.76 -2.88 -20.44
N ALA A 523 -9.53 -3.96 -20.28
CA ALA A 523 -10.80 -3.99 -19.53
C ALA A 523 -10.55 -3.56 -18.07
N PHE A 524 -9.55 -4.17 -17.44
CA PHE A 524 -9.17 -3.91 -16.02
C PHE A 524 -8.50 -2.53 -15.88
N LYS A 525 -7.76 -2.08 -16.91
CA LYS A 525 -7.23 -0.68 -16.97
C LYS A 525 -8.41 0.30 -16.84
N ASP A 526 -9.42 0.15 -17.69
CA ASP A 526 -10.63 1.02 -17.75
C ASP A 526 -11.36 1.03 -16.40
N LYS A 527 -11.39 -0.12 -15.70
CA LYS A 527 -12.06 -0.26 -14.37
C LYS A 527 -11.28 0.54 -13.30
N VAL A 528 -9.95 0.40 -13.28
CA VAL A 528 -9.05 1.12 -12.32
C VAL A 528 -9.19 2.63 -12.55
N LEU A 529 -9.28 3.06 -13.83
CA LEU A 529 -9.45 4.49 -14.21
C LEU A 529 -10.80 5.01 -13.71
N ALA A 530 -11.88 4.25 -13.92
CA ALA A 530 -13.27 4.60 -13.51
C ALA A 530 -13.33 4.90 -12.02
N ILE A 531 -12.66 4.09 -11.19
CA ILE A 531 -12.60 4.26 -9.70
C ILE A 531 -11.74 5.48 -9.38
N ARG A 532 -10.60 5.66 -10.08
CA ARG A 532 -9.66 6.79 -9.89
C ARG A 532 -10.36 8.12 -10.18
N GLN A 533 -11.14 8.19 -11.28
CA GLN A 533 -11.91 9.39 -11.70
C GLN A 533 -12.84 9.84 -10.57
N GLU A 534 -13.56 8.89 -9.94
CA GLU A 534 -14.48 9.14 -8.78
C GLU A 534 -13.70 9.71 -7.60
N GLU A 535 -12.59 9.08 -7.23
CA GLU A 535 -11.68 9.50 -6.13
C GLU A 535 -11.17 10.92 -6.40
N LEU A 536 -10.70 11.19 -7.62
CA LEU A 536 -10.14 12.52 -8.02
C LEU A 536 -11.26 13.58 -8.07
N LYS A 537 -12.46 13.23 -8.55
CA LYS A 537 -13.63 14.15 -8.63
C LYS A 537 -13.96 14.70 -7.24
N VAL A 538 -13.94 13.86 -6.20
CA VAL A 538 -14.21 14.26 -4.79
C VAL A 538 -13.06 15.14 -4.29
N LEU A 539 -11.81 14.69 -4.47
CA LEU A 539 -10.58 15.43 -4.04
C LEU A 539 -10.62 16.88 -4.56
N LYS A 540 -11.13 17.08 -5.79
CA LYS A 540 -11.34 18.42 -6.41
C LYS A 540 -12.33 19.25 -5.58
N LYS A 541 -13.45 18.66 -5.16
CA LYS A 541 -14.49 19.34 -4.34
C LYS A 541 -13.87 19.77 -3.01
N SER A 542 -13.18 18.85 -2.32
CA SER A 542 -12.43 19.12 -1.05
C SER A 542 -11.49 20.31 -1.21
N ALA A 543 -10.79 20.40 -2.35
CA ALA A 543 -9.80 21.47 -2.66
C ALA A 543 -10.50 22.81 -2.91
N TYR A 544 -11.69 22.81 -3.52
CA TYR A 544 -12.54 24.02 -3.72
C TYR A 544 -12.92 24.63 -2.37
N LEU A 545 -13.34 23.80 -1.41
CA LEU A 545 -13.78 24.22 -0.05
C LEU A 545 -12.58 24.80 0.72
N ALA A 546 -11.40 24.17 0.61
CA ALA A 546 -10.13 24.62 1.22
C ALA A 546 -9.77 26.04 0.76
N ALA A 547 -9.97 26.34 -0.53
CA ALA A 547 -9.69 27.67 -1.15
C ALA A 547 -10.61 28.73 -0.55
N VAL A 548 -11.92 28.44 -0.45
CA VAL A 548 -12.94 29.31 0.21
C VAL A 548 -12.55 29.48 1.69
N GLY A 549 -12.08 28.40 2.34
CA GLY A 549 -11.63 28.41 3.75
C GLY A 549 -10.44 29.33 3.96
N THR A 550 -9.42 29.20 3.10
CA THR A 550 -8.20 30.06 3.05
C THR A 550 -8.61 31.51 2.77
N PHE A 551 -9.48 31.73 1.77
CA PHE A 551 -9.98 33.08 1.35
C PHE A 551 -10.57 33.84 2.54
N THR A 552 -11.35 33.15 3.38
CA THR A 552 -12.05 33.70 4.56
C THR A 552 -11.03 34.25 5.57
N TRP A 553 -10.05 33.42 5.95
CA TRP A 553 -9.08 33.69 7.05
C TRP A 553 -8.05 34.76 6.65
N VAL A 554 -7.61 34.78 5.39
CA VAL A 554 -6.53 35.68 4.89
C VAL A 554 -7.01 37.15 4.92
N CYS A 555 -8.29 37.41 4.64
CA CYS A 555 -8.89 38.77 4.57
C CYS A 555 -9.70 39.09 5.83
N THR A 556 -9.51 38.36 6.94
CA THR A 556 -10.18 38.59 8.25
C THR A 556 -9.59 39.82 8.95
N PRO A 557 -8.27 39.91 9.24
CA PRO A 557 -7.71 41.05 9.98
C PRO A 557 -8.01 42.44 9.40
N PHE A 558 -8.05 42.55 8.06
CA PHE A 558 -8.36 43.81 7.32
C PHE A 558 -9.83 44.18 7.52
N LEU A 559 -10.72 43.19 7.46
CA LEU A 559 -12.19 43.34 7.68
C LEU A 559 -12.45 43.67 9.17
N VAL A 560 -11.70 43.03 10.07
CA VAL A 560 -11.66 43.37 11.54
C VAL A 560 -11.22 44.84 11.69
N ALA A 561 -10.13 45.23 11.04
CA ALA A 561 -9.52 46.59 11.13
C ALA A 561 -10.53 47.67 10.74
N LEU A 562 -11.22 47.50 9.59
CA LEU A 562 -12.24 48.46 9.08
C LEU A 562 -13.46 48.46 10.01
N SER A 563 -13.92 47.28 10.43
CA SER A 563 -15.05 47.10 11.38
C SER A 563 -14.76 47.84 12.69
N THR A 564 -13.53 47.72 13.21
CA THR A 564 -13.07 48.36 14.47
C THR A 564 -13.11 49.88 14.33
N PHE A 565 -12.41 50.45 13.35
CA PHE A 565 -12.20 51.91 13.18
C PHE A 565 -13.52 52.64 12.87
N ALA A 566 -14.50 51.95 12.27
CA ALA A 566 -15.87 52.47 12.07
C ALA A 566 -16.51 52.78 13.43
N VAL A 567 -16.27 51.93 14.44
CA VAL A 567 -16.91 51.99 15.79
C VAL A 567 -16.55 53.33 16.44
N TYR A 568 -15.28 53.75 16.36
CA TYR A 568 -14.77 55.03 16.91
C TYR A 568 -15.70 56.18 16.51
N VAL A 569 -15.76 56.49 15.22
CA VAL A 569 -16.37 57.75 14.67
C VAL A 569 -17.90 57.67 14.79
N THR A 570 -18.49 56.46 14.83
CA THR A 570 -19.96 56.25 14.89
C THR A 570 -20.51 56.47 16.32
N VAL A 571 -19.65 56.58 17.35
CA VAL A 571 -20.09 56.93 18.74
C VAL A 571 -19.19 58.02 19.34
N ASP A 572 -17.86 57.83 19.35
CA ASP A 572 -16.90 58.73 20.07
C ASP A 572 -16.66 59.99 19.22
N GLU A 573 -17.60 60.94 19.28
CA GLU A 573 -17.52 62.26 18.61
C GLU A 573 -16.91 63.32 19.56
N ASN A 574 -16.83 63.02 20.86
CA ASN A 574 -16.37 63.98 21.91
C ASN A 574 -14.84 64.00 21.96
N ASN A 575 -14.23 62.89 22.36
CA ASN A 575 -12.84 62.84 22.88
C ASN A 575 -11.83 62.60 21.75
N ILE A 576 -11.83 61.39 21.17
CA ILE A 576 -10.67 60.82 20.42
C ILE A 576 -10.74 61.22 18.94
N LEU A 577 -9.59 61.61 18.38
CA LEU A 577 -9.34 61.76 16.92
C LEU A 577 -7.82 61.87 16.71
N ASP A 578 -7.17 60.74 16.39
CA ASP A 578 -5.69 60.62 16.25
C ASP A 578 -5.35 60.25 14.81
N ALA A 579 -4.14 60.63 14.37
CA ALA A 579 -3.59 60.38 13.01
C ALA A 579 -2.48 59.31 13.08
N GLN A 580 -1.51 59.44 13.99
CA GLN A 580 -0.33 58.54 14.08
C GLN A 580 -0.73 57.19 14.69
N LYS A 581 -1.62 57.19 15.70
CA LYS A 581 -2.08 55.98 16.44
C LYS A 581 -2.45 54.86 15.46
N ALA A 582 -3.10 55.24 14.36
CA ALA A 582 -3.47 54.35 13.21
C ALA A 582 -2.31 53.40 12.87
N PHE A 583 -1.08 53.92 12.76
CA PHE A 583 0.13 53.15 12.36
C PHE A 583 0.41 52.04 13.39
N VAL A 584 0.41 52.38 14.67
CA VAL A 584 0.68 51.43 15.80
C VAL A 584 -0.47 50.41 15.86
N SER A 585 -1.72 50.88 15.70
CA SER A 585 -2.94 50.03 15.65
C SER A 585 -2.83 49.01 14.50
N LEU A 586 -2.45 49.45 13.31
CA LEU A 586 -2.26 48.58 12.10
C LEU A 586 -1.06 47.65 12.31
N ALA A 587 0.03 48.14 12.95
CA ALA A 587 1.19 47.33 13.37
C ALA A 587 0.76 46.23 14.35
N LEU A 588 -0.23 46.52 15.20
CA LEU A 588 -0.82 45.54 16.16
C LEU A 588 -1.80 44.60 15.43
N PHE A 589 -2.54 45.08 14.42
CA PHE A 589 -3.46 44.25 13.60
C PHE A 589 -2.66 43.27 12.72
N ASN A 590 -1.53 43.73 12.14
CA ASN A 590 -0.74 42.98 11.13
C ASN A 590 0.04 41.81 11.75
N ILE A 591 -0.04 41.59 13.07
CA ILE A 591 0.42 40.32 13.72
C ILE A 591 -0.72 39.30 13.75
N LEU A 592 -1.99 39.75 13.67
CA LEU A 592 -3.20 38.88 13.81
C LEU A 592 -3.40 38.00 12.56
N ARG A 593 -2.53 38.12 11.55
CA ARG A 593 -2.52 37.25 10.33
C ARG A 593 -1.64 36.00 10.58
N PHE A 594 -0.61 36.10 11.43
CA PHE A 594 0.38 35.01 11.69
C PHE A 594 -0.30 33.80 12.34
N PRO A 595 -1.21 33.96 13.33
CA PRO A 595 -2.02 32.83 13.82
C PRO A 595 -3.10 32.34 12.84
N LEU A 596 -3.81 33.27 12.19
CA LEU A 596 -5.00 32.95 11.33
C LEU A 596 -4.58 32.33 9.99
N ASN A 597 -3.36 32.58 9.49
CA ASN A 597 -2.91 32.08 8.16
C ASN A 597 -2.52 30.60 8.23
N ILE A 598 -2.24 30.05 9.42
CA ILE A 598 -1.86 28.61 9.61
C ILE A 598 -3.09 27.79 10.05
N LEU A 599 -4.26 28.42 10.18
CA LEU A 599 -5.50 27.78 10.73
C LEU A 599 -6.12 26.80 9.73
N PRO A 600 -6.38 27.15 8.44
CA PRO A 600 -7.05 26.21 7.52
C PRO A 600 -6.34 24.86 7.36
N MET A 601 -5.02 24.81 7.59
CA MET A 601 -4.20 23.56 7.60
C MET A 601 -4.52 22.75 8.87
N VAL A 602 -4.71 23.43 10.02
CA VAL A 602 -5.18 22.83 11.30
C VAL A 602 -6.54 22.16 11.07
N ILE A 603 -7.48 22.88 10.43
CA ILE A 603 -8.87 22.41 10.17
C ILE A 603 -8.79 21.16 9.27
N SER A 604 -8.04 21.27 8.17
CA SER A 604 -7.83 20.19 7.16
C SER A 604 -7.30 18.92 7.85
N SER A 605 -6.29 19.06 8.73
CA SER A 605 -5.61 17.94 9.45
C SER A 605 -6.60 17.24 10.39
N ILE A 606 -7.31 18.02 11.22
CA ILE A 606 -8.26 17.50 12.26
C ILE A 606 -9.37 16.69 11.56
N VAL A 607 -9.96 17.22 10.48
CA VAL A 607 -11.02 16.53 9.68
C VAL A 607 -10.45 15.22 9.13
N GLN A 608 -9.31 15.30 8.45
CA GLN A 608 -8.63 14.14 7.80
C GLN A 608 -8.32 13.06 8.85
N ALA A 609 -7.82 13.46 10.03
CA ALA A 609 -7.47 12.56 11.14
C ALA A 609 -8.73 11.92 11.75
N SER A 610 -9.82 12.68 11.89
CA SER A 610 -11.09 12.25 12.50
C SER A 610 -11.75 11.15 11.66
N VAL A 611 -11.64 11.23 10.33
CA VAL A 611 -12.11 10.18 9.37
C VAL A 611 -11.33 8.89 9.63
N SER A 612 -9.99 8.98 9.58
CA SER A 612 -9.03 7.86 9.83
C SER A 612 -9.26 7.24 11.21
N LEU A 613 -9.60 8.06 12.22
CA LEU A 613 -9.87 7.59 13.61
C LEU A 613 -11.11 6.68 13.63
N LYS A 614 -12.17 7.07 12.90
CA LYS A 614 -13.42 6.27 12.78
C LYS A 614 -13.11 4.93 12.09
N ARG A 615 -12.38 4.99 10.96
CA ARG A 615 -12.08 3.82 10.09
C ARG A 615 -11.24 2.78 10.87
N LEU A 616 -10.25 3.23 11.63
CA LEU A 616 -9.39 2.36 12.48
C LEU A 616 -10.21 1.79 13.64
N ARG A 617 -11.07 2.61 14.27
CA ARG A 617 -11.97 2.18 15.39
C ARG A 617 -12.91 1.08 14.89
N VAL A 618 -13.54 1.27 13.72
CA VAL A 618 -14.49 0.29 13.12
C VAL A 618 -13.75 -1.04 12.83
N PHE A 619 -12.50 -0.96 12.35
CA PHE A 619 -11.68 -2.16 11.99
C PHE A 619 -11.29 -2.95 13.24
N LEU A 620 -10.81 -2.28 14.29
CA LEU A 620 -10.33 -2.94 15.54
C LEU A 620 -11.50 -3.50 16.35
N SER A 621 -12.75 -3.16 16.01
CA SER A 621 -13.98 -3.56 16.76
C SER A 621 -14.69 -4.76 16.11
N HIS A 622 -14.09 -5.40 15.10
CA HIS A 622 -14.68 -6.58 14.40
C HIS A 622 -14.70 -7.80 15.33
N GLU A 623 -15.61 -8.73 15.08
CA GLU A 623 -15.75 -10.01 15.84
C GLU A 623 -14.50 -10.86 15.57
N ASP A 624 -13.92 -11.40 16.65
CA ASP A 624 -12.68 -12.23 16.63
C ASP A 624 -13.09 -13.70 16.78
N LEU A 625 -12.66 -14.57 15.86
CA LEU A 625 -12.93 -16.04 15.96
C LEU A 625 -12.29 -16.52 17.27
N ASP A 626 -13.05 -17.28 18.08
CA ASP A 626 -12.66 -17.69 19.45
C ASP A 626 -12.14 -19.12 19.39
N PRO A 627 -10.91 -19.42 19.90
CA PRO A 627 -10.33 -20.76 19.83
C PRO A 627 -10.87 -21.73 20.89
N ASP A 628 -11.64 -21.23 21.87
CA ASP A 628 -12.26 -22.03 22.96
C ASP A 628 -13.55 -22.71 22.47
N SER A 629 -13.95 -22.50 21.20
CA SER A 629 -15.08 -23.18 20.53
C SER A 629 -14.81 -24.69 20.42
N ILE A 630 -13.54 -25.06 20.17
CA ILE A 630 -13.04 -26.48 20.15
C ILE A 630 -12.43 -26.76 21.53
N GLN A 631 -12.59 -28.00 22.04
CA GLN A 631 -12.18 -28.39 23.40
C GLN A 631 -10.64 -28.41 23.50
N ARG A 632 -9.96 -29.02 22.52
CA ARG A 632 -8.47 -29.11 22.43
C ARG A 632 -7.95 -29.76 23.73
N ARG A 633 -8.32 -31.02 23.99
CA ARG A 633 -7.93 -31.77 25.22
C ARG A 633 -6.46 -32.16 25.11
N PRO A 634 -5.72 -32.28 26.25
CA PRO A 634 -4.33 -32.77 26.23
C PRO A 634 -4.20 -34.22 25.74
N ILE A 635 -3.11 -34.54 25.05
CA ILE A 635 -2.78 -35.90 24.54
C ILE A 635 -2.79 -36.89 25.71
N THR A 641 -11.62 -43.34 24.43
CA THR A 641 -10.83 -42.13 24.08
C THR A 641 -10.54 -42.11 22.57
N ASN A 642 -11.27 -41.28 21.83
CA ASN A 642 -11.13 -41.08 20.36
C ASN A 642 -10.27 -39.85 20.09
N SER A 643 -9.63 -39.79 18.91
CA SER A 643 -8.71 -38.70 18.47
C SER A 643 -9.50 -37.39 18.29
N ILE A 644 -10.59 -37.45 17.50
CA ILE A 644 -11.52 -36.32 17.27
C ILE A 644 -12.97 -36.83 17.41
N THR A 645 -13.82 -36.06 18.10
CA THR A 645 -15.28 -36.36 18.28
C THR A 645 -16.10 -35.11 17.93
N VAL A 646 -17.00 -35.24 16.96
CA VAL A 646 -18.01 -34.20 16.56
C VAL A 646 -19.40 -34.77 16.85
N LYS A 647 -20.19 -34.10 17.70
CA LYS A 647 -21.53 -34.59 18.13
C LYS A 647 -22.59 -33.51 17.86
N ASN A 648 -23.39 -33.72 16.80
CA ASN A 648 -24.57 -32.88 16.40
C ASN A 648 -24.14 -31.43 16.19
N ALA A 649 -22.99 -31.23 15.52
CA ALA A 649 -22.37 -29.91 15.29
C ALA A 649 -22.90 -29.30 13.99
N THR A 650 -23.31 -28.02 14.04
CA THR A 650 -23.81 -27.23 12.88
C THR A 650 -22.98 -25.95 12.75
N PHE A 651 -22.15 -25.86 11.70
CA PHE A 651 -21.21 -24.74 11.44
C PHE A 651 -21.71 -23.90 10.26
N THR A 652 -21.33 -22.63 10.21
CA THR A 652 -21.74 -21.63 9.18
C THR A 652 -20.60 -20.66 8.90
N TRP A 653 -20.36 -20.33 7.62
CA TRP A 653 -19.26 -19.44 7.17
C TRP A 653 -19.51 -18.00 7.65
N ALA A 654 -20.77 -17.55 7.64
CA ALA A 654 -21.22 -16.24 8.16
C ALA A 654 -22.30 -16.45 9.22
N ARG A 655 -22.39 -15.55 10.20
CA ARG A 655 -23.27 -15.66 11.40
C ARG A 655 -24.74 -15.68 10.97
N ASN A 656 -25.15 -14.76 10.10
CA ASN A 656 -26.56 -14.52 9.71
C ASN A 656 -26.99 -15.44 8.55
N ASP A 657 -26.03 -15.97 7.77
CA ASP A 657 -26.30 -16.87 6.60
C ASP A 657 -26.80 -18.22 7.09
N PRO A 658 -27.48 -19.03 6.24
CA PRO A 658 -27.84 -20.40 6.61
C PRO A 658 -26.61 -21.30 6.67
N PRO A 659 -26.60 -22.36 7.51
CA PRO A 659 -25.39 -23.16 7.74
C PRO A 659 -24.98 -24.04 6.55
N THR A 660 -23.67 -24.28 6.42
CA THR A 660 -23.03 -25.11 5.36
C THR A 660 -23.14 -26.59 5.75
N LEU A 661 -22.72 -26.94 6.98
CA LEU A 661 -22.71 -28.31 7.53
C LEU A 661 -23.93 -28.51 8.45
N HIS A 662 -24.89 -29.34 8.04
CA HIS A 662 -26.20 -29.57 8.71
C HIS A 662 -26.13 -30.78 9.65
N GLY A 663 -25.80 -30.55 10.93
CA GLY A 663 -25.87 -31.56 12.01
C GLY A 663 -25.05 -32.80 11.72
N ILE A 664 -23.77 -32.63 11.39
CA ILE A 664 -22.78 -33.74 11.17
C ILE A 664 -22.45 -34.38 12.52
N THR A 665 -22.26 -35.71 12.54
CA THR A 665 -22.03 -36.52 13.77
C THR A 665 -21.09 -37.69 13.45
N PHE A 666 -19.86 -37.67 13.99
CA PHE A 666 -18.86 -38.78 13.84
C PHE A 666 -17.76 -38.66 14.91
N SER A 667 -17.06 -39.78 15.13
CA SER A 667 -15.91 -39.92 16.05
C SER A 667 -14.81 -40.77 15.37
N VAL A 668 -13.56 -40.31 15.43
CA VAL A 668 -12.37 -40.96 14.80
C VAL A 668 -11.41 -41.40 15.90
N PRO A 669 -11.05 -42.71 16.01
CA PRO A 669 -10.09 -43.16 17.03
C PRO A 669 -8.64 -42.77 16.72
N GLU A 670 -7.75 -42.96 17.70
CA GLU A 670 -6.32 -42.53 17.65
C GLU A 670 -5.55 -43.43 16.67
N GLY A 671 -4.77 -42.81 15.76
CA GLY A 671 -3.98 -43.51 14.74
C GLY A 671 -4.86 -44.27 13.77
N SER A 672 -5.86 -43.58 13.20
CA SER A 672 -6.84 -44.13 12.23
C SER A 672 -6.75 -43.33 10.93
N LEU A 673 -6.55 -44.02 9.79
CA LEU A 673 -6.51 -43.41 8.43
C LEU A 673 -7.96 -43.30 7.90
N VAL A 674 -8.54 -42.10 7.97
CA VAL A 674 -9.91 -41.79 7.48
C VAL A 674 -9.81 -41.09 6.13
N ALA A 675 -10.75 -41.36 5.21
CA ALA A 675 -10.92 -40.66 3.92
C ALA A 675 -12.28 -39.94 3.87
N VAL A 676 -12.31 -38.78 3.20
CA VAL A 676 -13.52 -37.94 2.99
C VAL A 676 -13.78 -37.88 1.48
N VAL A 677 -14.96 -38.30 1.03
CA VAL A 677 -15.37 -38.32 -0.41
C VAL A 677 -16.73 -37.65 -0.56
N GLY A 678 -17.09 -37.28 -1.79
CA GLY A 678 -18.37 -36.65 -2.14
C GLY A 678 -18.32 -35.91 -3.46
N GLN A 679 -19.38 -35.17 -3.80
CA GLN A 679 -19.50 -34.36 -5.04
C GLN A 679 -18.66 -33.08 -4.92
N VAL A 680 -18.54 -32.34 -6.02
CA VAL A 680 -17.88 -30.99 -6.05
C VAL A 680 -18.76 -30.03 -5.24
N GLY A 681 -18.17 -29.31 -4.28
CA GLY A 681 -18.83 -28.26 -3.48
C GLY A 681 -19.89 -28.82 -2.52
N CYS A 682 -19.58 -29.93 -1.84
CA CYS A 682 -20.47 -30.60 -0.85
C CYS A 682 -20.02 -30.32 0.59
N GLY A 683 -18.86 -29.69 0.80
CA GLY A 683 -18.40 -29.19 2.10
C GLY A 683 -17.39 -30.11 2.78
N LYS A 684 -16.36 -30.54 2.05
CA LYS A 684 -15.23 -31.36 2.59
C LYS A 684 -14.18 -30.42 3.20
N SER A 685 -13.60 -29.53 2.38
CA SER A 685 -12.64 -28.47 2.81
C SER A 685 -13.26 -27.67 3.96
N SER A 686 -14.57 -27.48 3.92
CA SER A 686 -15.41 -26.88 5.01
C SER A 686 -15.27 -27.70 6.29
N LEU A 687 -15.47 -29.03 6.22
CA LEU A 687 -15.38 -29.93 7.40
C LEU A 687 -14.02 -29.79 8.06
N LEU A 688 -12.93 -29.77 7.27
CA LEU A 688 -11.54 -29.60 7.78
C LEU A 688 -11.40 -28.21 8.41
N SER A 689 -11.96 -27.18 7.78
CA SER A 689 -11.97 -25.77 8.27
C SER A 689 -12.69 -25.69 9.63
N ALA A 690 -13.77 -26.47 9.81
CA ALA A 690 -14.55 -26.53 11.07
C ALA A 690 -13.67 -27.04 12.21
N LEU A 691 -12.85 -28.07 11.98
CA LEU A 691 -11.95 -28.69 13.00
C LEU A 691 -10.79 -27.74 13.35
N LEU A 692 -10.43 -26.81 12.46
CA LEU A 692 -9.36 -25.80 12.69
C LEU A 692 -9.94 -24.54 13.39
N ALA A 693 -11.26 -24.49 13.62
CA ALA A 693 -11.98 -23.36 14.23
C ALA A 693 -11.80 -22.09 13.38
N GLU A 694 -11.84 -22.24 12.06
CA GLU A 694 -11.85 -21.12 11.07
C GLU A 694 -13.29 -20.70 10.79
N MET A 695 -14.24 -21.62 10.93
CA MET A 695 -15.69 -21.44 10.65
C MET A 695 -16.45 -21.28 11.98
N ASP A 696 -17.42 -20.36 12.02
CA ASP A 696 -18.30 -20.14 13.20
C ASP A 696 -19.28 -21.31 13.32
N LYS A 697 -19.51 -21.83 14.52
CA LYS A 697 -20.44 -22.97 14.77
C LYS A 697 -21.67 -22.45 15.52
N VAL A 698 -22.86 -22.79 15.01
CA VAL A 698 -24.19 -22.39 15.58
C VAL A 698 -24.45 -23.22 16.83
N GLU A 699 -24.23 -24.54 16.78
CA GLU A 699 -24.49 -25.46 17.91
C GLU A 699 -23.69 -26.76 17.76
N GLY A 700 -23.63 -27.54 18.85
CA GLY A 700 -23.04 -28.91 18.92
C GLY A 700 -21.82 -28.96 19.83
N HIS A 701 -21.05 -30.05 19.75
CA HIS A 701 -19.86 -30.34 20.57
C HIS A 701 -18.74 -30.90 19.68
N VAL A 702 -17.56 -30.25 19.69
CA VAL A 702 -16.35 -30.62 18.90
C VAL A 702 -15.17 -30.78 19.87
N THR A 703 -14.54 -31.96 19.88
CA THR A 703 -13.30 -32.27 20.66
C THR A 703 -12.23 -32.76 19.69
N VAL A 704 -11.07 -32.08 19.67
CA VAL A 704 -9.87 -32.45 18.85
C VAL A 704 -8.69 -32.66 19.79
N LYS A 705 -8.35 -33.93 20.08
CA LYS A 705 -7.30 -34.31 21.07
C LYS A 705 -5.94 -34.31 20.36
N GLY A 706 -4.99 -33.49 20.84
CA GLY A 706 -3.61 -33.38 20.32
C GLY A 706 -3.44 -32.20 19.37
N SER A 707 -2.19 -31.94 18.95
CA SER A 707 -1.80 -30.86 18.01
C SER A 707 -2.23 -31.22 16.58
N VAL A 708 -2.62 -30.23 15.79
CA VAL A 708 -3.17 -30.38 14.40
C VAL A 708 -2.13 -29.86 13.40
N ALA A 709 -1.87 -30.63 12.34
CA ALA A 709 -1.09 -30.23 11.14
C ALA A 709 -2.02 -30.19 9.92
N TYR A 710 -1.89 -29.14 9.10
CA TYR A 710 -2.82 -28.78 8.01
C TYR A 710 -2.08 -28.73 6.67
N VAL A 711 -2.65 -29.36 5.64
CA VAL A 711 -2.23 -29.27 4.21
C VAL A 711 -3.43 -28.74 3.43
N PRO A 712 -3.46 -27.44 3.05
CA PRO A 712 -4.62 -26.85 2.36
C PRO A 712 -4.70 -27.27 0.88
N GLN A 713 -5.88 -27.09 0.27
CA GLN A 713 -6.14 -27.45 -1.16
C GLN A 713 -5.36 -26.50 -2.07
N GLN A 714 -5.45 -25.19 -1.81
CA GLN A 714 -4.60 -24.15 -2.45
C GLN A 714 -3.28 -24.06 -1.68
N ALA A 715 -2.17 -24.46 -2.30
CA ALA A 715 -0.81 -24.49 -1.71
C ALA A 715 -0.34 -23.06 -1.43
N TRP A 716 0.16 -22.81 -0.21
CA TRP A 716 0.72 -21.50 0.23
C TRP A 716 2.21 -21.66 0.55
N ILE A 717 3.08 -21.00 -0.22
CA ILE A 717 4.56 -21.06 -0.08
C ILE A 717 5.09 -19.63 0.12
N GLN A 718 6.09 -19.47 0.99
CA GLN A 718 6.71 -18.17 1.35
C GLN A 718 7.76 -17.79 0.29
N ASN A 719 8.40 -16.62 0.44
CA ASN A 719 9.41 -16.10 -0.52
C ASN A 719 10.79 -16.72 -0.26
N ILE A 720 11.02 -17.28 0.95
CA ILE A 720 12.35 -17.75 1.44
C ILE A 720 12.74 -19.06 0.75
N SER A 721 13.97 -19.55 1.03
CA SER A 721 14.61 -20.74 0.39
C SER A 721 13.81 -22.02 0.69
N LEU A 722 13.81 -22.98 -0.25
CA LEU A 722 13.01 -24.23 -0.22
C LEU A 722 13.17 -24.92 1.15
N ARG A 723 14.41 -25.12 1.61
CA ARG A 723 14.73 -25.74 2.93
C ARG A 723 13.92 -25.03 4.02
N GLU A 724 13.96 -23.68 4.04
CA GLU A 724 13.31 -22.84 5.09
C GLU A 724 11.78 -22.95 5.01
N ASN A 725 11.22 -23.27 3.83
CA ASN A 725 9.77 -23.59 3.65
C ASN A 725 9.47 -24.94 4.32
N ILE A 726 10.28 -25.96 4.07
CA ILE A 726 10.13 -27.32 4.66
C ILE A 726 10.33 -27.25 6.19
N LEU A 727 11.26 -26.40 6.67
CA LEU A 727 11.52 -26.25 8.13
C LEU A 727 10.37 -25.50 8.80
N PHE A 728 10.06 -24.31 8.31
CA PHE A 728 8.94 -23.44 8.79
C PHE A 728 9.21 -22.99 10.23
N GLY A 729 10.44 -22.51 10.49
CA GLY A 729 10.88 -22.00 11.80
C GLY A 729 11.01 -23.12 12.83
N ARG A 730 11.81 -24.14 12.51
CA ARG A 730 12.09 -25.32 13.38
C ARG A 730 13.58 -25.67 13.31
N GLN A 731 14.12 -26.30 14.37
CA GLN A 731 15.52 -26.79 14.43
C GLN A 731 15.70 -27.91 13.41
N LEU A 732 16.86 -27.94 12.72
CA LEU A 732 17.17 -28.91 11.64
C LEU A 732 17.71 -30.21 12.25
N GLN A 733 17.11 -31.35 11.87
CA GLN A 733 17.60 -32.72 12.15
C GLN A 733 17.99 -33.38 10.82
N GLU A 734 19.29 -33.62 10.61
CA GLU A 734 19.88 -34.06 9.31
C GLU A 734 19.31 -35.43 8.90
N ARG A 735 19.17 -36.36 9.86
CA ARG A 735 18.58 -37.71 9.62
C ARG A 735 17.15 -37.55 9.12
N TYR A 736 16.30 -36.92 9.93
CA TYR A 736 14.83 -36.80 9.70
C TYR A 736 14.55 -35.98 8.44
N TYR A 737 15.19 -34.82 8.30
CA TYR A 737 15.05 -33.92 7.13
C TYR A 737 15.18 -34.73 5.84
N LYS A 738 16.31 -35.43 5.69
CA LYS A 738 16.63 -36.27 4.49
C LYS A 738 15.56 -37.36 4.32
N ALA A 739 15.13 -37.99 5.43
CA ALA A 739 14.11 -39.06 5.47
C ALA A 739 12.75 -38.54 4.97
N VAL A 740 12.39 -37.30 5.29
CA VAL A 740 11.12 -36.66 4.83
C VAL A 740 11.23 -36.34 3.33
N VAL A 741 12.33 -35.67 2.92
CA VAL A 741 12.56 -35.19 1.53
C VAL A 741 12.48 -36.38 0.56
N GLU A 742 13.14 -37.50 0.87
CA GLU A 742 13.15 -38.71 0.00
C GLU A 742 11.77 -39.39 0.01
N ALA A 743 11.10 -39.41 1.17
CA ALA A 743 9.74 -40.00 1.35
C ALA A 743 8.71 -39.20 0.54
N CYS A 744 8.84 -37.87 0.47
CA CYS A 744 7.95 -36.96 -0.30
C CYS A 744 8.29 -36.96 -1.80
N ALA A 745 9.30 -37.74 -2.23
CA ALA A 745 9.74 -37.90 -3.63
C ALA A 745 10.17 -36.53 -4.19
N LEU A 746 11.10 -35.86 -3.49
CA LEU A 746 11.57 -34.50 -3.83
C LEU A 746 13.01 -34.52 -4.39
N LEU A 747 13.71 -35.67 -4.39
CA LEU A 747 15.13 -35.75 -4.84
C LEU A 747 15.26 -35.32 -6.30
N PRO A 748 14.53 -35.94 -7.27
CA PRO A 748 14.63 -35.53 -8.67
C PRO A 748 14.31 -34.05 -8.92
N ASP A 749 13.35 -33.50 -8.16
CA ASP A 749 12.98 -32.06 -8.15
C ASP A 749 14.14 -31.22 -7.60
N LEU A 750 14.79 -31.67 -6.52
CA LEU A 750 15.97 -30.98 -5.93
C LEU A 750 17.16 -31.02 -6.91
N GLU A 751 17.25 -32.04 -7.78
CA GLU A 751 18.31 -32.15 -8.83
C GLU A 751 18.08 -31.12 -9.94
N ILE A 752 16.85 -31.01 -10.47
CA ILE A 752 16.52 -30.15 -11.65
C ILE A 752 16.64 -28.66 -11.28
N LEU A 753 16.38 -28.26 -10.03
CA LEU A 753 16.48 -26.84 -9.56
C LEU A 753 17.92 -26.36 -9.73
N PRO A 754 18.13 -25.05 -10.01
CA PRO A 754 19.46 -24.53 -10.35
C PRO A 754 20.53 -24.72 -9.26
N SER A 755 20.26 -24.22 -8.05
CA SER A 755 21.19 -24.26 -6.88
C SER A 755 20.80 -25.36 -5.89
N GLY A 756 20.16 -26.44 -6.37
CA GLY A 756 19.84 -27.64 -5.57
C GLY A 756 18.76 -27.39 -4.53
N ASP A 757 19.16 -27.31 -3.25
CA ASP A 757 18.25 -27.21 -2.09
C ASP A 757 17.87 -25.73 -1.88
N ARG A 758 18.85 -24.88 -1.59
CA ARG A 758 18.64 -23.48 -1.12
C ARG A 758 18.48 -22.55 -2.32
N THR A 759 17.31 -22.58 -2.97
CA THR A 759 16.92 -21.67 -4.08
C THR A 759 15.80 -20.72 -3.61
N GLU A 760 15.95 -19.42 -3.86
CA GLU A 760 14.87 -18.42 -3.67
C GLU A 760 13.63 -18.91 -4.43
N ILE A 761 12.60 -19.34 -3.69
CA ILE A 761 11.47 -20.16 -4.23
C ILE A 761 10.50 -19.26 -5.01
N GLY A 762 10.50 -17.95 -4.75
CA GLY A 762 9.62 -16.97 -5.42
C GLY A 762 8.46 -16.56 -4.52
N GLU A 763 7.78 -15.46 -4.86
CA GLU A 763 6.80 -14.76 -3.98
C GLU A 763 5.63 -15.68 -3.60
N LYS A 764 5.10 -16.44 -4.56
CA LYS A 764 3.98 -17.41 -4.35
C LYS A 764 4.38 -18.81 -4.85
N GLY A 765 5.69 -19.09 -4.92
CA GLY A 765 6.23 -20.34 -5.49
C GLY A 765 6.03 -20.42 -7.00
N VAL A 766 6.07 -19.27 -7.69
CA VAL A 766 5.85 -19.13 -9.17
C VAL A 766 6.89 -19.93 -9.96
N ASN A 767 8.08 -20.18 -9.39
CA ASN A 767 9.18 -20.99 -10.00
C ASN A 767 8.74 -22.45 -10.16
N LEU A 768 8.18 -23.03 -9.10
CA LEU A 768 7.81 -24.48 -9.01
C LEU A 768 6.62 -24.76 -9.94
N SER A 769 6.44 -26.04 -10.32
CA SER A 769 5.24 -26.57 -10.99
C SER A 769 4.19 -26.96 -9.94
N GLY A 770 2.94 -27.19 -10.35
CA GLY A 770 1.79 -27.50 -9.48
C GLY A 770 2.11 -28.61 -8.49
N GLY A 771 2.68 -29.73 -8.98
CA GLY A 771 3.08 -30.89 -8.18
C GLY A 771 4.14 -30.56 -7.14
N GLN A 772 5.19 -29.83 -7.57
CA GLN A 772 6.32 -29.40 -6.71
C GLN A 772 5.79 -28.60 -5.52
N LYS A 773 4.93 -27.60 -5.78
CA LYS A 773 4.28 -26.75 -4.75
C LYS A 773 3.53 -27.64 -3.74
N GLN A 774 2.72 -28.58 -4.26
CA GLN A 774 1.86 -29.48 -3.45
C GLN A 774 2.75 -30.42 -2.60
N ARG A 775 3.88 -30.89 -3.16
CA ARG A 775 4.83 -31.80 -2.44
C ARG A 775 5.53 -31.06 -1.30
N VAL A 776 6.01 -29.82 -1.54
CA VAL A 776 6.66 -28.97 -0.50
C VAL A 776 5.66 -28.74 0.65
N SER A 777 4.47 -28.27 0.30
CA SER A 777 3.32 -28.03 1.23
C SER A 777 3.08 -29.28 2.11
N LEU A 778 3.14 -30.47 1.52
CA LEU A 778 2.98 -31.77 2.24
C LEU A 778 4.21 -31.99 3.15
N ALA A 779 5.41 -31.89 2.58
CA ALA A 779 6.71 -32.13 3.26
C ALA A 779 6.82 -31.29 4.54
N ARG A 780 6.44 -30.00 4.46
CA ARG A 780 6.41 -29.07 5.62
C ARG A 780 5.61 -29.69 6.76
N ALA A 781 4.33 -30.00 6.51
CA ALA A 781 3.36 -30.56 7.48
C ALA A 781 3.90 -31.88 8.06
N VAL A 782 4.44 -32.76 7.21
CA VAL A 782 5.00 -34.09 7.61
C VAL A 782 6.21 -33.86 8.53
N TYR A 783 7.10 -32.92 8.17
CA TYR A 783 8.31 -32.59 8.96
C TYR A 783 7.91 -32.06 10.35
N CYS A 784 6.87 -31.23 10.42
CA CYS A 784 6.39 -30.58 11.67
C CYS A 784 6.13 -31.62 12.76
N ASP A 785 5.62 -32.80 12.40
CA ASP A 785 5.47 -33.98 13.30
C ASP A 785 4.43 -33.65 14.39
N SER A 786 3.16 -33.52 14.00
CA SER A 786 2.00 -33.24 14.89
C SER A 786 1.23 -34.54 15.18
N ASP A 787 0.21 -34.46 16.05
CA ASP A 787 -0.59 -35.61 16.53
C ASP A 787 -1.69 -35.95 15.51
N VAL A 788 -2.42 -34.94 15.03
CA VAL A 788 -3.54 -35.09 14.05
C VAL A 788 -3.14 -34.40 12.74
N TYR A 789 -3.48 -35.01 11.60
CA TYR A 789 -3.10 -34.55 10.23
C TYR A 789 -4.36 -34.36 9.36
N LEU A 790 -4.66 -33.12 8.97
CA LEU A 790 -5.82 -32.80 8.09
C LEU A 790 -5.29 -32.45 6.68
N LEU A 791 -5.40 -33.40 5.75
CA LEU A 791 -4.79 -33.33 4.39
C LEU A 791 -5.88 -33.04 3.35
N ASP A 792 -5.88 -31.83 2.77
CA ASP A 792 -6.93 -31.37 1.81
C ASP A 792 -6.46 -31.66 0.38
N ASP A 793 -6.48 -32.94 -0.02
CA ASP A 793 -6.19 -33.42 -1.40
C ASP A 793 -4.75 -33.07 -1.77
N PRO A 794 -3.75 -33.72 -1.14
CA PRO A 794 -2.34 -33.42 -1.43
C PRO A 794 -1.71 -34.24 -2.58
N LEU A 795 -2.48 -35.13 -3.22
CA LEU A 795 -2.01 -36.10 -4.24
C LEU A 795 -2.71 -35.82 -5.59
N SER A 796 -3.14 -34.58 -5.83
CA SER A 796 -3.97 -34.18 -7.00
C SER A 796 -3.08 -33.84 -8.20
N ALA A 797 -2.21 -32.84 -8.04
CA ALA A 797 -1.40 -32.23 -9.12
C ALA A 797 -0.33 -33.20 -9.65
N VAL A 798 0.13 -34.16 -8.84
CA VAL A 798 1.21 -35.13 -9.20
C VAL A 798 0.59 -36.28 -10.01
N ASP A 799 1.42 -36.99 -10.78
CA ASP A 799 1.03 -38.16 -11.62
C ASP A 799 0.89 -39.40 -10.72
N ALA A 800 0.49 -40.53 -11.31
CA ALA A 800 0.18 -41.81 -10.62
C ALA A 800 1.43 -42.37 -9.92
N HIS A 801 2.60 -42.26 -10.56
CA HIS A 801 3.90 -42.82 -10.07
C HIS A 801 4.27 -42.21 -8.71
N VAL A 802 4.32 -40.87 -8.64
CA VAL A 802 4.72 -40.10 -7.42
C VAL A 802 3.62 -40.25 -6.36
N GLY A 803 2.35 -40.17 -6.77
CA GLY A 803 1.17 -40.37 -5.91
C GLY A 803 1.25 -41.66 -5.12
N LYS A 804 1.49 -42.78 -5.81
CA LYS A 804 1.67 -44.13 -5.20
C LYS A 804 2.85 -44.08 -4.23
N HIS A 805 4.02 -43.65 -4.71
CA HIS A 805 5.28 -43.51 -3.93
C HIS A 805 4.97 -42.79 -2.60
N ILE A 806 4.35 -41.61 -2.66
CA ILE A 806 4.00 -40.78 -1.48
C ILE A 806 3.03 -41.56 -0.57
N PHE A 807 2.02 -42.23 -1.13
CA PHE A 807 1.02 -43.00 -0.34
C PHE A 807 1.70 -44.16 0.39
N GLU A 808 2.64 -44.86 -0.27
CA GLU A 808 3.35 -46.02 0.33
C GLU A 808 4.38 -45.55 1.38
N ASN A 809 5.05 -44.42 1.14
CA ASN A 809 6.21 -43.96 1.96
C ASN A 809 5.79 -43.00 3.08
N VAL A 810 4.66 -42.29 2.95
CA VAL A 810 4.24 -41.21 3.90
C VAL A 810 2.90 -41.58 4.57
N ILE A 811 1.79 -41.52 3.82
CA ILE A 811 0.40 -41.44 4.37
C ILE A 811 -0.08 -42.82 4.81
N GLY A 812 0.12 -43.85 3.99
CA GLY A 812 -0.39 -45.23 4.22
C GLY A 812 0.15 -45.84 5.51
N PRO A 813 -0.36 -47.03 5.93
CA PRO A 813 0.00 -47.61 7.23
C PRO A 813 1.45 -48.11 7.39
N LYS A 814 2.27 -48.05 6.33
CA LYS A 814 3.70 -48.48 6.33
C LYS A 814 4.64 -47.25 6.36
N GLY A 815 4.13 -46.04 6.15
CA GLY A 815 4.93 -44.81 5.96
C GLY A 815 5.32 -44.15 7.28
N LEU A 816 5.75 -42.88 7.21
CA LEU A 816 6.16 -42.06 8.38
C LEU A 816 4.97 -41.82 9.32
N LEU A 817 3.79 -41.54 8.76
CA LEU A 817 2.57 -41.11 9.51
C LEU A 817 1.69 -42.31 9.87
N LYS A 818 2.27 -43.52 9.97
CA LYS A 818 1.53 -44.80 10.23
C LYS A 818 0.76 -44.73 11.56
N ASN A 819 1.31 -44.07 12.59
CA ASN A 819 0.77 -44.08 13.98
C ASN A 819 -0.12 -42.86 14.25
N LYS A 820 0.04 -41.77 13.49
CA LYS A 820 -0.69 -40.48 13.70
C LYS A 820 -2.10 -40.58 13.11
N THR A 821 -3.09 -39.97 13.77
CA THR A 821 -4.46 -39.74 13.22
C THR A 821 -4.34 -38.85 11.99
N ARG A 822 -4.85 -39.28 10.83
CA ARG A 822 -4.73 -38.55 9.55
C ARG A 822 -6.05 -38.68 8.76
N LEU A 823 -6.72 -37.54 8.58
CA LEU A 823 -8.02 -37.38 7.86
C LEU A 823 -7.75 -36.67 6.52
N LEU A 824 -7.67 -37.43 5.43
CA LEU A 824 -7.35 -36.88 4.08
C LEU A 824 -8.62 -36.81 3.21
N VAL A 825 -8.75 -35.73 2.42
CA VAL A 825 -9.84 -35.52 1.43
C VAL A 825 -9.34 -36.01 0.07
N THR A 826 -9.92 -37.09 -0.47
CA THR A 826 -9.49 -37.75 -1.73
C THR A 826 -10.64 -37.74 -2.75
N HIS A 827 -10.30 -37.55 -4.03
CA HIS A 827 -11.21 -37.72 -5.20
C HIS A 827 -10.90 -39.04 -5.93
N ALA A 828 -9.63 -39.45 -5.96
CA ALA A 828 -9.16 -40.75 -6.49
C ALA A 828 -9.80 -41.90 -5.68
N ILE A 829 -10.17 -42.99 -6.35
CA ILE A 829 -10.88 -44.16 -5.77
C ILE A 829 -9.91 -45.36 -5.70
N SER A 830 -8.62 -45.13 -5.95
CA SER A 830 -7.56 -46.18 -6.03
C SER A 830 -7.23 -46.72 -4.64
N TYR A 831 -7.11 -45.83 -3.65
CA TYR A 831 -6.52 -46.11 -2.30
C TYR A 831 -7.60 -46.28 -1.22
N LEU A 832 -8.89 -46.34 -1.60
CA LEU A 832 -10.02 -46.45 -0.64
C LEU A 832 -10.02 -47.80 0.09
N PRO A 833 -9.64 -48.93 -0.56
CA PRO A 833 -9.45 -50.19 0.17
C PRO A 833 -8.38 -50.14 1.28
N GLN A 834 -7.40 -49.23 1.18
CA GLN A 834 -6.30 -49.06 2.17
C GLN A 834 -6.81 -48.29 3.41
N MET A 835 -7.91 -47.53 3.28
CA MET A 835 -8.43 -46.62 4.34
C MET A 835 -9.11 -47.46 5.44
N ASP A 836 -9.16 -46.94 6.66
CA ASP A 836 -9.81 -47.61 7.83
C ASP A 836 -11.32 -47.42 7.72
N VAL A 837 -11.77 -46.16 7.68
CA VAL A 837 -13.19 -45.77 7.38
C VAL A 837 -13.18 -44.65 6.34
N ILE A 838 -14.19 -44.61 5.47
CA ILE A 838 -14.40 -43.55 4.44
C ILE A 838 -15.76 -42.91 4.72
N ILE A 839 -15.80 -41.57 4.83
CA ILE A 839 -17.04 -40.79 5.14
C ILE A 839 -17.50 -40.09 3.86
N VAL A 840 -18.66 -40.51 3.33
CA VAL A 840 -19.31 -39.93 2.11
C VAL A 840 -20.23 -38.81 2.58
N MET A 841 -20.15 -37.61 1.99
CA MET A 841 -21.06 -36.48 2.30
C MET A 841 -21.54 -35.81 1.01
N SER A 842 -22.83 -35.49 0.95
CA SER A 842 -23.52 -34.77 -0.16
C SER A 842 -24.49 -33.74 0.42
N GLY A 843 -24.31 -32.46 0.08
CA GLY A 843 -25.11 -31.33 0.59
C GLY A 843 -24.82 -31.04 2.06
N GLY A 844 -23.60 -31.30 2.53
CA GLY A 844 -23.12 -30.94 3.88
C GLY A 844 -23.55 -31.91 4.96
N LYS A 845 -24.14 -33.05 4.60
CA LYS A 845 -24.59 -34.12 5.54
C LYS A 845 -23.84 -35.41 5.21
N ILE A 846 -23.32 -36.11 6.23
CA ILE A 846 -22.66 -37.44 6.06
C ILE A 846 -23.74 -38.43 5.61
N SER A 847 -23.69 -38.84 4.32
CA SER A 847 -24.62 -39.80 3.69
C SER A 847 -24.52 -41.16 4.39
N GLU A 848 -23.31 -41.67 4.56
CA GLU A 848 -23.03 -42.97 5.23
C GLU A 848 -21.52 -43.11 5.48
N MET A 849 -21.13 -43.53 6.70
CA MET A 849 -19.73 -43.87 7.10
C MET A 849 -19.53 -45.38 7.00
N GLY A 850 -18.27 -45.82 7.14
CA GLY A 850 -17.88 -47.24 7.23
C GLY A 850 -16.64 -47.54 6.41
N SER A 851 -16.19 -48.81 6.43
CA SER A 851 -15.03 -49.31 5.66
C SER A 851 -15.44 -49.56 4.20
N TYR A 852 -14.48 -49.93 3.34
CA TYR A 852 -14.69 -50.19 1.89
C TYR A 852 -15.72 -51.31 1.70
N GLN A 853 -15.48 -52.46 2.35
CA GLN A 853 -16.33 -53.68 2.25
C GLN A 853 -17.72 -53.41 2.85
N GLU A 854 -17.76 -52.76 4.02
CA GLU A 854 -19.01 -52.40 4.74
C GLU A 854 -19.89 -51.54 3.81
N LEU A 855 -19.32 -50.49 3.21
CA LEU A 855 -20.03 -49.56 2.28
C LEU A 855 -20.46 -50.29 1.00
N LEU A 856 -19.69 -51.28 0.55
CA LEU A 856 -20.04 -52.10 -0.65
C LEU A 856 -21.27 -52.97 -0.32
N ALA A 857 -21.28 -53.57 0.88
CA ALA A 857 -22.37 -54.43 1.40
C ALA A 857 -23.67 -53.65 1.61
N ARG A 858 -23.60 -52.34 1.87
CA ARG A 858 -24.78 -51.45 2.10
C ARG A 858 -25.70 -51.44 0.88
N ASP A 859 -25.15 -51.59 -0.34
CA ASP A 859 -25.88 -51.52 -1.63
C ASP A 859 -26.57 -50.15 -1.75
N GLY A 860 -25.88 -49.09 -1.31
CA GLY A 860 -26.41 -47.71 -1.25
C GLY A 860 -26.09 -46.93 -2.52
N ALA A 861 -25.96 -45.60 -2.40
CA ALA A 861 -25.61 -44.68 -3.50
C ALA A 861 -24.12 -44.80 -3.84
N PHE A 862 -23.26 -44.84 -2.81
CA PHE A 862 -21.78 -44.93 -2.94
C PHE A 862 -21.38 -46.25 -3.58
N ALA A 863 -22.04 -47.35 -3.19
CA ALA A 863 -21.87 -48.70 -3.80
C ALA A 863 -22.07 -48.61 -5.31
N GLU A 864 -23.16 -47.98 -5.76
CA GLU A 864 -23.50 -47.79 -7.19
C GLU A 864 -22.48 -46.88 -7.88
N PHE A 865 -22.00 -45.85 -7.17
CA PHE A 865 -20.92 -44.93 -7.65
C PHE A 865 -19.64 -45.73 -7.88
N LEU A 866 -19.25 -46.58 -6.93
CA LEU A 866 -17.98 -47.38 -6.99
C LEU A 866 -18.01 -48.31 -8.21
N ARG A 867 -19.13 -49.00 -8.46
CA ARG A 867 -19.27 -50.00 -9.57
C ARG A 867 -18.92 -49.36 -10.92
N THR A 868 -19.37 -48.13 -11.17
CA THR A 868 -19.25 -47.43 -12.48
C THR A 868 -17.79 -47.05 -12.75
N TYR A 869 -17.04 -46.58 -11.75
CA TYR A 869 -15.70 -45.95 -11.91
C TYR A 869 -14.57 -46.91 -11.50
N ALA A 870 -14.72 -47.64 -10.37
CA ALA A 870 -13.74 -48.64 -9.91
C ALA A 870 -13.83 -49.88 -10.81
N GLU A 942 26.14 -17.04 -2.11
CA GLU A 942 26.61 -17.64 -3.40
C GLU A 942 25.44 -18.17 -4.23
N THR A 943 24.42 -18.77 -3.58
CA THR A 943 23.20 -19.33 -4.22
C THR A 943 22.54 -18.28 -5.14
N TRP A 944 21.99 -18.74 -6.26
CA TRP A 944 21.25 -17.90 -7.27
C TRP A 944 19.94 -17.40 -6.65
N LYS A 945 19.82 -16.09 -6.43
CA LYS A 945 18.57 -15.43 -5.96
C LYS A 945 17.73 -15.03 -7.18
N LEU A 946 16.41 -14.95 -7.00
CA LEU A 946 15.42 -14.59 -8.06
C LEU A 946 14.91 -13.16 -7.79
N VAL A 947 14.23 -12.97 -6.65
CA VAL A 947 13.56 -11.70 -6.26
C VAL A 947 14.65 -10.67 -5.91
N GLU A 948 14.75 -9.60 -6.71
CA GLU A 948 15.69 -8.46 -6.49
C GLU A 948 15.00 -7.43 -5.59
N ALA A 949 15.63 -7.07 -4.47
CA ALA A 949 15.12 -6.10 -3.47
C ALA A 949 15.17 -4.68 -4.05
N ASP A 950 14.35 -3.79 -3.50
CA ASP A 950 14.25 -2.35 -3.91
C ASP A 950 15.56 -1.65 -3.50
N LYS A 951 16.12 -0.84 -4.39
CA LYS A 951 17.45 -0.17 -4.22
C LYS A 951 17.30 1.33 -4.52
N ALA A 952 17.80 2.19 -3.63
CA ALA A 952 17.68 3.67 -3.68
C ALA A 952 18.58 4.22 -4.78
N GLN A 953 18.16 5.33 -5.41
CA GLN A 953 18.96 6.13 -6.38
C GLN A 953 20.04 6.89 -5.58
N THR A 954 21.23 7.08 -6.17
CA THR A 954 22.46 7.56 -5.46
C THR A 954 22.60 9.08 -5.63
N GLY A 955 22.61 9.57 -6.88
CA GLY A 955 22.94 10.97 -7.22
C GLY A 955 21.82 11.94 -6.89
N GLN A 956 21.98 13.21 -7.32
CA GLN A 956 20.95 14.28 -7.23
C GLN A 956 19.76 13.91 -8.13
N VAL A 957 18.55 14.38 -7.79
CA VAL A 957 17.32 14.18 -8.61
C VAL A 957 17.51 14.91 -9.94
N LYS A 958 17.32 14.22 -11.07
CA LYS A 958 17.50 14.78 -12.44
C LYS A 958 16.33 15.72 -12.76
N LEU A 959 16.59 16.74 -13.58
CA LEU A 959 15.59 17.76 -14.03
C LEU A 959 14.45 17.08 -14.80
N SER A 960 14.71 15.93 -15.44
CA SER A 960 13.70 15.09 -16.15
C SER A 960 12.47 14.87 -15.27
N VAL A 961 12.69 14.54 -13.99
CA VAL A 961 11.61 14.26 -12.98
C VAL A 961 10.75 15.52 -12.81
N TYR A 962 11.37 16.64 -12.42
CA TYR A 962 10.72 17.96 -12.24
C TYR A 962 9.94 18.34 -13.51
N TRP A 963 10.63 18.33 -14.66
CA TRP A 963 10.05 18.66 -15.99
C TRP A 963 8.86 17.73 -16.30
N ASP A 964 8.93 16.45 -15.91
CA ASP A 964 7.84 15.47 -16.17
C ASP A 964 6.60 15.85 -15.36
N TYR A 965 6.76 16.19 -14.08
CA TYR A 965 5.67 16.64 -13.18
C TYR A 965 5.06 17.95 -13.71
N MET A 966 5.89 18.88 -14.16
CA MET A 966 5.48 20.20 -14.72
C MET A 966 4.78 20.03 -16.07
N LYS A 967 5.24 19.06 -16.88
CA LYS A 967 4.65 18.75 -18.22
C LYS A 967 3.21 18.25 -18.06
N ALA A 968 2.93 17.52 -16.98
CA ALA A 968 1.60 16.95 -16.66
C ALA A 968 0.61 18.05 -16.24
N ILE A 969 1.09 19.07 -15.51
CA ILE A 969 0.27 20.26 -15.07
C ILE A 969 -0.26 20.99 -16.31
N GLY A 970 0.64 21.43 -17.19
CA GLY A 970 0.30 22.15 -18.45
C GLY A 970 0.78 23.59 -18.43
N LEU A 971 0.98 24.17 -19.61
CA LEU A 971 1.60 25.51 -19.82
C LEU A 971 0.68 26.61 -19.28
N PHE A 972 -0.64 26.52 -19.55
CA PHE A 972 -1.66 27.55 -19.23
C PHE A 972 -1.73 27.81 -17.72
N ILE A 973 -1.84 26.75 -16.91
CA ILE A 973 -2.04 26.84 -15.43
C ILE A 973 -0.77 27.41 -14.79
N SER A 974 0.41 26.98 -15.26
CA SER A 974 1.75 27.41 -14.75
C SER A 974 1.92 28.93 -14.90
N PHE A 975 1.54 29.49 -16.06
CA PHE A 975 1.62 30.95 -16.34
C PHE A 975 0.56 31.71 -15.54
N LEU A 976 -0.56 31.07 -15.17
CA LEU A 976 -1.65 31.68 -14.35
C LEU A 976 -1.21 31.72 -12.88
N SER A 977 -0.72 30.59 -12.36
CA SER A 977 -0.27 30.40 -10.95
C SER A 977 0.80 31.44 -10.59
N ILE A 978 1.89 31.48 -11.36
CA ILE A 978 3.04 32.44 -11.19
C ILE A 978 2.50 33.88 -11.25
N PHE A 979 1.59 34.17 -12.18
CA PHE A 979 0.99 35.52 -12.39
C PHE A 979 0.23 35.96 -11.13
N LEU A 980 -0.59 35.06 -10.55
CA LEU A 980 -1.39 35.37 -9.33
C LEU A 980 -0.47 35.53 -8.12
N PHE A 981 0.57 34.69 -7.99
CA PHE A 981 1.63 34.82 -6.96
C PHE A 981 2.28 36.21 -7.03
N LEU A 982 2.60 36.68 -8.25
CA LEU A 982 3.21 38.03 -8.46
C LEU A 982 2.21 39.11 -8.03
N CYS A 983 0.97 39.04 -8.50
CA CYS A 983 -0.14 40.00 -8.17
C CYS A 983 -0.32 40.07 -6.65
N ASN A 984 -0.30 38.92 -5.96
CA ASN A 984 -0.43 38.80 -4.49
C ASN A 984 0.71 39.55 -3.79
N HIS A 985 1.96 39.22 -4.12
CA HIS A 985 3.18 39.73 -3.43
C HIS A 985 3.47 41.19 -3.81
N VAL A 986 3.08 41.62 -5.01
CA VAL A 986 3.16 43.06 -5.43
C VAL A 986 2.22 43.86 -4.52
N ALA A 987 0.95 43.45 -4.41
CA ALA A 987 -0.07 44.05 -3.51
C ALA A 987 0.44 44.05 -2.06
N SER A 988 1.15 42.99 -1.66
CA SER A 988 1.80 42.85 -0.32
C SER A 988 2.84 43.95 -0.11
N LEU A 989 3.72 44.20 -1.09
CA LEU A 989 4.81 45.22 -1.01
C LEU A 989 4.23 46.64 -1.16
N VAL A 990 3.20 46.83 -1.99
CA VAL A 990 2.52 48.15 -2.16
C VAL A 990 1.95 48.57 -0.80
N SER A 991 1.18 47.69 -0.17
CA SER A 991 0.59 47.86 1.19
C SER A 991 1.72 48.14 2.20
N ASN A 992 2.77 47.33 2.18
CA ASN A 992 3.97 47.42 3.08
C ASN A 992 4.50 48.86 3.07
N TYR A 993 4.84 49.40 1.89
CA TYR A 993 5.54 50.70 1.75
C TYR A 993 4.55 51.88 1.79
N TRP A 994 3.33 51.74 1.27
CA TRP A 994 2.30 52.82 1.32
C TRP A 994 2.03 53.21 2.79
N LEU A 995 1.99 52.22 3.69
CA LEU A 995 1.80 52.43 5.16
C LEU A 995 3.05 53.09 5.76
N SER A 996 4.24 52.55 5.46
CA SER A 996 5.55 53.00 6.01
C SER A 996 5.87 54.43 5.54
N LEU A 997 5.41 54.81 4.34
CA LEU A 997 5.52 56.19 3.80
C LEU A 997 4.51 57.10 4.51
N TRP A 998 3.30 56.60 4.81
CA TRP A 998 2.24 57.35 5.54
C TRP A 998 2.69 57.64 6.98
N THR A 999 3.48 56.75 7.60
CA THR A 999 3.99 56.87 9.00
C THR A 999 4.61 58.25 9.25
N ASP A 1000 5.73 58.55 8.57
CA ASP A 1000 6.60 59.72 8.86
C ASP A 1000 6.04 60.96 8.14
N ASP A 1001 4.85 61.41 8.56
CA ASP A 1001 4.18 62.64 8.08
C ASP A 1001 3.67 63.41 9.30
N PRO A 1002 3.89 64.75 9.42
CA PRO A 1002 3.42 65.50 10.58
C PRO A 1002 1.89 65.56 10.73
N ILE A 1003 1.41 65.55 11.98
CA ILE A 1003 -0.04 65.72 12.34
C ILE A 1003 -0.33 67.22 12.37
N VAL A 1004 -0.66 67.79 11.21
CA VAL A 1004 -1.17 69.19 11.04
C VAL A 1004 -2.70 69.13 11.17
N ASN A 1005 -3.36 70.27 11.39
CA ASN A 1005 -4.85 70.39 11.38
C ASN A 1005 -5.38 69.95 10.01
N GLY A 1006 -4.72 70.38 8.92
CA GLY A 1006 -4.89 69.84 7.56
C GLY A 1006 -4.53 68.36 7.48
N THR A 1007 -5.09 67.64 6.51
CA THR A 1007 -5.10 66.15 6.40
C THR A 1007 -6.02 65.58 7.48
N GLN A 1008 -7.24 66.15 7.59
CA GLN A 1008 -8.29 65.73 8.57
C GLN A 1008 -9.11 64.57 7.98
N GLU A 1009 -9.41 64.61 6.68
CA GLU A 1009 -10.19 63.58 5.94
C GLU A 1009 -9.25 62.53 5.31
N HIS A 1010 -7.96 62.84 5.15
CA HIS A 1010 -6.93 61.98 4.49
C HIS A 1010 -6.89 60.58 5.13
N THR A 1011 -7.02 60.49 6.45
CA THR A 1011 -7.00 59.21 7.23
C THR A 1011 -8.16 58.32 6.78
N GLN A 1012 -9.38 58.85 6.78
CA GLN A 1012 -10.62 58.15 6.34
C GLN A 1012 -10.56 57.84 4.84
N VAL A 1013 -9.87 58.69 4.05
CA VAL A 1013 -9.61 58.45 2.59
C VAL A 1013 -8.70 57.22 2.45
N ARG A 1014 -7.52 57.23 3.08
CA ARG A 1014 -6.42 56.27 2.79
C ARG A 1014 -6.66 54.91 3.47
N LEU A 1015 -7.37 54.86 4.60
CA LEU A 1015 -7.65 53.58 5.33
C LEU A 1015 -8.60 52.70 4.51
N SER A 1016 -9.45 53.30 3.67
CA SER A 1016 -10.29 52.60 2.66
C SER A 1016 -9.39 51.97 1.59
N VAL A 1017 -8.32 52.68 1.19
CA VAL A 1017 -7.29 52.20 0.21
C VAL A 1017 -6.55 51.01 0.81
N TYR A 1018 -6.18 51.09 2.10
CA TYR A 1018 -5.50 50.00 2.86
C TYR A 1018 -6.42 48.76 2.91
N GLY A 1019 -7.71 48.98 3.22
CA GLY A 1019 -8.76 47.94 3.20
C GLY A 1019 -8.90 47.30 1.82
N ALA A 1020 -9.00 48.13 0.77
CA ALA A 1020 -9.13 47.72 -0.65
C ALA A 1020 -7.98 46.79 -1.05
N LEU A 1021 -6.74 47.17 -0.72
CA LEU A 1021 -5.51 46.35 -0.99
C LEU A 1021 -5.57 45.04 -0.19
N GLY A 1022 -6.02 45.10 1.07
CA GLY A 1022 -6.24 43.93 1.93
C GLY A 1022 -7.17 42.90 1.30
N ILE A 1023 -8.26 43.37 0.69
CA ILE A 1023 -9.27 42.53 -0.03
C ILE A 1023 -8.63 41.99 -1.32
N SER A 1024 -7.99 42.86 -2.11
CA SER A 1024 -7.25 42.52 -3.35
C SER A 1024 -6.25 41.38 -3.06
N GLN A 1025 -5.50 41.50 -1.97
CA GLN A 1025 -4.52 40.48 -1.48
C GLN A 1025 -5.25 39.16 -1.23
N GLY A 1026 -6.37 39.21 -0.49
CA GLY A 1026 -7.24 38.06 -0.18
C GLY A 1026 -7.74 37.36 -1.45
N ILE A 1027 -8.26 38.13 -2.42
CA ILE A 1027 -8.82 37.62 -3.71
C ILE A 1027 -7.75 36.83 -4.45
N THR A 1028 -6.54 37.40 -4.59
CA THR A 1028 -5.40 36.78 -5.32
C THR A 1028 -4.93 35.52 -4.59
N VAL A 1029 -4.90 35.54 -3.25
CA VAL A 1029 -4.48 34.37 -2.40
C VAL A 1029 -5.41 33.19 -2.68
N PHE A 1030 -6.73 33.44 -2.65
CA PHE A 1030 -7.79 32.48 -3.07
C PHE A 1030 -7.51 31.98 -4.50
N GLY A 1031 -7.19 32.90 -5.41
CA GLY A 1031 -6.87 32.63 -6.82
C GLY A 1031 -5.79 31.58 -6.98
N TYR A 1032 -4.59 31.82 -6.45
CA TYR A 1032 -3.39 30.97 -6.66
C TYR A 1032 -3.55 29.66 -5.88
N SER A 1033 -4.16 29.70 -4.69
CA SER A 1033 -4.53 28.50 -3.89
C SER A 1033 -5.42 27.56 -4.71
N MET A 1034 -6.32 28.11 -5.52
CA MET A 1034 -7.19 27.34 -6.46
C MET A 1034 -6.35 26.80 -7.61
N ALA A 1035 -5.59 27.68 -8.29
CA ALA A 1035 -4.80 27.40 -9.51
C ALA A 1035 -3.82 26.24 -9.27
N VAL A 1036 -3.14 26.22 -8.11
CA VAL A 1036 -2.16 25.16 -7.75
C VAL A 1036 -2.90 23.84 -7.48
N SER A 1037 -4.06 23.89 -6.79
CA SER A 1037 -4.88 22.71 -6.42
C SER A 1037 -5.31 21.94 -7.67
N ILE A 1038 -5.80 22.65 -8.69
CA ILE A 1038 -6.29 22.06 -9.97
C ILE A 1038 -5.08 21.57 -10.79
N GLY A 1039 -3.98 22.34 -10.79
CA GLY A 1039 -2.68 21.92 -11.33
C GLY A 1039 -2.26 20.57 -10.76
N GLY A 1040 -2.28 20.45 -9.42
CA GLY A 1040 -1.94 19.22 -8.68
C GLY A 1040 -2.77 18.02 -9.13
N ILE A 1041 -4.07 18.21 -9.37
CA ILE A 1041 -5.01 17.13 -9.79
C ILE A 1041 -4.65 16.67 -11.21
N PHE A 1042 -4.46 17.60 -12.16
CA PHE A 1042 -4.05 17.31 -13.56
C PHE A 1042 -2.78 16.44 -13.55
N ALA A 1043 -1.78 16.83 -12.77
CA ALA A 1043 -0.48 16.13 -12.60
C ALA A 1043 -0.73 14.71 -12.05
N SER A 1044 -1.40 14.62 -10.90
CA SER A 1044 -1.70 13.35 -10.19
C SER A 1044 -2.47 12.38 -11.09
N ARG A 1045 -3.45 12.89 -11.85
CA ARG A 1045 -4.24 12.09 -12.83
C ARG A 1045 -3.31 11.50 -13.89
N ARG A 1046 -2.54 12.36 -14.56
CA ARG A 1046 -1.59 12.01 -15.66
C ARG A 1046 -0.57 10.97 -15.16
N LEU A 1047 0.06 11.23 -14.01
CA LEU A 1047 1.14 10.36 -13.44
C LEU A 1047 0.62 8.94 -13.19
N HIS A 1048 -0.58 8.79 -12.64
CA HIS A 1048 -1.24 7.47 -12.37
C HIS A 1048 -1.43 6.69 -13.68
N LEU A 1049 -1.94 7.35 -14.72
CA LEU A 1049 -2.22 6.74 -16.06
C LEU A 1049 -0.91 6.19 -16.66
N ASP A 1050 0.17 6.98 -16.59
CA ASP A 1050 1.52 6.59 -17.07
C ASP A 1050 2.00 5.36 -16.30
N LEU A 1051 1.89 5.39 -14.95
CA LEU A 1051 2.31 4.28 -14.05
C LEU A 1051 1.53 3.01 -14.38
N LEU A 1052 0.20 3.10 -14.42
CA LEU A 1052 -0.69 1.92 -14.64
C LEU A 1052 -0.39 1.28 -16.00
N HIS A 1053 -0.28 2.08 -17.06
CA HIS A 1053 0.03 1.63 -18.44
C HIS A 1053 1.40 0.96 -18.47
N ASN A 1054 2.40 1.58 -17.84
CA ASN A 1054 3.80 1.06 -17.73
C ASN A 1054 3.79 -0.33 -17.08
N VAL A 1055 3.04 -0.52 -15.99
CA VAL A 1055 2.95 -1.80 -15.23
C VAL A 1055 2.24 -2.86 -16.10
N LEU A 1056 1.04 -2.56 -16.61
CA LEU A 1056 0.20 -3.50 -17.40
C LEU A 1056 0.90 -3.91 -18.70
N ARG A 1057 1.86 -3.12 -19.19
CA ARG A 1057 2.57 -3.35 -20.49
C ARG A 1057 3.82 -4.21 -20.29
N SER A 1058 4.35 -4.33 -19.07
CA SER A 1058 5.58 -5.11 -18.74
C SER A 1058 5.35 -6.61 -18.94
N PRO A 1059 6.40 -7.43 -19.19
CA PRO A 1059 6.23 -8.88 -19.39
C PRO A 1059 6.05 -9.64 -18.06
N ILE A 1060 5.81 -10.96 -18.15
CA ILE A 1060 5.49 -11.85 -16.98
C ILE A 1060 6.75 -12.01 -16.11
N SER A 1061 7.94 -12.09 -16.74
CA SER A 1061 9.25 -12.26 -16.06
C SER A 1061 9.48 -11.15 -15.01
N PHE A 1062 9.08 -9.91 -15.33
CA PHE A 1062 9.18 -8.72 -14.44
C PHE A 1062 8.40 -8.96 -13.13
N PHE A 1063 7.16 -9.48 -13.26
CA PHE A 1063 6.24 -9.74 -12.11
C PHE A 1063 6.78 -10.87 -11.23
N GLU A 1064 7.40 -11.89 -11.84
CA GLU A 1064 8.04 -13.03 -11.12
C GLU A 1064 9.32 -12.57 -10.40
N ARG A 1065 9.93 -11.47 -10.83
CA ARG A 1065 11.14 -10.87 -10.21
C ARG A 1065 10.71 -9.92 -9.08
N THR A 1066 9.93 -8.88 -9.41
CA THR A 1066 9.56 -7.77 -8.48
C THR A 1066 8.71 -8.31 -7.33
N PRO A 1067 9.01 -7.97 -6.05
CA PRO A 1067 8.12 -8.29 -4.93
C PRO A 1067 6.76 -7.58 -5.02
N SER A 1068 5.73 -8.12 -4.34
CA SER A 1068 4.34 -7.63 -4.38
C SER A 1068 4.24 -6.26 -3.70
N GLY A 1069 4.79 -6.14 -2.48
CA GLY A 1069 4.83 -4.88 -1.69
C GLY A 1069 5.53 -3.76 -2.44
N ASN A 1070 6.54 -4.10 -3.26
CA ASN A 1070 7.31 -3.19 -4.14
C ASN A 1070 6.33 -2.37 -5.01
N LEU A 1071 5.27 -3.01 -5.53
CA LEU A 1071 4.23 -2.39 -6.40
C LEU A 1071 3.13 -1.76 -5.55
N VAL A 1072 2.66 -2.44 -4.50
CA VAL A 1072 1.60 -1.94 -3.57
C VAL A 1072 2.05 -0.60 -2.97
N ASN A 1073 3.33 -0.45 -2.64
CA ASN A 1073 3.95 0.79 -2.10
C ASN A 1073 3.71 1.94 -3.09
N ARG A 1074 4.08 1.73 -4.36
CA ARG A 1074 4.05 2.76 -5.44
C ARG A 1074 2.60 3.13 -5.79
N PHE A 1075 1.68 2.18 -5.75
CA PHE A 1075 0.24 2.37 -6.11
C PHE A 1075 -0.53 3.01 -4.96
N SER A 1076 -0.16 2.73 -3.70
CA SER A 1076 -0.80 3.28 -2.48
C SER A 1076 -0.10 4.58 -2.04
N LYS A 1077 1.10 4.47 -1.46
CA LYS A 1077 1.71 5.53 -0.62
C LYS A 1077 2.33 6.63 -1.50
N GLU A 1078 3.13 6.25 -2.50
CA GLU A 1078 3.86 7.17 -3.40
C GLU A 1078 2.85 8.01 -4.20
N LEU A 1079 1.70 7.42 -4.55
CA LEU A 1079 0.61 8.11 -5.30
C LEU A 1079 -0.16 9.03 -4.34
N ASP A 1080 -0.45 8.55 -3.12
CA ASP A 1080 -1.09 9.34 -2.03
C ASP A 1080 -0.23 10.57 -1.70
N THR A 1081 1.09 10.43 -1.69
CA THR A 1081 2.07 11.55 -1.52
C THR A 1081 1.85 12.57 -2.65
N VAL A 1082 1.90 12.11 -3.90
CA VAL A 1082 1.71 12.93 -5.13
C VAL A 1082 0.36 13.66 -5.08
N ASP A 1083 -0.70 12.97 -4.65
CA ASP A 1083 -2.08 13.52 -4.53
C ASP A 1083 -2.11 14.68 -3.53
N SER A 1084 -1.70 14.41 -2.28
CA SER A 1084 -1.91 15.30 -1.10
C SER A 1084 -0.77 16.32 -0.95
N MET A 1085 0.48 15.84 -0.83
CA MET A 1085 1.62 16.61 -0.25
C MET A 1085 2.06 17.72 -1.22
N ILE A 1086 2.46 17.35 -2.45
CA ILE A 1086 3.28 18.18 -3.38
C ILE A 1086 2.61 19.53 -3.65
N PRO A 1087 1.28 19.60 -3.94
CA PRO A 1087 0.60 20.89 -4.08
C PRO A 1087 0.83 21.85 -2.91
N GLN A 1088 0.73 21.35 -1.66
CA GLN A 1088 0.91 22.13 -0.41
C GLN A 1088 2.35 22.65 -0.31
N VAL A 1089 3.32 21.79 -0.66
CA VAL A 1089 4.79 22.11 -0.63
C VAL A 1089 5.06 23.21 -1.67
N ILE A 1090 4.50 23.06 -2.87
CA ILE A 1090 4.64 24.04 -3.99
C ILE A 1090 4.11 25.42 -3.54
N LYS A 1091 2.89 25.47 -2.97
CA LYS A 1091 2.26 26.72 -2.45
C LYS A 1091 3.22 27.42 -1.48
N MET A 1092 3.74 26.70 -0.48
CA MET A 1092 4.60 27.27 0.59
C MET A 1092 5.98 27.64 0.02
N PHE A 1093 6.52 26.86 -0.93
CA PHE A 1093 7.82 27.14 -1.58
C PHE A 1093 7.74 28.46 -2.35
N MET A 1094 6.78 28.56 -3.27
CA MET A 1094 6.55 29.75 -4.14
C MET A 1094 6.33 30.99 -3.25
N GLY A 1095 5.54 30.85 -2.18
CA GLY A 1095 5.29 31.90 -1.17
C GLY A 1095 6.58 32.42 -0.57
N SER A 1096 7.43 31.52 -0.06
CA SER A 1096 8.74 31.83 0.56
C SER A 1096 9.70 32.45 -0.47
N LEU A 1097 9.68 31.93 -1.72
CA LEU A 1097 10.56 32.40 -2.83
C LEU A 1097 10.29 33.89 -3.10
N PHE A 1098 9.03 34.25 -3.34
CA PHE A 1098 8.60 35.63 -3.69
C PHE A 1098 8.75 36.57 -2.48
N ASN A 1099 8.61 36.04 -1.25
CA ASN A 1099 8.89 36.79 0.01
C ASN A 1099 10.36 37.23 0.03
N VAL A 1100 11.29 36.34 -0.35
CA VAL A 1100 12.76 36.60 -0.36
C VAL A 1100 13.07 37.64 -1.46
N ILE A 1101 12.56 37.45 -2.68
CA ILE A 1101 12.72 38.40 -3.82
C ILE A 1101 12.16 39.76 -3.39
N GLY A 1102 10.98 39.75 -2.75
CA GLY A 1102 10.24 40.94 -2.28
C GLY A 1102 11.02 41.74 -1.24
N ALA A 1103 11.70 41.08 -0.30
CA ALA A 1103 12.58 41.72 0.71
C ALA A 1103 13.84 42.26 0.01
N CYS A 1104 14.48 41.42 -0.81
CA CYS A 1104 15.73 41.72 -1.56
C CYS A 1104 15.55 42.98 -2.43
N ILE A 1105 14.47 43.06 -3.21
CA ILE A 1105 14.20 44.22 -4.12
C ILE A 1105 14.07 45.51 -3.29
N ILE A 1106 13.41 45.45 -2.13
CA ILE A 1106 13.13 46.64 -1.26
C ILE A 1106 14.45 47.17 -0.68
N ILE A 1107 15.22 46.33 0.01
CA ILE A 1107 16.46 46.77 0.73
C ILE A 1107 17.43 47.35 -0.30
N LEU A 1108 17.60 46.68 -1.44
CA LEU A 1108 18.53 47.10 -2.54
C LEU A 1108 18.15 48.52 -3.00
N LEU A 1109 16.87 48.77 -3.33
CA LEU A 1109 16.43 50.07 -3.93
C LEU A 1109 16.39 51.18 -2.86
N ALA A 1110 16.12 50.84 -1.59
CA ALA A 1110 16.10 51.80 -0.46
C ALA A 1110 17.53 52.31 -0.17
N THR A 1111 18.52 51.41 -0.22
CA THR A 1111 19.96 51.71 -0.01
C THR A 1111 20.77 51.08 -1.14
N PRO A 1112 20.83 51.72 -2.34
CA PRO A 1112 21.66 51.23 -3.45
C PRO A 1112 23.08 50.76 -3.07
N MET A 1113 23.61 51.26 -1.94
CA MET A 1113 24.93 50.89 -1.36
C MET A 1113 24.81 49.67 -0.42
N ALA A 1114 23.62 49.05 -0.30
CA ALA A 1114 23.40 47.79 0.44
C ALA A 1114 23.47 46.58 -0.50
N ALA A 1115 23.92 46.79 -1.76
CA ALA A 1115 24.11 45.75 -2.80
C ALA A 1115 25.26 44.81 -2.42
N VAL A 1116 26.23 45.29 -1.62
CA VAL A 1116 27.41 44.49 -1.16
C VAL A 1116 26.96 43.44 -0.13
N ILE A 1117 25.98 43.75 0.73
CA ILE A 1117 25.57 42.86 1.86
C ILE A 1117 24.83 41.63 1.32
N ILE A 1118 24.00 41.76 0.29
CA ILE A 1118 23.07 40.69 -0.19
C ILE A 1118 23.87 39.43 -0.57
N PRO A 1119 24.82 39.47 -1.53
CA PRO A 1119 25.53 38.27 -1.98
C PRO A 1119 26.12 37.43 -0.82
N PRO A 1120 27.12 37.94 -0.04
CA PRO A 1120 27.64 37.23 1.14
C PRO A 1120 26.62 36.51 2.04
N LEU A 1121 25.50 37.17 2.35
CA LEU A 1121 24.42 36.60 3.19
C LEU A 1121 23.77 35.42 2.45
N GLY A 1122 23.58 35.54 1.13
CA GLY A 1122 23.00 34.46 0.30
C GLY A 1122 23.93 33.27 0.19
N LEU A 1123 25.20 33.52 -0.15
CA LEU A 1123 26.23 32.48 -0.44
C LEU A 1123 26.35 31.49 0.73
N ILE A 1124 26.36 31.98 1.97
CA ILE A 1124 26.55 31.15 3.21
C ILE A 1124 25.27 30.36 3.49
N TYR A 1125 24.09 30.93 3.25
CA TYR A 1125 22.77 30.24 3.37
C TYR A 1125 22.69 29.13 2.31
N PHE A 1126 23.09 29.43 1.07
CA PHE A 1126 23.10 28.50 -0.08
C PHE A 1126 23.96 27.25 0.24
N PHE A 1127 25.16 27.47 0.78
CA PHE A 1127 26.13 26.38 1.08
C PHE A 1127 25.63 25.49 2.23
N VAL A 1128 24.95 26.07 3.23
CA VAL A 1128 24.26 25.29 4.31
C VAL A 1128 23.16 24.45 3.66
N GLN A 1129 22.35 25.07 2.79
CA GLN A 1129 21.21 24.40 2.07
C GLN A 1129 21.74 23.24 1.23
N ARG A 1130 22.83 23.45 0.48
CA ARG A 1130 23.38 22.45 -0.47
C ARG A 1130 24.05 21.30 0.32
N PHE A 1131 24.64 21.60 1.47
CA PHE A 1131 25.28 20.60 2.38
C PHE A 1131 24.20 19.71 3.00
N TYR A 1132 23.19 20.32 3.63
CA TYR A 1132 22.11 19.63 4.39
C TYR A 1132 21.33 18.67 3.47
N VAL A 1133 20.82 19.18 2.34
CA VAL A 1133 19.87 18.48 1.43
C VAL A 1133 20.50 17.16 0.92
N ALA A 1134 21.81 17.16 0.66
CA ALA A 1134 22.60 16.01 0.15
C ALA A 1134 22.33 14.76 1.00
N SER A 1135 22.28 14.92 2.33
CA SER A 1135 22.03 13.83 3.32
C SER A 1135 20.53 13.63 3.53
N SER A 1136 19.78 14.73 3.68
CA SER A 1136 18.30 14.75 3.91
C SER A 1136 17.58 13.93 2.83
N ARG A 1137 17.89 14.21 1.56
CA ARG A 1137 17.32 13.50 0.37
C ARG A 1137 17.54 11.98 0.51
N GLN A 1138 18.79 11.57 0.80
CA GLN A 1138 19.22 10.15 0.81
C GLN A 1138 18.50 9.38 1.92
N LEU A 1139 18.28 10.01 3.09
CA LEU A 1139 17.51 9.42 4.22
C LEU A 1139 16.05 9.19 3.80
N LYS A 1140 15.46 10.10 3.03
CA LYS A 1140 14.05 9.98 2.54
C LYS A 1140 13.96 8.82 1.53
N ARG A 1141 14.97 8.67 0.66
CA ARG A 1141 15.08 7.53 -0.30
C ARG A 1141 15.17 6.22 0.48
N LEU A 1142 16.10 6.10 1.44
CA LEU A 1142 16.33 4.87 2.26
C LEU A 1142 15.01 4.45 2.93
N GLU A 1143 14.32 5.40 3.58
CA GLU A 1143 13.01 5.20 4.25
C GLU A 1143 11.99 4.67 3.24
N SER A 1144 11.83 5.39 2.11
CA SER A 1144 10.85 5.08 1.04
C SER A 1144 11.12 3.68 0.46
N VAL A 1145 12.39 3.32 0.31
CA VAL A 1145 12.85 1.97 -0.17
C VAL A 1145 12.53 0.93 0.91
N SER A 1146 12.88 1.18 2.18
CA SER A 1146 12.87 0.19 3.28
C SER A 1146 11.44 -0.07 3.80
N ARG A 1147 10.41 0.63 3.30
CA ARG A 1147 8.99 0.41 3.73
C ARG A 1147 8.32 -0.66 2.85
N SER A 1148 8.97 -1.13 1.77
CA SER A 1148 8.40 -2.12 0.81
C SER A 1148 8.26 -3.50 1.45
N PRO A 1149 9.27 -4.03 2.18
CA PRO A 1149 9.12 -5.28 2.93
C PRO A 1149 7.90 -5.36 3.87
N VAL A 1150 7.53 -4.23 4.49
CA VAL A 1150 6.37 -4.12 5.42
C VAL A 1150 5.11 -4.53 4.66
N TYR A 1151 4.94 -4.04 3.43
CA TYR A 1151 3.78 -4.36 2.54
C TYR A 1151 3.85 -5.82 2.10
N SER A 1152 5.03 -6.27 1.64
CA SER A 1152 5.31 -7.66 1.20
C SER A 1152 4.92 -8.65 2.31
N HIS A 1153 5.34 -8.38 3.55
CA HIS A 1153 5.07 -9.23 4.73
C HIS A 1153 3.56 -9.29 5.03
N PHE A 1154 2.86 -8.15 4.95
CA PHE A 1154 1.38 -8.05 5.12
C PHE A 1154 0.69 -8.89 4.03
N ASN A 1155 1.09 -8.69 2.77
CA ASN A 1155 0.52 -9.40 1.59
C ASN A 1155 0.75 -10.91 1.74
N GLU A 1156 1.97 -11.33 2.12
CA GLU A 1156 2.34 -12.76 2.31
C GLU A 1156 1.47 -13.39 3.42
N THR A 1157 1.30 -12.70 4.55
CA THR A 1157 0.57 -13.19 5.76
C THR A 1157 -0.91 -13.43 5.40
N LEU A 1158 -1.61 -12.38 4.96
CA LEU A 1158 -3.09 -12.37 4.77
C LEU A 1158 -3.55 -13.57 3.92
N LEU A 1159 -2.73 -14.03 2.97
CA LEU A 1159 -3.03 -15.20 2.09
C LEU A 1159 -3.05 -16.49 2.90
N GLY A 1160 -2.09 -16.68 3.83
CA GLY A 1160 -1.85 -17.96 4.54
C GLY A 1160 -2.16 -17.90 6.03
N VAL A 1161 -3.21 -17.16 6.42
CA VAL A 1161 -3.63 -17.02 7.86
C VAL A 1161 -4.08 -18.38 8.40
N SER A 1162 -4.82 -19.17 7.61
CA SER A 1162 -5.32 -20.52 7.98
C SER A 1162 -4.15 -21.44 8.36
N VAL A 1163 -3.08 -21.44 7.55
CA VAL A 1163 -1.85 -22.26 7.78
C VAL A 1163 -1.14 -21.75 9.03
N ILE A 1164 -0.84 -20.45 9.09
CA ILE A 1164 -0.19 -19.78 10.25
C ILE A 1164 -0.95 -20.15 11.54
N ARG A 1165 -2.28 -20.04 11.53
CA ARG A 1165 -3.15 -20.34 12.70
C ARG A 1165 -3.13 -21.84 13.01
N ALA A 1166 -3.13 -22.72 12.00
CA ALA A 1166 -3.14 -24.20 12.15
C ALA A 1166 -1.89 -24.66 12.90
N PHE A 1167 -0.71 -24.15 12.51
CA PHE A 1167 0.62 -24.53 13.09
C PHE A 1167 0.92 -23.70 14.35
N GLU A 1168 0.12 -22.66 14.64
CA GLU A 1168 0.20 -21.82 15.87
C GLU A 1168 1.50 -21.03 15.88
N GLU A 1169 1.86 -20.42 14.74
CA GLU A 1169 3.15 -19.71 14.53
C GLU A 1169 2.95 -18.19 14.65
N GLN A 1170 1.81 -17.72 15.18
CA GLN A 1170 1.43 -16.28 15.21
C GLN A 1170 2.58 -15.43 15.80
N GLU A 1171 3.05 -15.79 17.00
CA GLU A 1171 4.12 -15.07 17.76
C GLU A 1171 5.34 -14.82 16.87
N ARG A 1172 5.77 -15.81 16.09
CA ARG A 1172 6.96 -15.75 15.19
C ARG A 1172 6.75 -14.70 14.10
N PHE A 1173 5.59 -14.73 13.43
CA PHE A 1173 5.22 -13.80 12.33
C PHE A 1173 4.99 -12.38 12.88
N ILE A 1174 4.32 -12.26 14.04
CA ILE A 1174 4.16 -10.98 14.78
C ILE A 1174 5.55 -10.42 15.09
N ARG A 1175 6.45 -11.25 15.63
CA ARG A 1175 7.83 -10.87 16.02
C ARG A 1175 8.62 -10.48 14.76
N GLN A 1176 8.39 -11.16 13.64
CA GLN A 1176 9.02 -10.84 12.31
C GLN A 1176 8.57 -9.46 11.84
N SER A 1177 7.27 -9.16 11.93
CA SER A 1177 6.65 -7.87 11.50
C SER A 1177 7.32 -6.70 12.25
N ASP A 1178 7.40 -6.81 13.58
CA ASP A 1178 8.04 -5.82 14.49
C ASP A 1178 9.45 -5.47 13.97
N LEU A 1179 10.23 -6.50 13.61
CA LEU A 1179 11.63 -6.37 13.14
C LEU A 1179 11.68 -5.72 11.75
N LYS A 1180 10.65 -5.89 10.93
CA LYS A 1180 10.53 -5.29 9.57
C LYS A 1180 10.09 -3.82 9.68
N VAL A 1181 9.24 -3.47 10.65
CA VAL A 1181 8.80 -2.06 10.90
C VAL A 1181 9.97 -1.27 11.48
N ASP A 1182 10.77 -1.88 12.38
CA ASP A 1182 11.95 -1.26 13.03
C ASP A 1182 12.89 -0.63 11.98
N GLU A 1183 13.12 -1.33 10.86
CA GLU A 1183 14.04 -0.89 9.77
C GLU A 1183 13.52 0.42 9.16
N ASN A 1184 12.22 0.48 8.86
CA ASN A 1184 11.53 1.69 8.31
C ASN A 1184 11.72 2.87 9.28
N GLN A 1185 11.53 2.62 10.57
CA GLN A 1185 11.63 3.65 11.65
C GLN A 1185 13.09 4.09 11.83
N LYS A 1186 14.04 3.15 11.75
CA LYS A 1186 15.52 3.42 11.82
C LYS A 1186 15.93 4.39 10.71
N ALA A 1187 15.30 4.31 9.53
CA ALA A 1187 15.53 5.21 8.38
C ALA A 1187 14.81 6.55 8.60
N TYR A 1188 13.62 6.53 9.22
CA TYR A 1188 12.75 7.72 9.42
C TYR A 1188 13.31 8.65 10.50
N TYR A 1189 13.81 8.09 11.61
CA TYR A 1189 14.15 8.86 12.85
C TYR A 1189 15.26 9.89 12.59
N PRO A 1190 16.40 9.53 11.93
CA PRO A 1190 17.45 10.52 11.63
C PRO A 1190 16.95 11.69 10.78
N SER A 1191 16.02 11.44 9.86
CA SER A 1191 15.43 12.44 8.92
C SER A 1191 14.83 13.61 9.70
N ILE A 1192 14.00 13.32 10.71
CA ILE A 1192 13.28 14.34 11.52
C ILE A 1192 14.26 15.06 12.45
N VAL A 1193 15.28 14.36 12.97
CA VAL A 1193 16.35 14.96 13.82
C VAL A 1193 17.21 15.89 12.96
N ALA A 1194 17.50 15.49 11.71
CA ALA A 1194 18.27 16.29 10.73
C ALA A 1194 17.52 17.58 10.39
N ASN A 1195 16.18 17.54 10.31
CA ASN A 1195 15.32 18.74 10.12
C ASN A 1195 15.53 19.72 11.28
N ARG A 1196 15.52 19.20 12.53
CA ARG A 1196 15.72 19.99 13.76
C ARG A 1196 17.14 20.55 13.78
N TRP A 1197 18.13 19.72 13.45
CA TRP A 1197 19.57 20.09 13.35
C TRP A 1197 19.72 21.36 12.50
N LEU A 1198 19.20 21.33 11.26
CA LEU A 1198 19.28 22.46 10.28
C LEU A 1198 18.61 23.70 10.87
N ALA A 1199 17.36 23.57 11.29
CA ALA A 1199 16.49 24.67 11.77
C ALA A 1199 17.22 25.49 12.85
N VAL A 1200 17.77 24.82 13.87
CA VAL A 1200 18.48 25.47 15.01
C VAL A 1200 19.73 26.20 14.49
N ARG A 1201 20.48 25.59 13.56
CA ARG A 1201 21.70 26.18 12.96
C ARG A 1201 21.36 27.47 12.21
N LEU A 1202 20.34 27.44 11.34
CA LEU A 1202 19.93 28.60 10.50
C LEU A 1202 19.46 29.76 11.40
N GLU A 1203 18.61 29.47 12.39
CA GLU A 1203 18.04 30.49 13.31
C GLU A 1203 19.16 31.13 14.14
N CYS A 1204 20.14 30.35 14.59
CA CYS A 1204 21.31 30.83 15.39
C CYS A 1204 22.23 31.72 14.54
N VAL A 1205 22.40 31.38 13.25
CA VAL A 1205 23.10 32.24 12.25
C VAL A 1205 22.28 33.53 12.07
N GLY A 1206 20.95 33.41 11.97
CA GLY A 1206 20.00 34.54 11.85
C GLY A 1206 20.09 35.49 13.03
N ASN A 1207 20.15 34.94 14.26
CA ASN A 1207 20.28 35.71 15.53
C ASN A 1207 21.58 36.53 15.50
N CYS A 1208 22.68 35.90 15.09
CA CYS A 1208 24.04 36.53 14.98
C CYS A 1208 23.99 37.74 14.05
N ILE A 1209 23.38 37.61 12.85
CA ILE A 1209 23.29 38.71 11.84
C ILE A 1209 22.45 39.85 12.41
N VAL A 1210 21.28 39.54 12.99
CA VAL A 1210 20.37 40.52 13.66
C VAL A 1210 21.17 41.27 14.73
N LEU A 1211 21.99 40.57 15.53
CA LEU A 1211 22.86 41.18 16.57
C LEU A 1211 23.79 42.23 15.93
N PHE A 1212 24.44 41.89 14.81
CA PHE A 1212 25.42 42.76 14.11
C PHE A 1212 24.72 44.00 13.53
N ALA A 1213 23.58 43.80 12.84
CA ALA A 1213 22.70 44.88 12.35
C ALA A 1213 22.30 45.78 13.52
N SER A 1214 21.87 45.17 14.63
CA SER A 1214 21.42 45.84 15.88
C SER A 1214 22.57 46.58 16.55
N LEU A 1215 23.76 45.95 16.65
CA LEU A 1215 24.96 46.51 17.32
C LEU A 1215 25.54 47.65 16.48
N PHE A 1216 25.58 47.50 15.15
CA PHE A 1216 26.06 48.52 14.18
C PHE A 1216 25.23 49.81 14.31
N ALA A 1217 23.91 49.67 14.50
CA ALA A 1217 22.96 50.81 14.67
C ALA A 1217 23.27 51.59 15.95
N VAL A 1218 23.63 50.90 17.03
CA VAL A 1218 23.95 51.51 18.36
C VAL A 1218 25.33 52.19 18.30
N ILE A 1219 26.34 51.53 17.72
CA ILE A 1219 27.73 52.07 17.57
C ILE A 1219 27.68 53.38 16.79
N SER A 1220 27.01 53.36 15.61
CA SER A 1220 26.91 54.49 14.65
C SER A 1220 25.51 55.11 14.71
N ARG A 1221 25.06 55.48 15.91
CA ARG A 1221 23.72 56.09 16.17
C ARG A 1221 23.63 57.44 15.46
N HIS A 1222 24.61 58.32 15.73
CA HIS A 1222 24.60 59.76 15.36
C HIS A 1222 25.82 60.15 14.50
N SER A 1223 26.77 59.23 14.29
CA SER A 1223 28.02 59.49 13.53
C SER A 1223 27.67 60.02 12.14
N LEU A 1224 26.81 59.29 11.41
CA LEU A 1224 26.36 59.60 10.02
C LEU A 1224 25.05 58.86 9.71
N SER A 1225 24.22 59.41 8.81
CA SER A 1225 23.04 58.76 8.20
C SER A 1225 22.09 58.21 9.29
N ALA A 1226 21.81 59.02 10.31
CA ALA A 1226 21.08 58.64 11.55
C ALA A 1226 19.65 58.20 11.23
N GLY A 1227 18.98 58.88 10.29
CA GLY A 1227 17.61 58.58 9.85
C GLY A 1227 17.50 57.25 9.11
N LEU A 1228 18.48 56.95 8.26
CA LEU A 1228 18.58 55.70 7.44
C LEU A 1228 18.95 54.50 8.32
N VAL A 1229 19.96 54.66 9.20
CA VAL A 1229 20.62 53.53 9.94
C VAL A 1229 19.60 52.83 10.87
N GLY A 1230 18.73 53.58 11.54
CA GLY A 1230 17.73 53.06 12.50
C GLY A 1230 16.85 51.99 11.89
N LEU A 1231 16.44 52.17 10.63
CA LEU A 1231 15.53 51.26 9.86
C LEU A 1231 16.28 49.99 9.44
N SER A 1232 17.59 50.07 9.19
CA SER A 1232 18.46 48.96 8.70
C SER A 1232 18.19 47.66 9.48
N VAL A 1233 18.00 47.75 10.81
CA VAL A 1233 17.71 46.60 11.72
C VAL A 1233 16.36 45.98 11.29
N SER A 1234 15.33 46.81 11.10
CA SER A 1234 13.90 46.41 10.93
C SER A 1234 13.75 45.32 9.85
N TYR A 1235 14.39 45.47 8.69
CA TYR A 1235 14.29 44.53 7.53
C TYR A 1235 15.48 43.55 7.51
N SER A 1236 16.51 43.76 8.35
CA SER A 1236 17.61 42.79 8.59
C SER A 1236 17.05 41.50 9.23
N LEU A 1237 15.96 41.62 10.00
CA LEU A 1237 15.21 40.48 10.58
C LEU A 1237 14.32 39.85 9.51
N GLN A 1238 13.62 40.68 8.71
CA GLN A 1238 12.71 40.23 7.61
C GLN A 1238 13.47 39.29 6.67
N VAL A 1239 14.57 39.77 6.07
CA VAL A 1239 15.35 39.06 5.02
C VAL A 1239 15.91 37.75 5.61
N THR A 1240 16.35 37.78 6.87
CA THR A 1240 16.90 36.62 7.63
C THR A 1240 15.83 35.52 7.74
N THR A 1241 14.64 35.86 8.23
CA THR A 1241 13.50 34.93 8.45
C THR A 1241 13.01 34.37 7.10
N TYR A 1242 12.99 35.19 6.04
CA TYR A 1242 12.57 34.78 4.68
C TYR A 1242 13.62 33.85 4.07
N LEU A 1243 14.91 34.18 4.20
CA LEU A 1243 16.02 33.29 3.71
C LEU A 1243 16.05 32.00 4.54
N ASN A 1244 15.68 32.05 5.83
CA ASN A 1244 15.53 30.86 6.70
C ASN A 1244 14.41 29.96 6.17
N TRP A 1245 13.28 30.55 5.76
CA TRP A 1245 12.10 29.82 5.20
C TRP A 1245 12.45 29.19 3.85
N LEU A 1246 13.13 29.93 2.97
CA LEU A 1246 13.41 29.51 1.56
C LEU A 1246 14.22 28.21 1.55
N VAL A 1247 15.28 28.13 2.36
CA VAL A 1247 16.18 26.94 2.50
C VAL A 1247 15.34 25.72 2.90
N ARG A 1248 14.56 25.83 3.98
CA ARG A 1248 13.76 24.72 4.57
C ARG A 1248 12.75 24.20 3.54
N MET A 1249 12.07 25.08 2.81
CA MET A 1249 11.02 24.71 1.81
C MET A 1249 11.66 24.11 0.55
N SER A 1250 12.80 24.67 0.10
CA SER A 1250 13.58 24.18 -1.07
C SER A 1250 14.05 22.74 -0.81
N SER A 1251 14.44 22.43 0.43
CA SER A 1251 14.84 21.07 0.90
C SER A 1251 13.62 20.15 0.91
N GLU A 1252 12.52 20.60 1.53
CA GLU A 1252 11.23 19.85 1.64
C GLU A 1252 10.73 19.47 0.24
N MET A 1253 10.85 20.40 -0.72
CA MET A 1253 10.49 20.17 -2.15
C MET A 1253 11.37 19.07 -2.76
N GLU A 1254 12.69 19.12 -2.51
CA GLU A 1254 13.69 18.16 -3.06
C GLU A 1254 13.47 16.76 -2.49
N THR A 1255 13.06 16.64 -1.22
CA THR A 1255 12.79 15.35 -0.54
C THR A 1255 11.44 14.79 -1.00
N ASN A 1256 10.45 15.65 -1.26
CA ASN A 1256 9.06 15.24 -1.63
C ASN A 1256 9.01 14.72 -3.08
N ILE A 1257 9.79 15.30 -4.00
CA ILE A 1257 9.78 14.94 -5.45
C ILE A 1257 10.33 13.52 -5.66
N VAL A 1258 11.00 12.93 -4.65
CA VAL A 1258 11.47 11.51 -4.66
C VAL A 1258 10.29 10.60 -5.02
N ALA A 1259 9.09 10.88 -4.51
CA ALA A 1259 7.85 10.13 -4.81
C ALA A 1259 7.65 10.01 -6.33
N VAL A 1260 7.77 11.13 -7.06
CA VAL A 1260 7.62 11.20 -8.54
C VAL A 1260 8.76 10.41 -9.19
N GLU A 1261 9.99 10.56 -8.67
CA GLU A 1261 11.20 9.80 -9.11
C GLU A 1261 10.93 8.29 -9.01
N ARG A 1262 10.28 7.85 -7.93
CA ARG A 1262 9.97 6.41 -7.68
C ARG A 1262 8.92 5.91 -8.69
N LEU A 1263 7.88 6.71 -8.99
CA LEU A 1263 6.80 6.33 -9.96
C LEU A 1263 7.38 6.20 -11.37
N LYS A 1264 8.34 7.07 -11.74
CA LYS A 1264 8.95 7.13 -13.09
C LYS A 1264 9.75 5.86 -13.40
N GLU A 1265 10.31 5.20 -12.37
CA GLU A 1265 11.30 4.08 -12.49
C GLU A 1265 10.87 3.03 -13.52
N TYR A 1266 9.58 2.71 -13.61
CA TYR A 1266 9.02 1.65 -14.50
C TYR A 1266 8.75 2.17 -15.92
N SER A 1267 9.27 3.35 -16.30
CA SER A 1267 9.28 3.85 -17.70
C SER A 1267 10.47 3.24 -18.45
N GLU A 1268 11.68 3.42 -17.91
CA GLU A 1268 12.95 2.83 -18.46
C GLU A 1268 13.12 1.42 -17.87
N THR A 1269 12.34 0.45 -18.39
CA THR A 1269 12.38 -0.98 -17.99
C THR A 1269 12.19 -1.86 -19.24
N GLU A 1270 12.22 -3.18 -19.05
CA GLU A 1270 11.88 -4.17 -20.10
C GLU A 1270 10.37 -4.10 -20.37
N LYS A 1271 9.98 -4.06 -21.65
CA LYS A 1271 8.55 -4.04 -22.09
C LYS A 1271 8.26 -5.30 -22.91
N GLU A 1272 7.01 -5.75 -22.89
CA GLU A 1272 6.50 -6.86 -23.73
C GLU A 1272 6.38 -6.36 -25.17
N ALA A 1273 6.27 -7.27 -26.15
CA ALA A 1273 6.20 -6.97 -27.60
C ALA A 1273 4.97 -6.08 -27.88
N PRO A 1274 4.94 -5.32 -29.01
CA PRO A 1274 3.79 -4.47 -29.34
C PRO A 1274 2.46 -5.24 -29.41
N TRP A 1275 1.41 -4.69 -28.80
CA TRP A 1275 0.06 -5.34 -28.69
C TRP A 1275 -0.62 -5.35 -30.06
N GLN A 1276 -0.70 -4.19 -30.72
CA GLN A 1276 -1.30 -4.02 -32.06
C GLN A 1276 -0.22 -3.50 -33.02
N ILE A 1277 0.19 -4.34 -33.99
CA ILE A 1277 1.19 -3.99 -35.03
C ILE A 1277 0.50 -3.20 -36.15
N GLN A 1278 -0.76 -3.56 -36.48
CA GLN A 1278 -1.72 -2.81 -37.34
C GLN A 1278 -1.27 -2.78 -38.82
N ASP A 1279 -0.10 -3.32 -39.15
CA ASP A 1279 0.46 -3.42 -40.53
C ASP A 1279 0.41 -4.88 -40.99
N MET A 1280 1.03 -5.78 -40.20
CA MET A 1280 1.05 -7.24 -40.41
C MET A 1280 -0.02 -7.92 -39.54
N ALA A 1281 -1.21 -7.32 -39.43
CA ALA A 1281 -2.39 -7.89 -38.74
C ALA A 1281 -3.00 -8.97 -39.63
N PRO A 1282 -3.24 -10.20 -39.13
CA PRO A 1282 -3.75 -11.28 -39.97
C PRO A 1282 -5.26 -11.12 -40.21
N PRO A 1283 -5.86 -11.78 -41.23
CA PRO A 1283 -7.29 -11.63 -41.52
C PRO A 1283 -8.24 -11.93 -40.35
N LYS A 1284 -9.44 -11.35 -40.40
CA LYS A 1284 -10.57 -11.57 -39.45
C LYS A 1284 -10.80 -13.06 -39.18
N ASP A 1285 -10.70 -13.90 -40.23
CA ASP A 1285 -10.85 -15.38 -40.17
C ASP A 1285 -9.48 -16.04 -40.37
N TRP A 1286 -8.47 -15.61 -39.61
CA TRP A 1286 -7.07 -16.10 -39.71
C TRP A 1286 -6.98 -17.54 -39.24
N PRO A 1287 -7.32 -17.89 -37.97
CA PRO A 1287 -7.30 -19.28 -37.53
C PRO A 1287 -8.50 -20.01 -38.15
N GLN A 1288 -8.37 -20.38 -39.43
CA GLN A 1288 -9.47 -20.94 -40.28
C GLN A 1288 -9.41 -22.47 -40.21
N VAL A 1289 -8.21 -23.06 -40.27
CA VAL A 1289 -7.92 -24.46 -39.85
C VAL A 1289 -6.80 -24.40 -38.79
N GLY A 1290 -7.01 -25.03 -37.64
CA GLY A 1290 -6.08 -24.98 -36.49
C GLY A 1290 -4.83 -25.79 -36.74
N ARG A 1291 -4.02 -25.38 -37.74
CA ARG A 1291 -2.76 -26.06 -38.14
C ARG A 1291 -1.59 -25.43 -37.37
N VAL A 1292 -1.23 -26.03 -36.23
CA VAL A 1292 -0.11 -25.57 -35.36
C VAL A 1292 1.15 -26.37 -35.76
N GLU A 1293 2.24 -25.69 -36.10
CA GLU A 1293 3.53 -26.31 -36.50
C GLU A 1293 4.67 -25.71 -35.67
N PHE A 1294 5.39 -26.56 -34.93
CA PHE A 1294 6.62 -26.22 -34.18
C PHE A 1294 7.84 -26.55 -35.05
N ARG A 1295 8.80 -25.63 -35.18
CA ARG A 1295 10.03 -25.82 -36.00
C ARG A 1295 11.27 -25.49 -35.16
N ASP A 1296 11.95 -26.53 -34.65
CA ASP A 1296 13.21 -26.45 -33.86
C ASP A 1296 12.99 -25.53 -32.65
N TYR A 1297 11.79 -25.56 -32.06
CA TYR A 1297 11.36 -24.65 -30.96
C TYR A 1297 12.15 -24.96 -29.69
N GLY A 1298 12.62 -23.91 -29.01
CA GLY A 1298 13.40 -23.99 -27.75
C GLY A 1298 13.09 -22.81 -26.85
N LEU A 1299 12.76 -23.08 -25.58
CA LEU A 1299 12.39 -22.06 -24.56
C LEU A 1299 13.46 -22.00 -23.46
N ARG A 1300 13.62 -20.83 -22.84
CA ARG A 1300 14.56 -20.57 -21.72
C ARG A 1300 13.96 -19.47 -20.83
N TYR A 1301 13.62 -19.80 -19.57
CA TYR A 1301 12.82 -18.95 -18.65
C TYR A 1301 13.60 -17.70 -18.22
N ARG A 1302 14.87 -17.86 -17.86
CA ARG A 1302 15.83 -16.75 -17.58
C ARG A 1302 16.88 -16.74 -18.70
N GLU A 1303 17.77 -15.75 -18.70
CA GLU A 1303 18.88 -15.64 -19.69
C GLU A 1303 20.00 -16.62 -19.31
N ASP A 1304 20.30 -16.75 -18.01
CA ASP A 1304 21.43 -17.55 -17.47
C ASP A 1304 21.04 -19.04 -17.35
N LEU A 1305 19.79 -19.34 -16.99
CA LEU A 1305 19.31 -20.72 -16.70
C LEU A 1305 19.37 -21.60 -17.95
N ASP A 1306 19.34 -22.93 -17.75
CA ASP A 1306 19.39 -23.96 -18.82
C ASP A 1306 18.01 -24.08 -19.48
N LEU A 1307 17.95 -24.64 -20.69
CA LEU A 1307 16.72 -24.75 -21.52
C LEU A 1307 15.75 -25.77 -20.90
N VAL A 1308 14.46 -25.41 -20.83
CA VAL A 1308 13.36 -26.30 -20.35
C VAL A 1308 12.84 -27.12 -21.55
N LEU A 1309 12.72 -26.51 -22.72
CA LEU A 1309 12.38 -27.16 -24.03
C LEU A 1309 13.57 -27.00 -24.98
N LYS A 1310 13.72 -27.92 -25.96
CA LYS A 1310 14.85 -27.92 -26.93
C LYS A 1310 14.56 -28.90 -28.08
N HIS A 1311 14.64 -28.40 -29.33
CA HIS A 1311 14.51 -29.16 -30.59
C HIS A 1311 13.13 -29.86 -30.68
N ILE A 1312 12.06 -29.16 -30.29
CA ILE A 1312 10.65 -29.61 -30.46
C ILE A 1312 10.33 -29.52 -31.96
N ASN A 1313 9.67 -30.55 -32.52
CA ASN A 1313 9.40 -30.65 -33.98
C ASN A 1313 8.16 -31.54 -34.19
N VAL A 1314 6.97 -30.92 -34.25
CA VAL A 1314 5.66 -31.60 -34.49
C VAL A 1314 4.79 -30.74 -35.41
N THR A 1315 3.85 -31.38 -36.11
CA THR A 1315 2.87 -30.75 -37.04
C THR A 1315 1.46 -31.17 -36.62
N ILE A 1316 0.82 -30.41 -35.73
CA ILE A 1316 -0.59 -30.63 -35.30
C ILE A 1316 -1.49 -30.05 -36.40
N ASP A 1317 -2.17 -30.94 -37.15
CA ASP A 1317 -3.02 -30.60 -38.33
C ASP A 1317 -4.33 -29.96 -37.83
N GLY A 1318 -5.13 -29.42 -38.75
CA GLY A 1318 -6.43 -28.77 -38.45
C GLY A 1318 -7.44 -29.74 -37.86
N GLY A 1319 -8.10 -29.34 -36.77
CA GLY A 1319 -9.17 -30.08 -36.08
C GLY A 1319 -8.69 -31.43 -35.54
N GLU A 1320 -7.42 -31.50 -35.09
CA GLU A 1320 -6.79 -32.73 -34.55
C GLU A 1320 -6.85 -32.67 -33.02
N LYS A 1321 -7.30 -33.75 -32.38
CA LYS A 1321 -7.37 -33.88 -30.89
C LYS A 1321 -6.06 -34.49 -30.41
N VAL A 1322 -5.19 -33.70 -29.77
CA VAL A 1322 -3.80 -34.11 -29.39
C VAL A 1322 -3.65 -34.11 -27.87
N GLY A 1323 -3.29 -35.26 -27.29
CA GLY A 1323 -2.87 -35.39 -25.88
C GLY A 1323 -1.42 -34.96 -25.70
N ILE A 1324 -1.08 -34.45 -24.52
CA ILE A 1324 0.32 -34.21 -24.04
C ILE A 1324 0.47 -34.92 -22.70
N VAL A 1325 1.45 -35.82 -22.60
CA VAL A 1325 1.70 -36.69 -21.40
C VAL A 1325 3.19 -36.58 -21.05
N GLY A 1326 3.52 -36.78 -19.77
CA GLY A 1326 4.90 -36.76 -19.27
C GLY A 1326 4.97 -36.78 -17.76
N ARG A 1327 6.18 -36.98 -17.21
CA ARG A 1327 6.44 -36.94 -15.74
C ARG A 1327 6.38 -35.47 -15.29
N THR A 1328 6.03 -35.23 -14.03
CA THR A 1328 5.96 -33.87 -13.42
C THR A 1328 7.32 -33.17 -13.59
N GLY A 1329 7.31 -31.94 -14.13
CA GLY A 1329 8.51 -31.13 -14.42
C GLY A 1329 9.16 -31.50 -15.74
N ALA A 1330 8.34 -31.75 -16.78
CA ALA A 1330 8.79 -32.20 -18.13
C ALA A 1330 8.75 -31.06 -19.16
N GLY A 1331 8.11 -29.93 -18.84
CA GLY A 1331 7.93 -28.79 -19.77
C GLY A 1331 6.62 -28.87 -20.54
N LYS A 1332 5.53 -29.26 -19.87
CA LYS A 1332 4.19 -29.39 -20.49
C LYS A 1332 3.49 -28.03 -20.46
N SER A 1333 3.35 -27.43 -19.27
CA SER A 1333 2.73 -26.10 -19.03
C SER A 1333 3.54 -25.01 -19.75
N SER A 1334 4.86 -25.15 -19.80
CA SER A 1334 5.81 -24.19 -20.45
C SER A 1334 5.61 -24.17 -21.97
N LEU A 1335 5.25 -25.32 -22.58
CA LEU A 1335 4.99 -25.43 -24.04
C LEU A 1335 3.77 -24.58 -24.42
N THR A 1336 2.71 -24.64 -23.61
CA THR A 1336 1.46 -23.87 -23.81
C THR A 1336 1.69 -22.39 -23.48
N LEU A 1337 2.47 -22.10 -22.43
CA LEU A 1337 2.94 -20.73 -22.07
C LEU A 1337 3.77 -20.16 -23.24
N GLY A 1338 4.53 -21.00 -23.94
CA GLY A 1338 5.35 -20.64 -25.11
C GLY A 1338 4.51 -20.32 -26.34
N LEU A 1339 3.41 -21.06 -26.56
CA LEU A 1339 2.51 -20.94 -27.75
C LEU A 1339 1.87 -19.54 -27.78
N PHE A 1340 1.37 -19.06 -26.63
CA PHE A 1340 0.74 -17.73 -26.46
C PHE A 1340 1.81 -16.62 -26.52
N ARG A 1341 3.09 -17.00 -26.44
CA ARG A 1341 4.26 -16.10 -26.60
C ARG A 1341 4.33 -15.20 -25.36
N ILE A 1342 4.12 -15.77 -24.16
CA ILE A 1342 4.33 -15.11 -22.85
C ILE A 1342 5.83 -14.92 -22.65
N LYS A 1343 6.61 -15.96 -22.96
CA LYS A 1343 8.09 -15.94 -23.01
C LYS A 1343 8.51 -16.10 -24.49
N GLU A 1344 9.38 -15.21 -24.97
CA GLU A 1344 9.81 -15.15 -26.40
C GLU A 1344 10.73 -16.34 -26.69
N SER A 1345 10.66 -16.89 -27.90
CA SER A 1345 11.36 -18.12 -28.34
C SER A 1345 12.87 -17.89 -28.36
N ALA A 1346 13.65 -18.78 -27.74
CA ALA A 1346 15.14 -18.76 -27.73
C ALA A 1346 15.66 -19.20 -29.11
N GLU A 1347 15.16 -20.34 -29.61
CA GLU A 1347 15.58 -20.97 -30.89
C GLU A 1347 14.33 -21.42 -31.66
N GLY A 1348 14.42 -21.45 -33.00
CA GLY A 1348 13.34 -21.92 -33.90
C GLY A 1348 12.14 -20.99 -33.90
N GLU A 1349 10.97 -21.50 -34.32
CA GLU A 1349 9.70 -20.73 -34.36
C GLU A 1349 8.47 -21.65 -34.34
N ILE A 1350 7.32 -21.07 -33.99
CA ILE A 1350 5.95 -21.65 -34.09
C ILE A 1350 5.25 -20.99 -35.28
N ILE A 1351 4.39 -21.73 -35.99
CA ILE A 1351 3.59 -21.24 -37.15
C ILE A 1351 2.15 -21.77 -37.02
N ILE A 1352 1.17 -20.87 -37.01
CA ILE A 1352 -0.30 -21.15 -36.91
C ILE A 1352 -0.92 -20.83 -38.28
N ASP A 1353 -1.03 -21.84 -39.15
CA ASP A 1353 -1.73 -21.77 -40.46
C ASP A 1353 -0.98 -20.81 -41.41
N ASP A 1354 0.24 -21.19 -41.82
CA ASP A 1354 1.05 -20.56 -42.89
C ASP A 1354 1.30 -19.08 -42.58
N ILE A 1355 1.43 -18.72 -41.30
CA ILE A 1355 1.66 -17.32 -40.81
C ILE A 1355 2.59 -17.39 -39.58
N ASN A 1356 3.74 -16.72 -39.64
CA ASN A 1356 4.72 -16.64 -38.52
C ASN A 1356 4.10 -15.84 -37.37
N ILE A 1357 4.45 -16.20 -36.13
CA ILE A 1357 3.77 -15.78 -34.88
C ILE A 1357 4.50 -14.58 -34.26
N ALA A 1358 5.83 -14.62 -34.23
CA ALA A 1358 6.70 -13.58 -33.61
C ALA A 1358 6.41 -12.18 -34.18
N LYS A 1359 6.01 -12.09 -35.45
CA LYS A 1359 5.80 -10.81 -36.18
C LYS A 1359 4.53 -10.09 -35.69
N ILE A 1360 3.42 -10.84 -35.56
CA ILE A 1360 2.05 -10.29 -35.33
C ILE A 1360 1.98 -9.62 -33.95
N GLY A 1361 1.20 -8.54 -33.84
CA GLY A 1361 0.81 -7.92 -32.56
C GLY A 1361 0.07 -8.94 -31.70
N LEU A 1362 0.57 -9.21 -30.49
CA LEU A 1362 0.17 -10.40 -29.68
C LEU A 1362 -1.29 -10.31 -29.21
N HIS A 1363 -1.96 -9.16 -29.34
CA HIS A 1363 -3.43 -9.02 -29.08
C HIS A 1363 -4.23 -9.54 -30.29
N ASP A 1364 -3.68 -9.47 -31.51
CA ASP A 1364 -4.24 -10.14 -32.72
C ASP A 1364 -4.09 -11.65 -32.56
N LEU A 1365 -3.01 -12.10 -31.91
CA LEU A 1365 -2.74 -13.53 -31.60
C LEU A 1365 -3.68 -14.02 -30.50
N ARG A 1366 -3.64 -13.37 -29.33
CA ARG A 1366 -4.18 -13.88 -28.04
C ARG A 1366 -5.71 -13.93 -28.02
N PHE A 1367 -6.41 -13.08 -28.79
CA PHE A 1367 -7.89 -13.09 -28.90
C PHE A 1367 -8.35 -14.31 -29.71
N LYS A 1368 -7.52 -14.84 -30.60
CA LYS A 1368 -7.89 -15.90 -31.58
C LYS A 1368 -7.68 -17.31 -31.02
N ILE A 1369 -7.01 -17.47 -29.88
CA ILE A 1369 -6.77 -18.82 -29.23
C ILE A 1369 -7.03 -18.70 -27.72
N THR A 1370 -7.66 -19.72 -27.14
CA THR A 1370 -8.11 -19.78 -25.72
C THR A 1370 -7.29 -20.84 -24.97
N ILE A 1371 -7.17 -20.69 -23.64
CA ILE A 1371 -6.51 -21.66 -22.72
C ILE A 1371 -7.35 -21.75 -21.43
N ILE A 1372 -7.43 -22.96 -20.85
CA ILE A 1372 -7.86 -23.19 -19.43
C ILE A 1372 -6.60 -23.38 -18.61
N PRO A 1373 -6.16 -22.38 -17.81
CA PRO A 1373 -4.88 -22.46 -17.09
C PRO A 1373 -4.95 -23.46 -15.93
N GLN A 1374 -3.79 -23.82 -15.36
CA GLN A 1374 -3.66 -24.88 -14.31
C GLN A 1374 -4.32 -24.40 -13.01
N ASP A 1375 -4.00 -23.18 -12.56
CA ASP A 1375 -4.59 -22.55 -11.35
C ASP A 1375 -5.84 -21.77 -11.77
N PRO A 1376 -7.02 -22.03 -11.16
CA PRO A 1376 -8.22 -21.23 -11.44
C PRO A 1376 -8.18 -19.89 -10.68
N VAL A 1377 -8.26 -18.77 -11.42
CA VAL A 1377 -8.11 -17.38 -10.89
C VAL A 1377 -9.42 -16.62 -11.17
N LEU A 1378 -10.10 -16.18 -10.09
CA LEU A 1378 -11.28 -15.28 -10.17
C LEU A 1378 -10.91 -13.92 -9.57
N PHE A 1379 -11.58 -12.86 -10.03
CA PHE A 1379 -11.33 -11.44 -9.61
C PHE A 1379 -12.52 -10.95 -8.77
N SER A 1380 -12.24 -10.03 -7.84
CA SER A 1380 -13.22 -9.46 -6.89
C SER A 1380 -14.24 -8.61 -7.67
N GLY A 1381 -15.53 -8.97 -7.58
CA GLY A 1381 -16.64 -8.38 -8.35
C GLY A 1381 -17.77 -9.38 -8.52
N SER A 1382 -18.76 -9.05 -9.36
CA SER A 1382 -19.93 -9.93 -9.65
C SER A 1382 -19.47 -11.18 -10.41
N LEU A 1383 -20.17 -12.31 -10.23
CA LEU A 1383 -19.83 -13.60 -10.90
C LEU A 1383 -19.96 -13.46 -12.42
N ARG A 1384 -20.94 -12.69 -12.90
CA ARG A 1384 -21.13 -12.34 -14.34
C ARG A 1384 -19.87 -11.67 -14.90
N MET A 1385 -19.26 -10.76 -14.13
CA MET A 1385 -18.07 -9.97 -14.53
C MET A 1385 -16.90 -10.90 -14.86
N ASN A 1386 -16.68 -11.93 -14.03
CA ASN A 1386 -15.58 -12.91 -14.21
C ASN A 1386 -15.72 -13.60 -15.57
N LEU A 1387 -16.92 -14.09 -15.90
CA LEU A 1387 -17.23 -14.78 -17.19
C LEU A 1387 -16.99 -13.85 -18.38
N ASP A 1388 -17.22 -12.54 -18.23
CA ASP A 1388 -17.16 -11.55 -19.34
C ASP A 1388 -16.97 -10.15 -18.78
N PRO A 1389 -15.72 -9.62 -18.71
CA PRO A 1389 -15.47 -8.29 -18.17
C PRO A 1389 -15.69 -7.14 -19.16
N PHE A 1390 -15.70 -7.43 -20.46
CA PHE A 1390 -15.95 -6.44 -21.56
C PHE A 1390 -17.44 -6.11 -21.66
N SER A 1391 -18.32 -6.99 -21.14
CA SER A 1391 -19.81 -6.88 -21.22
C SER A 1391 -20.25 -6.90 -22.69
N GLN A 1392 -19.76 -7.90 -23.45
CA GLN A 1392 -19.86 -7.97 -24.93
C GLN A 1392 -21.22 -8.56 -25.35
N TYR A 1393 -21.69 -9.63 -24.70
CA TYR A 1393 -22.83 -10.46 -25.17
C TYR A 1393 -23.88 -10.63 -24.06
N SER A 1394 -25.05 -11.14 -24.46
CA SER A 1394 -26.31 -11.17 -23.67
C SER A 1394 -26.26 -12.24 -22.56
N ASP A 1395 -27.31 -12.29 -21.73
CA ASP A 1395 -27.43 -13.18 -20.55
C ASP A 1395 -27.79 -14.61 -21.00
N GLU A 1396 -28.51 -14.76 -22.11
CA GLU A 1396 -28.90 -16.08 -22.71
C GLU A 1396 -27.64 -16.87 -23.09
N GLU A 1397 -26.61 -16.19 -23.61
CA GLU A 1397 -25.30 -16.78 -23.99
C GLU A 1397 -24.56 -17.25 -22.72
N VAL A 1398 -24.56 -16.41 -21.68
CA VAL A 1398 -23.95 -16.72 -20.34
C VAL A 1398 -24.68 -17.91 -19.70
N TRP A 1399 -26.02 -17.97 -19.83
CA TRP A 1399 -26.86 -19.03 -19.20
C TRP A 1399 -26.65 -20.38 -19.91
N THR A 1400 -26.59 -20.40 -21.25
CA THR A 1400 -26.35 -21.63 -22.06
C THR A 1400 -24.91 -22.13 -21.83
N SER A 1401 -23.96 -21.24 -21.51
CA SER A 1401 -22.56 -21.59 -21.16
C SER A 1401 -22.52 -22.22 -19.76
N LEU A 1402 -23.20 -21.60 -18.78
CA LEU A 1402 -23.32 -22.13 -17.40
C LEU A 1402 -24.13 -23.43 -17.41
N GLU A 1403 -25.03 -23.62 -18.39
CA GLU A 1403 -25.74 -24.90 -18.62
C GLU A 1403 -24.74 -25.99 -19.06
N LEU A 1404 -23.83 -25.67 -19.99
CA LEU A 1404 -22.80 -26.62 -20.51
C LEU A 1404 -21.68 -26.82 -19.48
N ALA A 1405 -21.41 -25.84 -18.62
CA ALA A 1405 -20.37 -25.89 -17.56
C ALA A 1405 -20.81 -26.78 -16.39
N HIS A 1406 -22.11 -27.12 -16.30
CA HIS A 1406 -22.72 -27.92 -15.22
C HIS A 1406 -22.68 -27.15 -13.89
N LEU A 1407 -22.89 -25.83 -13.95
CA LEU A 1407 -23.04 -24.92 -12.77
C LEU A 1407 -24.45 -24.32 -12.73
N LYS A 1408 -25.32 -24.65 -13.70
CA LYS A 1408 -26.67 -24.04 -13.87
C LYS A 1408 -27.42 -24.11 -12.54
N GLY A 1409 -27.56 -25.32 -11.99
CA GLY A 1409 -28.25 -25.60 -10.71
C GLY A 1409 -27.71 -24.77 -9.57
N PHE A 1410 -26.39 -24.79 -9.36
CA PHE A 1410 -25.67 -24.04 -8.29
C PHE A 1410 -25.92 -22.53 -8.45
N VAL A 1411 -25.64 -21.98 -9.63
CA VAL A 1411 -25.66 -20.50 -9.88
C VAL A 1411 -27.12 -20.01 -9.90
N SER A 1412 -28.08 -20.87 -10.31
CA SER A 1412 -29.53 -20.54 -10.37
C SER A 1412 -30.13 -20.49 -8.95
N ALA A 1413 -29.71 -21.41 -8.07
CA ALA A 1413 -30.23 -21.55 -6.68
C ALA A 1413 -29.65 -20.49 -5.75
N LEU A 1414 -28.76 -19.62 -6.23
CA LEU A 1414 -28.04 -18.58 -5.43
C LEU A 1414 -28.97 -17.40 -5.19
N PRO A 1415 -28.83 -16.64 -4.08
CA PRO A 1415 -29.68 -15.47 -3.81
C PRO A 1415 -29.67 -14.42 -4.94
N ASP A 1416 -28.48 -13.98 -5.36
CA ASP A 1416 -28.25 -13.12 -6.55
C ASP A 1416 -27.70 -14.01 -7.66
N LYS A 1417 -28.47 -14.23 -8.73
CA LYS A 1417 -28.24 -15.29 -9.75
C LYS A 1417 -26.85 -15.10 -10.38
N LEU A 1418 -26.67 -14.05 -11.17
CA LEU A 1418 -25.40 -13.72 -11.87
C LEU A 1418 -24.72 -12.49 -11.26
N ASN A 1419 -25.35 -11.83 -10.29
CA ASN A 1419 -24.77 -10.67 -9.54
C ASN A 1419 -24.31 -11.14 -8.16
N HIS A 1420 -23.82 -12.38 -8.03
CA HIS A 1420 -23.21 -12.94 -6.80
C HIS A 1420 -21.83 -12.32 -6.60
N GLU A 1421 -21.55 -11.85 -5.37
CA GLU A 1421 -20.28 -11.17 -5.01
C GLU A 1421 -19.21 -12.22 -4.70
N CYS A 1422 -18.42 -12.61 -5.71
CA CYS A 1422 -17.17 -13.38 -5.57
C CYS A 1422 -16.06 -12.44 -5.10
N ALA A 1423 -15.60 -12.60 -3.85
CA ALA A 1423 -14.69 -11.67 -3.15
C ALA A 1423 -13.38 -12.38 -2.78
N GLU A 1424 -12.35 -11.60 -2.44
CA GLU A 1424 -11.03 -12.07 -1.95
C GLU A 1424 -10.26 -12.82 -3.06
N GLY A 1425 -10.73 -12.76 -4.31
CA GLY A 1425 -10.22 -13.58 -5.42
C GLY A 1425 -10.87 -14.96 -5.42
N GLY A 1426 -12.20 -15.02 -5.40
CA GLY A 1426 -13.01 -16.25 -5.60
C GLY A 1426 -12.87 -17.24 -4.45
N GLU A 1427 -12.78 -16.74 -3.22
CA GLU A 1427 -12.73 -17.58 -1.98
C GLU A 1427 -14.14 -17.88 -1.49
N ASN A 1428 -15.16 -17.19 -2.02
CA ASN A 1428 -16.59 -17.36 -1.66
C ASN A 1428 -17.10 -18.73 -2.10
N LEU A 1429 -16.50 -19.34 -3.14
CA LEU A 1429 -16.87 -20.68 -3.65
C LEU A 1429 -15.65 -21.60 -3.68
N SER A 1430 -15.88 -22.91 -3.85
CA SER A 1430 -14.87 -24.01 -3.73
C SER A 1430 -13.92 -24.00 -4.94
N VAL A 1431 -12.83 -24.76 -4.86
CA VAL A 1431 -11.78 -24.86 -5.92
C VAL A 1431 -12.42 -25.50 -7.17
N GLY A 1432 -13.13 -26.61 -6.98
CA GLY A 1432 -13.79 -27.38 -8.07
C GLY A 1432 -14.84 -26.57 -8.81
N GLN A 1433 -15.44 -25.56 -8.17
CA GLN A 1433 -16.41 -24.62 -8.79
C GLN A 1433 -15.65 -23.56 -9.60
N ARG A 1434 -14.49 -23.10 -9.11
CA ARG A 1434 -13.60 -22.15 -9.83
C ARG A 1434 -13.10 -22.80 -11.12
N GLN A 1435 -12.81 -24.11 -11.10
CA GLN A 1435 -12.45 -24.92 -12.29
C GLN A 1435 -13.54 -24.78 -13.37
N LEU A 1436 -14.80 -24.90 -12.97
CA LEU A 1436 -15.98 -24.87 -13.88
C LEU A 1436 -16.28 -23.45 -14.35
N VAL A 1437 -16.05 -22.43 -13.50
CA VAL A 1437 -16.15 -21.00 -13.90
C VAL A 1437 -15.12 -20.71 -15.00
N CYS A 1438 -13.89 -21.23 -14.85
CA CYS A 1438 -12.78 -21.08 -15.84
C CYS A 1438 -13.09 -21.87 -17.11
N LEU A 1439 -13.80 -22.99 -17.00
CA LEU A 1439 -14.33 -23.78 -18.16
C LEU A 1439 -15.35 -22.92 -18.92
N ALA A 1440 -16.33 -22.35 -18.20
CA ALA A 1440 -17.38 -21.47 -18.76
C ALA A 1440 -16.74 -20.30 -19.51
N ARG A 1441 -15.77 -19.62 -18.89
CA ARG A 1441 -14.97 -18.52 -19.49
C ARG A 1441 -14.43 -18.93 -20.87
N ALA A 1442 -13.83 -20.11 -20.95
CA ALA A 1442 -13.26 -20.69 -22.19
C ALA A 1442 -14.37 -21.02 -23.19
N LEU A 1443 -15.48 -21.61 -22.70
CA LEU A 1443 -16.64 -22.02 -23.55
C LEU A 1443 -17.30 -20.82 -24.25
N LEU A 1444 -17.20 -19.61 -23.69
CA LEU A 1444 -17.87 -18.39 -24.25
C LEU A 1444 -17.11 -17.84 -25.47
N ARG A 1445 -15.76 -17.91 -25.47
CA ARG A 1445 -14.91 -17.33 -26.54
C ARG A 1445 -15.08 -18.11 -27.86
N LYS A 1446 -15.13 -19.44 -27.78
CA LYS A 1446 -15.40 -20.41 -28.89
C LYS A 1446 -14.45 -20.15 -30.07
N THR A 1447 -13.14 -20.22 -29.80
CA THR A 1447 -12.04 -20.06 -30.79
C THR A 1447 -11.75 -21.40 -31.49
N LYS A 1448 -10.87 -21.40 -32.50
CA LYS A 1448 -10.58 -22.58 -33.37
C LYS A 1448 -9.37 -23.38 -32.87
N ILE A 1449 -8.54 -22.82 -31.98
CA ILE A 1449 -7.44 -23.55 -31.27
C ILE A 1449 -7.70 -23.46 -29.77
N LEU A 1450 -7.90 -24.61 -29.11
CA LEU A 1450 -8.12 -24.72 -27.64
C LEU A 1450 -6.95 -25.48 -27.00
N VAL A 1451 -6.58 -25.08 -25.78
CA VAL A 1451 -5.43 -25.60 -24.98
C VAL A 1451 -5.92 -25.86 -23.56
N LEU A 1452 -6.09 -27.13 -23.17
CA LEU A 1452 -6.47 -27.54 -21.79
C LEU A 1452 -5.19 -27.87 -21.00
N ASP A 1453 -4.99 -27.23 -19.85
CA ASP A 1453 -3.83 -27.43 -18.95
C ASP A 1453 -4.35 -27.98 -17.62
N GLU A 1454 -4.77 -29.25 -17.63
CA GLU A 1454 -5.33 -29.99 -16.46
C GLU A 1454 -6.58 -29.25 -15.97
N ALA A 1455 -7.62 -29.20 -16.81
CA ALA A 1455 -8.91 -28.53 -16.53
C ALA A 1455 -9.75 -29.37 -15.55
N THR A 1456 -9.43 -30.66 -15.38
CA THR A 1456 -10.22 -31.66 -14.61
C THR A 1456 -9.39 -32.17 -13.43
N ALA A 1457 -8.63 -31.28 -12.77
CA ALA A 1457 -7.66 -31.64 -11.71
C ALA A 1457 -8.40 -31.86 -10.38
N ALA A 1458 -9.07 -30.81 -9.87
CA ALA A 1458 -9.74 -30.78 -8.55
C ALA A 1458 -11.27 -30.87 -8.75
N VAL A 1459 -11.74 -31.98 -9.34
CA VAL A 1459 -13.19 -32.27 -9.58
C VAL A 1459 -13.45 -33.74 -9.23
N ASP A 1460 -14.72 -34.16 -9.33
CA ASP A 1460 -15.16 -35.57 -9.13
C ASP A 1460 -14.70 -36.43 -10.32
N LEU A 1461 -14.95 -37.73 -10.26
CA LEU A 1461 -14.81 -38.67 -11.41
C LEU A 1461 -16.05 -38.55 -12.30
N GLU A 1462 -17.23 -38.45 -11.67
CA GLU A 1462 -18.55 -38.23 -12.34
C GLU A 1462 -18.53 -36.89 -13.07
N THR A 1463 -18.25 -35.81 -12.35
CA THR A 1463 -18.15 -34.41 -12.86
C THR A 1463 -17.12 -34.34 -14.00
N ASP A 1464 -15.98 -35.03 -13.87
CA ASP A 1464 -14.93 -35.12 -14.91
C ASP A 1464 -15.54 -35.75 -16.18
N ASP A 1465 -16.24 -36.88 -16.05
CA ASP A 1465 -16.90 -37.61 -17.17
C ASP A 1465 -17.84 -36.68 -17.95
N LEU A 1466 -18.56 -35.80 -17.25
CA LEU A 1466 -19.53 -34.83 -17.86
C LEU A 1466 -18.77 -33.79 -18.71
N ILE A 1467 -17.90 -33.00 -18.10
CA ILE A 1467 -17.15 -31.88 -18.75
C ILE A 1467 -16.28 -32.40 -19.89
N GLN A 1468 -15.91 -33.69 -19.88
CA GLN A 1468 -15.26 -34.37 -21.03
C GLN A 1468 -16.27 -34.48 -22.18
N SER A 1469 -17.46 -35.02 -21.90
CA SER A 1469 -18.58 -35.19 -22.87
C SER A 1469 -18.96 -33.82 -23.48
N THR A 1470 -18.93 -32.75 -22.68
CA THR A 1470 -19.09 -31.34 -23.14
C THR A 1470 -18.00 -31.00 -24.16
N ILE A 1471 -16.73 -31.22 -23.79
CA ILE A 1471 -15.52 -30.92 -24.64
C ILE A 1471 -15.60 -31.72 -25.95
N ARG A 1472 -16.10 -32.97 -25.91
CA ARG A 1472 -16.24 -33.81 -27.13
C ARG A 1472 -17.31 -33.23 -28.08
N THR A 1473 -18.44 -32.76 -27.54
CA THR A 1473 -19.58 -32.21 -28.33
C THR A 1473 -19.23 -30.81 -28.85
N GLN A 1474 -18.88 -29.88 -27.96
CA GLN A 1474 -18.73 -28.42 -28.28
C GLN A 1474 -17.54 -28.20 -29.21
N PHE A 1475 -16.34 -28.63 -28.79
CA PHE A 1475 -15.05 -28.46 -29.51
C PHE A 1475 -14.78 -29.71 -30.35
N ASP A 1476 -15.63 -29.97 -31.35
CA ASP A 1476 -15.56 -31.14 -32.25
C ASP A 1476 -14.78 -30.79 -33.53
N ASP A 1477 -14.92 -29.54 -34.01
CA ASP A 1477 -14.31 -29.06 -35.28
C ASP A 1477 -12.98 -28.33 -35.01
N CYS A 1478 -12.85 -27.67 -33.86
CA CYS A 1478 -11.67 -26.84 -33.49
C CYS A 1478 -10.50 -27.74 -33.03
N THR A 1479 -9.25 -27.34 -33.28
CA THR A 1479 -8.03 -28.07 -32.84
C THR A 1479 -7.93 -27.98 -31.31
N VAL A 1480 -7.88 -29.13 -30.64
CA VAL A 1480 -7.75 -29.23 -29.16
C VAL A 1480 -6.49 -30.04 -28.85
N LEU A 1481 -5.57 -29.44 -28.10
CA LEU A 1481 -4.47 -30.16 -27.42
C LEU A 1481 -4.72 -30.10 -25.91
N THR A 1482 -4.65 -31.26 -25.23
CA THR A 1482 -4.95 -31.37 -23.77
C THR A 1482 -3.71 -31.93 -23.05
N ILE A 1483 -3.29 -31.26 -21.97
CA ILE A 1483 -2.26 -31.76 -21.02
C ILE A 1483 -3.01 -32.39 -19.85
N ALA A 1484 -2.67 -33.62 -19.45
CA ALA A 1484 -3.42 -34.35 -18.40
C ALA A 1484 -2.57 -35.38 -17.67
N HIS A 1485 -2.97 -35.69 -16.43
CA HIS A 1485 -2.40 -36.73 -15.53
C HIS A 1485 -3.35 -37.94 -15.48
N ARG A 1486 -4.67 -37.71 -15.52
CA ARG A 1486 -5.69 -38.78 -15.70
C ARG A 1486 -5.63 -39.27 -17.15
N LEU A 1487 -4.93 -40.38 -17.41
CA LEU A 1487 -4.72 -40.92 -18.79
C LEU A 1487 -6.03 -41.49 -19.36
N ASN A 1488 -7.01 -41.79 -18.49
CA ASN A 1488 -8.39 -42.20 -18.87
C ASN A 1488 -8.93 -41.33 -20.01
N THR A 1489 -8.71 -40.00 -19.94
CA THR A 1489 -9.29 -38.98 -20.85
C THR A 1489 -8.35 -38.68 -22.03
N ILE A 1490 -7.32 -39.49 -22.27
CA ILE A 1490 -6.36 -39.35 -23.41
C ILE A 1490 -6.57 -40.48 -24.43
N MET A 1491 -6.88 -41.70 -23.97
CA MET A 1491 -6.94 -42.94 -24.81
C MET A 1491 -7.96 -42.80 -25.96
N ASP A 1492 -8.89 -41.83 -25.89
CA ASP A 1492 -9.91 -41.56 -26.94
C ASP A 1492 -9.32 -40.72 -28.08
N TYR A 1493 -8.21 -39.99 -27.84
CA TYR A 1493 -7.66 -38.95 -28.76
C TYR A 1493 -7.00 -39.61 -29.99
N THR A 1494 -6.70 -38.80 -31.00
CA THR A 1494 -6.13 -39.22 -32.31
C THR A 1494 -4.63 -39.50 -32.16
N ARG A 1495 -3.88 -38.52 -31.66
CA ARG A 1495 -2.41 -38.61 -31.41
C ARG A 1495 -2.10 -38.12 -29.99
N VAL A 1496 -0.95 -38.50 -29.44
CA VAL A 1496 -0.46 -38.06 -28.10
C VAL A 1496 1.05 -37.76 -28.19
N ILE A 1497 1.48 -36.62 -27.63
CA ILE A 1497 2.91 -36.22 -27.47
C ILE A 1497 3.35 -36.62 -26.06
N VAL A 1498 4.40 -37.43 -25.96
CA VAL A 1498 5.05 -37.84 -24.67
C VAL A 1498 6.43 -37.17 -24.64
N LEU A 1499 6.72 -36.41 -23.57
CA LEU A 1499 8.03 -35.72 -23.36
C LEU A 1499 8.47 -35.93 -21.90
N ASP A 1500 9.77 -36.10 -21.66
CA ASP A 1500 10.33 -36.57 -20.36
C ASP A 1500 10.93 -35.39 -19.58
N LYS A 1501 11.84 -34.63 -20.18
CA LYS A 1501 12.62 -33.55 -19.52
C LYS A 1501 12.55 -32.27 -20.35
N GLY A 1502 12.99 -32.32 -21.61
CA GLY A 1502 12.91 -31.19 -22.55
C GLY A 1502 12.68 -31.58 -24.01
N GLU A 1503 12.66 -32.88 -24.34
CA GLU A 1503 12.56 -33.39 -25.73
C GLU A 1503 11.34 -34.30 -25.87
N ILE A 1504 10.75 -34.35 -27.07
CA ILE A 1504 9.60 -35.24 -27.41
C ILE A 1504 10.13 -36.66 -27.60
N GLN A 1505 9.63 -37.60 -26.78
CA GLN A 1505 9.89 -39.06 -26.87
C GLN A 1505 8.91 -39.66 -27.90
N GLU A 1506 8.84 -41.00 -27.99
CA GLU A 1506 7.90 -41.75 -28.87
C GLU A 1506 6.50 -41.09 -28.82
N TRP A 1507 5.88 -40.89 -29.99
CA TRP A 1507 4.56 -40.22 -30.14
C TRP A 1507 3.80 -40.79 -31.33
N GLY A 1508 2.46 -40.74 -31.28
CA GLY A 1508 1.53 -41.31 -32.28
C GLY A 1508 0.17 -41.59 -31.68
N SER A 1509 -0.56 -42.56 -32.22
CA SER A 1509 -1.89 -43.01 -31.73
C SER A 1509 -1.72 -43.76 -30.41
N PRO A 1510 -2.61 -43.56 -29.40
CA PRO A 1510 -2.50 -44.26 -28.11
C PRO A 1510 -2.37 -45.78 -28.25
N SER A 1511 -3.19 -46.40 -29.10
CA SER A 1511 -3.16 -47.85 -29.45
C SER A 1511 -1.76 -48.25 -29.93
N ASP A 1512 -1.16 -47.43 -30.82
CA ASP A 1512 0.19 -47.65 -31.40
C ASP A 1512 1.24 -47.67 -30.28
N LEU A 1513 1.23 -46.66 -29.40
CA LEU A 1513 2.21 -46.48 -28.29
C LEU A 1513 2.13 -47.65 -27.30
N LEU A 1514 0.95 -48.22 -27.09
CA LEU A 1514 0.75 -49.42 -26.22
C LEU A 1514 1.34 -50.66 -26.89
N GLN A 1515 1.23 -50.79 -28.21
CA GLN A 1515 1.82 -51.90 -29.01
C GLN A 1515 3.36 -51.86 -28.92
N GLN A 1516 3.94 -50.66 -28.94
CA GLN A 1516 5.42 -50.43 -28.92
C GLN A 1516 6.05 -50.96 -27.62
N ARG A 1517 5.32 -50.93 -26.51
CA ARG A 1517 5.78 -51.36 -25.15
C ARG A 1517 6.99 -50.51 -24.75
N GLY A 1518 6.82 -49.17 -24.75
CA GLY A 1518 7.88 -48.19 -24.42
C GLY A 1518 7.59 -47.47 -23.12
N LEU A 1519 7.45 -46.14 -23.18
CA LEU A 1519 7.29 -45.24 -22.01
C LEU A 1519 5.79 -45.08 -21.70
N PHE A 1520 4.98 -44.72 -22.70
CA PHE A 1520 3.51 -44.50 -22.59
C PHE A 1520 2.82 -45.75 -22.02
N TYR A 1521 3.31 -46.95 -22.38
CA TYR A 1521 2.87 -48.25 -21.82
C TYR A 1521 3.11 -48.28 -20.31
N SER A 1522 4.27 -47.81 -19.85
CA SER A 1522 4.69 -47.79 -18.43
C SER A 1522 3.75 -46.90 -17.62
N MET A 1523 3.39 -45.72 -18.15
CA MET A 1523 2.50 -44.74 -17.49
C MET A 1523 1.05 -45.25 -17.48
N ALA A 1524 0.61 -45.92 -18.55
CA ALA A 1524 -0.73 -46.56 -18.67
C ALA A 1524 -0.89 -47.65 -17.61
N LYS A 1525 0.17 -48.43 -17.36
CA LYS A 1525 0.20 -49.57 -16.40
C LYS A 1525 0.03 -49.07 -14.96
N ASP A 1526 0.62 -47.91 -14.64
CA ASP A 1526 0.53 -47.25 -13.30
C ASP A 1526 -0.93 -46.82 -13.04
N SER A 1527 -1.56 -46.17 -14.02
CA SER A 1527 -2.98 -45.70 -13.99
C SER A 1527 -3.94 -46.90 -13.87
N GLY A 1528 -3.58 -48.05 -14.45
CA GLY A 1528 -4.40 -49.28 -14.44
C GLY A 1528 -5.33 -49.34 -15.65
N LEU A 1529 -4.91 -48.79 -16.78
CA LEU A 1529 -5.62 -48.86 -18.09
C LEU A 1529 -5.21 -50.14 -18.81
N VAL A 1530 -3.92 -50.51 -18.73
CA VAL A 1530 -3.37 -51.80 -19.21
C VAL A 1530 -3.77 -52.90 -18.21
PG ATP B . -14.24 -29.22 -3.72
O1G ATP B . -12.95 -29.04 -2.96
O2G ATP B . -14.38 -28.27 -4.88
O3G ATP B . -14.48 -30.66 -4.12
PB ATP B . -15.53 -28.87 -1.11
O1B ATP B . -14.21 -28.46 -0.55
O2B ATP B . -16.15 -30.18 -0.70
O3B ATP B . -15.44 -28.84 -2.71
PA ATP B . -16.46 -26.45 0.19
O1A ATP B . -15.96 -26.96 1.50
O2A ATP B . -15.64 -25.40 -0.49
O3A ATP B . -16.57 -27.69 -0.82
O5' ATP B . -17.95 -25.91 0.43
C5' ATP B . -19.00 -26.02 -0.52
C4' ATP B . -19.78 -24.73 -0.63
O4' ATP B . -19.59 -23.86 0.48
C3' ATP B . -19.31 -23.96 -1.86
O3' ATP B . -20.24 -24.14 -2.93
C2' ATP B . -19.19 -22.51 -1.43
O2' ATP B . -20.17 -21.66 -2.03
C1' ATP B . -19.39 -22.51 0.08
N9 ATP B . -18.17 -21.94 0.67
C8 ATP B . -16.98 -22.55 0.78
N7 ATP B . -16.05 -21.74 1.36
C5 ATP B . -16.66 -20.57 1.63
C6 ATP B . -16.28 -19.29 2.24
N6 ATP B . -15.02 -19.08 2.69
N1 ATP B . -17.21 -18.32 2.33
C2 ATP B . -18.47 -18.51 1.88
N3 ATP B . -18.89 -19.66 1.32
C4 ATP B . -18.04 -20.71 1.17
PB ADP C . 5.05 -29.12 -15.80
O1B ADP C . 5.04 -30.09 -14.65
O2B ADP C . 3.70 -28.47 -16.03
O3B ADP C . 5.64 -29.70 -17.06
PA ADP C . 6.61 -26.73 -16.22
O1A ADP C . 6.79 -27.17 -17.64
O2A ADP C . 5.81 -25.49 -15.98
O3A ADP C . 6.01 -27.92 -15.30
O5' ADP C . 8.07 -26.48 -15.58
C5' ADP C . 9.17 -27.31 -15.94
C4' ADP C . 10.35 -26.89 -15.07
O4' ADP C . 10.67 -25.53 -15.33
C3' ADP C . 10.00 -27.00 -13.61
O3' ADP C . 10.70 -28.10 -13.02
C2' ADP C . 10.37 -25.67 -12.99
O2' ADP C . 11.39 -25.78 -11.98
C1' ADP C . 10.88 -24.81 -14.13
N9 ADP C . 10.09 -23.56 -14.14
C8 ADP C . 8.75 -23.48 -14.22
N7 ADP C . 8.34 -22.19 -14.20
C5 ADP C . 9.43 -21.42 -14.10
C6 ADP C . 9.71 -19.97 -14.03
N6 ADP C . 8.69 -19.07 -14.06
N1 ADP C . 10.99 -19.58 -13.94
C2 ADP C . 12.00 -20.47 -13.90
N3 ADP C . 11.82 -21.79 -13.96
C4 ADP C . 10.58 -22.32 -14.06
MG MG D . -12.31 -28.52 -1.25
MG MG E . 1.92 -27.88 -15.41
C1 CLR F . -10.83 26.89 -11.88
C2 CLR F . -10.90 25.41 -12.30
C3 CLR F . -10.94 25.26 -13.80
C4 CLR F . -9.71 25.92 -14.40
C5 CLR F . -9.63 27.38 -14.04
C6 CLR F . -9.51 28.31 -14.97
C7 CLR F . -9.63 29.78 -14.74
C8 CLR F . -9.28 30.16 -13.31
C9 CLR F . -9.99 29.22 -12.31
C10 CLR F . -9.68 27.70 -12.53
C11 CLR F . -9.83 29.69 -10.84
C12 CLR F . -10.10 31.18 -10.62
C13 CLR F . -9.33 32.08 -11.60
C14 CLR F . -9.71 31.59 -13.02
C15 CLR F . -9.28 32.71 -13.96
C16 CLR F . -9.47 33.99 -13.13
C17 CLR F . -9.76 33.58 -11.67
C18 CLR F . -7.81 31.99 -11.32
C19 CLR F . -8.32 27.29 -11.92
C20 CLR F . -9.18 34.56 -10.62
C21 CLR F . -9.73 34.31 -9.22
C22 CLR F . -9.36 36.04 -11.01
C23 CLR F . -8.54 36.99 -10.18
C24 CLR F . -8.34 38.34 -10.80
C25 CLR F . -7.58 39.35 -9.95
C26 CLR F . -6.14 38.90 -9.70
C27 CLR F . -7.60 40.73 -10.56
O1 CLR F . -11.02 23.87 -14.15
C1 CLR G . 14.80 22.53 -5.35
C2 CLR G . 16.16 22.52 -4.66
C3 CLR G . 17.20 21.95 -5.60
C4 CLR G . 17.28 22.80 -6.85
C5 CLR G . 15.95 22.93 -7.55
C6 CLR G . 15.83 22.72 -8.85
C7 CLR G . 14.54 22.66 -9.59
C8 CLR G . 13.45 23.44 -8.87
C9 CLR G . 13.43 23.06 -7.37
C10 CLR G . 14.77 23.37 -6.65
C11 CLR G . 12.25 23.65 -6.58
C12 CLR G . 10.92 23.50 -7.30
C13 CLR G . 11.01 24.05 -8.73
C14 CLR G . 12.06 23.19 -9.45
C15 CLR G . 11.79 23.40 -10.94
C16 CLR G . 10.27 23.61 -11.03
C17 CLR G . 9.74 23.87 -9.59
C18 CLR G . 11.42 25.55 -8.73
C19 CLR G . 14.93 24.87 -6.33
C20 CLR G . 8.72 25.03 -9.50
C21 CLR G . 8.31 25.33 -8.05
C22 CLR G . 7.49 24.80 -10.36
C23 CLR G . 6.47 25.88 -10.19
C24 CLR G . 5.21 25.66 -10.91
C25 CLR G . 4.10 26.63 -10.55
C26 CLR G . 2.85 26.32 -11.36
C27 CLR G . 3.77 26.61 -9.06
O1 CLR G . 18.47 21.91 -4.93
C1 CLR H . -13.41 19.18 14.46
C2 CLR H . -13.69 17.83 13.78
C3 CLR H . -15.09 17.80 13.22
C4 CLR H . -15.28 18.94 12.23
C5 CLR H . -14.99 20.27 12.87
C6 CLR H . -15.89 21.25 12.88
C7 CLR H . -15.68 22.60 13.46
C8 CLR H . -14.19 22.88 13.66
C9 CLR H . -13.53 21.68 14.40
C10 CLR H . -13.61 20.40 13.54
C11 CLR H . -12.11 21.95 14.94
C12 CLR H . -11.92 23.34 15.55
C13 CLR H . -12.45 24.43 14.61
C14 CLR H . -13.96 24.16 14.44
C15 CLR H . -14.55 25.46 13.91
C16 CLR H . -13.67 26.56 14.55
C17 CLR H . -12.42 25.87 15.16
C18 CLR H . -11.70 24.37 13.27
C19 CLR H . -12.54 20.40 12.42
C20 CLR H . -11.10 26.65 14.91
C21 CLR H . -9.94 26.12 15.76
C22 CLR H . -11.31 28.15 15.08
C23 CLR H . -11.32 28.63 16.48
C24 CLR H . -10.18 29.57 16.73
C25 CLR H . -10.33 30.91 16.04
C26 CLR H . -11.33 31.79 16.78
C27 CLR H . -9.00 31.62 15.87
O1 CLR H . -15.33 16.54 12.57
#